data_6I2G
# 
_entry.id   6I2G 
# 
_audit_conform.dict_name       mmcif_pdbx.dic 
_audit_conform.dict_version    5.383 
_audit_conform.dict_location   http://mmcif.pdb.org/dictionaries/ascii/mmcif_pdbx.dic 
# 
loop_
_database_2.database_id 
_database_2.database_code 
_database_2.pdbx_database_accession 
_database_2.pdbx_DOI 
PDB   6I2G         pdb_00006i2g 10.2210/pdb6i2g/pdb 
WWPDB D_1200012706 ?            ?                   
# 
loop_
_pdbx_audit_revision_history.ordinal 
_pdbx_audit_revision_history.data_content_type 
_pdbx_audit_revision_history.major_revision 
_pdbx_audit_revision_history.minor_revision 
_pdbx_audit_revision_history.revision_date 
1 'Structure model' 1 0 2019-09-25 
2 'Structure model' 1 1 2019-10-09 
3 'Structure model' 1 2 2024-01-24 
# 
_pdbx_audit_revision_details.ordinal             1 
_pdbx_audit_revision_details.revision_ordinal    1 
_pdbx_audit_revision_details.data_content_type   'Structure model' 
_pdbx_audit_revision_details.provider            repository 
_pdbx_audit_revision_details.type                'Initial release' 
_pdbx_audit_revision_details.description         ? 
_pdbx_audit_revision_details.details             ? 
# 
loop_
_pdbx_audit_revision_group.ordinal 
_pdbx_audit_revision_group.revision_ordinal 
_pdbx_audit_revision_group.data_content_type 
_pdbx_audit_revision_group.group 
1 2 'Structure model' 'Data collection'        
2 2 'Structure model' 'Database references'    
3 3 'Structure model' 'Data collection'        
4 3 'Structure model' 'Database references'    
5 3 'Structure model' 'Refinement description' 
# 
loop_
_pdbx_audit_revision_category.ordinal 
_pdbx_audit_revision_category.revision_ordinal 
_pdbx_audit_revision_category.data_content_type 
_pdbx_audit_revision_category.category 
1 2 'Structure model' citation                      
2 2 'Structure model' citation_author               
3 3 'Structure model' chem_comp_atom                
4 3 'Structure model' chem_comp_bond                
5 3 'Structure model' database_2                    
6 3 'Structure model' pdbx_initial_refinement_model 
# 
loop_
_pdbx_audit_revision_item.ordinal 
_pdbx_audit_revision_item.revision_ordinal 
_pdbx_audit_revision_item.data_content_type 
_pdbx_audit_revision_item.item 
1  2 'Structure model' '_citation.country'                   
2  2 'Structure model' '_citation.journal_abbrev'            
3  2 'Structure model' '_citation.journal_id_CSD'            
4  2 'Structure model' '_citation.journal_id_ISSN'           
5  2 'Structure model' '_citation.journal_volume'            
6  2 'Structure model' '_citation.page_first'                
7  2 'Structure model' '_citation.page_last'                 
8  2 'Structure model' '_citation.pdbx_database_id_DOI'      
9  2 'Structure model' '_citation.pdbx_database_id_PubMed'   
10 2 'Structure model' '_citation.title'                     
11 2 'Structure model' '_citation.year'                      
12 3 'Structure model' '_database_2.pdbx_DOI'                
13 3 'Structure model' '_database_2.pdbx_database_accession' 
# 
_pdbx_database_status.status_code                     REL 
_pdbx_database_status.status_code_sf                  REL 
_pdbx_database_status.status_code_mr                  ? 
_pdbx_database_status.entry_id                        6I2G 
_pdbx_database_status.recvd_initial_deposition_date   2018-11-01 
_pdbx_database_status.SG_entry                        N 
_pdbx_database_status.deposit_site                    PDBE 
_pdbx_database_status.process_site                    PDBE 
_pdbx_database_status.status_code_cs                  ? 
_pdbx_database_status.methods_development_category    ? 
_pdbx_database_status.pdb_format_compatible           Y 
_pdbx_database_status.status_code_nmr_data            ? 
# 
loop_
_audit_author.name 
_audit_author.pdbx_ordinal 
_audit_author.identifier_ORCID 
'Martinez-Carranza, M.' 1 0000-0003-0192-9762 
'Stenmark, P.'          2 0000-0003-4777-3417 
# 
_citation.abstract                  ? 
_citation.abstract_id_CAS           ? 
_citation.book_id_ISBN              ? 
_citation.book_publisher            ? 
_citation.book_publisher_city       ? 
_citation.book_title                ? 
_citation.coordinate_linkage        ? 
_citation.country                   UK 
_citation.database_id_Medline       ? 
_citation.details                   ? 
_citation.id                        primary 
_citation.journal_abbrev            'Nat Commun' 
_citation.journal_id_ASTM           ? 
_citation.journal_id_CSD            ? 
_citation.journal_id_ISSN           2041-1723 
_citation.journal_full              ? 
_citation.journal_issue             ? 
_citation.journal_volume            10 
_citation.language                  ? 
_citation.page_first                4403 
_citation.page_last                 4403 
_citation.title                     'The ALFA-tag is a highly versatile tool for nanobody-based bioscience applications.' 
_citation.year                      2019 
_citation.database_id_CSD           ? 
_citation.pdbx_database_id_DOI      10.1038/s41467-019-12301-7 
_citation.pdbx_database_id_PubMed   31562305 
_citation.unpublished_flag          ? 
# 
loop_
_citation_author.citation_id 
_citation_author.name 
_citation_author.ordinal 
_citation_author.identifier_ORCID 
primary 'Gotzke, H.'            1  ? 
primary 'Kilisch, M.'           2  ? 
primary 'Martinez-Carranza, M.' 3  ? 
primary 'Sograte-Idrissi, S.'   4  ? 
primary 'Rajavel, A.'           5  ? 
primary 'Schlichthaerle, T.'    6  ? 
primary 'Engels, N.'            7  ? 
primary 'Jungmann, R.'          8  ? 
primary 'Stenmark, P.'          9  ? 
primary 'Opazo, F.'             10 ? 
primary 'Frey, S.'              11 ? 
# 
loop_
_entity.id 
_entity.type 
_entity.src_method 
_entity.pdbx_description 
_entity.formula_weight 
_entity.pdbx_number_of_molecules 
_entity.pdbx_ec 
_entity.pdbx_mutation 
_entity.pdbx_fragment 
_entity.details 
1 polymer     man 'ALFA nanobody'                                             13599.183 1   ? ? ? ? 
2 polymer     syn N7P-SER-ARG-LEU-GLU-GLU-GLU-LEU-ARG-ARG-ARG-LEU-THR-GLU-LPD 1926.183  1   ? ? ? 
'The N-terminal proline is blocked with an acetyl group, and the C-terminal proline is blocked with an amide group.' 
3 non-polymer syn 'SULFATE ION'                                               96.063    2   ? ? ? ? 
4 water       nat water                                                       18.015    118 ? ? ? ? 
# 
loop_
_entity_poly.entity_id 
_entity_poly.type 
_entity_poly.nstd_linkage 
_entity_poly.nstd_monomer 
_entity_poly.pdbx_seq_one_letter_code 
_entity_poly.pdbx_seq_one_letter_code_can 
_entity_poly.pdbx_strand_id 
_entity_poly.pdbx_target_identifier 
1 'polypeptide(L)' no no  
;SGEVQLQESGGGLVQPGGSLRLSCTASGVTISALNAMAMGWYRQAPGERRVMVAAVSERGNAMYRESVQGRFTVTRDFTN
KMVSLQMDNLKPEDTAVYYCHVLEDRVDSFHDYWGQGTQVTVSS
;
;SGEVQLQESGGGLVQPGGSLRLSCTASGVTISALNAMAMGWYRQAPGERRVMVAAVSERGNAMYRESVQGRFTVTRDFTN
KMVSLQMDNLKPEDTAVYYCHVLEDRVDSFHDYWGQGTQVTVSS
;
A ? 
2 'polypeptide(L)' no yes '(N7P)SRLEEELRRRLTE(LPD)' PSRLEEELRRRLTEP B ? 
# 
loop_
_pdbx_entity_nonpoly.entity_id 
_pdbx_entity_nonpoly.name 
_pdbx_entity_nonpoly.comp_id 
3 'SULFATE ION' SO4 
4 water         HOH 
# 
loop_
_entity_poly_seq.entity_id 
_entity_poly_seq.num 
_entity_poly_seq.mon_id 
_entity_poly_seq.hetero 
1 1   SER n 
1 2   GLY n 
1 3   GLU n 
1 4   VAL n 
1 5   GLN n 
1 6   LEU n 
1 7   GLN n 
1 8   GLU n 
1 9   SER n 
1 10  GLY n 
1 11  GLY n 
1 12  GLY n 
1 13  LEU n 
1 14  VAL n 
1 15  GLN n 
1 16  PRO n 
1 17  GLY n 
1 18  GLY n 
1 19  SER n 
1 20  LEU n 
1 21  ARG n 
1 22  LEU n 
1 23  SER n 
1 24  CYS n 
1 25  THR n 
1 26  ALA n 
1 27  SER n 
1 28  GLY n 
1 29  VAL n 
1 30  THR n 
1 31  ILE n 
1 32  SER n 
1 33  ALA n 
1 34  LEU n 
1 35  ASN n 
1 36  ALA n 
1 37  MET n 
1 38  ALA n 
1 39  MET n 
1 40  GLY n 
1 41  TRP n 
1 42  TYR n 
1 43  ARG n 
1 44  GLN n 
1 45  ALA n 
1 46  PRO n 
1 47  GLY n 
1 48  GLU n 
1 49  ARG n 
1 50  ARG n 
1 51  VAL n 
1 52  MET n 
1 53  VAL n 
1 54  ALA n 
1 55  ALA n 
1 56  VAL n 
1 57  SER n 
1 58  GLU n 
1 59  ARG n 
1 60  GLY n 
1 61  ASN n 
1 62  ALA n 
1 63  MET n 
1 64  TYR n 
1 65  ARG n 
1 66  GLU n 
1 67  SER n 
1 68  VAL n 
1 69  GLN n 
1 70  GLY n 
1 71  ARG n 
1 72  PHE n 
1 73  THR n 
1 74  VAL n 
1 75  THR n 
1 76  ARG n 
1 77  ASP n 
1 78  PHE n 
1 79  THR n 
1 80  ASN n 
1 81  LYS n 
1 82  MET n 
1 83  VAL n 
1 84  SER n 
1 85  LEU n 
1 86  GLN n 
1 87  MET n 
1 88  ASP n 
1 89  ASN n 
1 90  LEU n 
1 91  LYS n 
1 92  PRO n 
1 93  GLU n 
1 94  ASP n 
1 95  THR n 
1 96  ALA n 
1 97  VAL n 
1 98  TYR n 
1 99  TYR n 
1 100 CYS n 
1 101 HIS n 
1 102 VAL n 
1 103 LEU n 
1 104 GLU n 
1 105 ASP n 
1 106 ARG n 
1 107 VAL n 
1 108 ASP n 
1 109 SER n 
1 110 PHE n 
1 111 HIS n 
1 112 ASP n 
1 113 TYR n 
1 114 TRP n 
1 115 GLY n 
1 116 GLN n 
1 117 GLY n 
1 118 THR n 
1 119 GLN n 
1 120 VAL n 
1 121 THR n 
1 122 VAL n 
1 123 SER n 
1 124 SER n 
2 1   N7P n 
2 2   SER n 
2 3   ARG n 
2 4   LEU n 
2 5   GLU n 
2 6   GLU n 
2 7   GLU n 
2 8   LEU n 
2 9   ARG n 
2 10  ARG n 
2 11  ARG n 
2 12  LEU n 
2 13  THR n 
2 14  GLU n 
2 15  LPD n 
# 
_entity_src_gen.entity_id                          1 
_entity_src_gen.pdbx_src_id                        1 
_entity_src_gen.pdbx_alt_source_flag               sample 
_entity_src_gen.pdbx_seq_type                      'Biological sequence' 
_entity_src_gen.pdbx_beg_seq_num                   1 
_entity_src_gen.pdbx_end_seq_num                   124 
_entity_src_gen.gene_src_common_name               ? 
_entity_src_gen.gene_src_genus                     ? 
_entity_src_gen.pdbx_gene_src_gene                 ? 
_entity_src_gen.gene_src_species                   ? 
_entity_src_gen.gene_src_strain                    ? 
_entity_src_gen.gene_src_tissue                    ? 
_entity_src_gen.gene_src_tissue_fraction           ? 
_entity_src_gen.gene_src_details                   ? 
_entity_src_gen.pdbx_gene_src_fragment             ? 
_entity_src_gen.pdbx_gene_src_scientific_name      'Vicugna pacos' 
_entity_src_gen.pdbx_gene_src_ncbi_taxonomy_id     30538 
_entity_src_gen.pdbx_gene_src_variant              ? 
_entity_src_gen.pdbx_gene_src_cell_line            ? 
_entity_src_gen.pdbx_gene_src_atcc                 ? 
_entity_src_gen.pdbx_gene_src_organ                ? 
_entity_src_gen.pdbx_gene_src_organelle            ? 
_entity_src_gen.pdbx_gene_src_cell                 ? 
_entity_src_gen.pdbx_gene_src_cellular_location    ? 
_entity_src_gen.host_org_common_name               ? 
_entity_src_gen.pdbx_host_org_scientific_name      'Escherichia coli' 
_entity_src_gen.pdbx_host_org_ncbi_taxonomy_id     562 
_entity_src_gen.host_org_genus                     ? 
_entity_src_gen.pdbx_host_org_gene                 ? 
_entity_src_gen.pdbx_host_org_organ                ? 
_entity_src_gen.host_org_species                   ? 
_entity_src_gen.pdbx_host_org_tissue               ? 
_entity_src_gen.pdbx_host_org_tissue_fraction      ? 
_entity_src_gen.pdbx_host_org_strain               ? 
_entity_src_gen.pdbx_host_org_variant              ? 
_entity_src_gen.pdbx_host_org_cell_line            ? 
_entity_src_gen.pdbx_host_org_atcc                 ? 
_entity_src_gen.pdbx_host_org_culture_collection   ? 
_entity_src_gen.pdbx_host_org_cell                 ? 
_entity_src_gen.pdbx_host_org_organelle            ? 
_entity_src_gen.pdbx_host_org_cellular_location    ? 
_entity_src_gen.pdbx_host_org_vector_type          ? 
_entity_src_gen.pdbx_host_org_vector               ? 
_entity_src_gen.host_org_details                   ? 
_entity_src_gen.expression_system_id               ? 
_entity_src_gen.plasmid_name                       ? 
_entity_src_gen.plasmid_details                    ? 
_entity_src_gen.pdbx_description                   ? 
# 
_pdbx_entity_src_syn.entity_id              2 
_pdbx_entity_src_syn.pdbx_src_id            1 
_pdbx_entity_src_syn.pdbx_alt_source_flag   sample 
_pdbx_entity_src_syn.pdbx_beg_seq_num       1 
_pdbx_entity_src_syn.pdbx_end_seq_num       15 
_pdbx_entity_src_syn.organism_scientific    'synthetic construct' 
_pdbx_entity_src_syn.organism_common_name   ? 
_pdbx_entity_src_syn.ncbi_taxonomy_id       32630 
_pdbx_entity_src_syn.details                ? 
# 
loop_
_chem_comp.id 
_chem_comp.type 
_chem_comp.mon_nstd_flag 
_chem_comp.name 
_chem_comp.pdbx_synonyms 
_chem_comp.formula 
_chem_comp.formula_weight 
ALA 'L-peptide linking' y ALANINE            ?               'C3 H7 N O2'     89.093  
ARG 'L-peptide linking' y ARGININE           ?               'C6 H15 N4 O2 1' 175.209 
ASN 'L-peptide linking' y ASPARAGINE         ?               'C4 H8 N2 O3'    132.118 
ASP 'L-peptide linking' y 'ASPARTIC ACID'    ?               'C4 H7 N O4'     133.103 
CYS 'L-peptide linking' y CYSTEINE           ?               'C3 H7 N O2 S'   121.158 
GLN 'L-peptide linking' y GLUTAMINE          ?               'C5 H10 N2 O3'   146.144 
GLU 'L-peptide linking' y 'GLUTAMIC ACID'    ?               'C5 H9 N O4'     147.129 
GLY 'peptide linking'   y GLYCINE            ?               'C2 H5 N O2'     75.067  
HIS 'L-peptide linking' y HISTIDINE          ?               'C6 H10 N3 O2 1' 156.162 
HOH non-polymer         . WATER              ?               'H2 O'           18.015  
ILE 'L-peptide linking' y ISOLEUCINE         ?               'C6 H13 N O2'    131.173 
LEU 'L-peptide linking' y LEUCINE            ?               'C6 H13 N O2'    131.173 
LPD 'L-peptide linking' n L-PROLINAMIDE      ?               'C5 H10 N2 O'    114.146 
LYS 'L-peptide linking' y LYSINE             ?               'C6 H15 N2 O2 1' 147.195 
MET 'L-peptide linking' y METHIONINE         ?               'C5 H11 N O2 S'  149.211 
N7P 'L-peptide linking' n 1-ACETYL-L-PROLINE N-ACETYLPROLINE 'C7 H11 N O3'    157.167 
PHE 'L-peptide linking' y PHENYLALANINE      ?               'C9 H11 N O2'    165.189 
PRO 'L-peptide linking' y PROLINE            ?               'C5 H9 N O2'     115.130 
SER 'L-peptide linking' y SERINE             ?               'C3 H7 N O3'     105.093 
SO4 non-polymer         . 'SULFATE ION'      ?               'O4 S -2'        96.063  
THR 'L-peptide linking' y THREONINE          ?               'C4 H9 N O3'     119.119 
TRP 'L-peptide linking' y TRYPTOPHAN         ?               'C11 H12 N2 O2'  204.225 
TYR 'L-peptide linking' y TYROSINE           ?               'C9 H11 N O3'    181.189 
VAL 'L-peptide linking' y VALINE             ?               'C5 H11 N O2'    117.146 
# 
loop_
_pdbx_poly_seq_scheme.asym_id 
_pdbx_poly_seq_scheme.entity_id 
_pdbx_poly_seq_scheme.seq_id 
_pdbx_poly_seq_scheme.mon_id 
_pdbx_poly_seq_scheme.ndb_seq_num 
_pdbx_poly_seq_scheme.pdb_seq_num 
_pdbx_poly_seq_scheme.auth_seq_num 
_pdbx_poly_seq_scheme.pdb_mon_id 
_pdbx_poly_seq_scheme.auth_mon_id 
_pdbx_poly_seq_scheme.pdb_strand_id 
_pdbx_poly_seq_scheme.pdb_ins_code 
_pdbx_poly_seq_scheme.hetero 
A 1 1   SER 1   1   ?   ?   ?   A . n 
A 1 2   GLY 2   2   ?   ?   ?   A . n 
A 1 3   GLU 3   3   ?   ?   ?   A . n 
A 1 4   VAL 4   4   4   VAL VAL A . n 
A 1 5   GLN 5   5   5   GLN GLN A . n 
A 1 6   LEU 6   6   6   LEU LEU A . n 
A 1 7   GLN 7   7   7   GLN GLN A . n 
A 1 8   GLU 8   8   8   GLU GLU A . n 
A 1 9   SER 9   9   9   SER SER A . n 
A 1 10  GLY 10  10  10  GLY GLY A . n 
A 1 11  GLY 11  11  11  GLY GLY A . n 
A 1 12  GLY 12  12  12  GLY GLY A . n 
A 1 13  LEU 13  13  13  LEU LEU A . n 
A 1 14  VAL 14  14  14  VAL VAL A . n 
A 1 15  GLN 15  15  15  GLN GLN A . n 
A 1 16  PRO 16  16  16  PRO PRO A . n 
A 1 17  GLY 17  17  17  GLY GLY A . n 
A 1 18  GLY 18  18  18  GLY GLY A . n 
A 1 19  SER 19  19  19  SER SER A . n 
A 1 20  LEU 20  20  20  LEU LEU A . n 
A 1 21  ARG 21  21  21  ARG ARG A . n 
A 1 22  LEU 22  22  22  LEU LEU A . n 
A 1 23  SER 23  23  23  SER SER A . n 
A 1 24  CYS 24  24  24  CYS CYS A . n 
A 1 25  THR 25  25  25  THR THR A . n 
A 1 26  ALA 26  26  26  ALA ALA A . n 
A 1 27  SER 27  27  27  SER SER A . n 
A 1 28  GLY 28  28  28  GLY GLY A . n 
A 1 29  VAL 29  29  29  VAL VAL A . n 
A 1 30  THR 30  30  30  THR THR A . n 
A 1 31  ILE 31  31  31  ILE ILE A . n 
A 1 32  SER 32  32  32  SER SER A . n 
A 1 33  ALA 33  33  33  ALA ALA A . n 
A 1 34  LEU 34  34  34  LEU LEU A . n 
A 1 35  ASN 35  35  35  ASN ASN A . n 
A 1 36  ALA 36  36  36  ALA ALA A . n 
A 1 37  MET 37  37  37  MET MET A . n 
A 1 38  ALA 38  38  38  ALA ALA A . n 
A 1 39  MET 39  39  39  MET MET A . n 
A 1 40  GLY 40  40  40  GLY GLY A . n 
A 1 41  TRP 41  41  41  TRP TRP A . n 
A 1 42  TYR 42  42  42  TYR TYR A . n 
A 1 43  ARG 43  43  43  ARG ARG A . n 
A 1 44  GLN 44  44  44  GLN GLN A . n 
A 1 45  ALA 45  45  45  ALA ALA A . n 
A 1 46  PRO 46  46  46  PRO PRO A . n 
A 1 47  GLY 47  47  47  GLY GLY A . n 
A 1 48  GLU 48  48  48  GLU GLU A . n 
A 1 49  ARG 49  49  49  ARG ARG A . n 
A 1 50  ARG 50  50  50  ARG ARG A . n 
A 1 51  VAL 51  51  51  VAL VAL A . n 
A 1 52  MET 52  52  52  MET MET A . n 
A 1 53  VAL 53  53  53  VAL VAL A . n 
A 1 54  ALA 54  54  54  ALA ALA A . n 
A 1 55  ALA 55  55  55  ALA ALA A . n 
A 1 56  VAL 56  56  56  VAL VAL A . n 
A 1 57  SER 57  57  57  SER SER A . n 
A 1 58  GLU 58  58  58  GLU GLU A . n 
A 1 59  ARG 59  59  59  ARG ARG A . n 
A 1 60  GLY 60  60  60  GLY GLY A . n 
A 1 61  ASN 61  61  61  ASN ASN A . n 
A 1 62  ALA 62  62  62  ALA ALA A . n 
A 1 63  MET 63  63  63  MET MET A . n 
A 1 64  TYR 64  64  64  TYR TYR A . n 
A 1 65  ARG 65  65  65  ARG ARG A . n 
A 1 66  GLU 66  66  66  GLU GLU A . n 
A 1 67  SER 67  67  67  SER SER A . n 
A 1 68  VAL 68  68  68  VAL VAL A . n 
A 1 69  GLN 69  69  69  GLN GLN A . n 
A 1 70  GLY 70  70  70  GLY GLY A . n 
A 1 71  ARG 71  71  71  ARG ARG A . n 
A 1 72  PHE 72  72  72  PHE PHE A . n 
A 1 73  THR 73  73  73  THR THR A . n 
A 1 74  VAL 74  74  74  VAL VAL A . n 
A 1 75  THR 75  75  75  THR THR A . n 
A 1 76  ARG 76  76  76  ARG ARG A . n 
A 1 77  ASP 77  77  77  ASP ASP A . n 
A 1 78  PHE 78  78  78  PHE PHE A . n 
A 1 79  THR 79  79  79  THR THR A . n 
A 1 80  ASN 80  80  80  ASN ASN A . n 
A 1 81  LYS 81  81  81  LYS LYS A . n 
A 1 82  MET 82  82  82  MET MET A . n 
A 1 83  VAL 83  83  83  VAL VAL A . n 
A 1 84  SER 84  84  84  SER SER A . n 
A 1 85  LEU 85  85  85  LEU LEU A . n 
A 1 86  GLN 86  86  86  GLN GLN A . n 
A 1 87  MET 87  87  87  MET MET A . n 
A 1 88  ASP 88  88  88  ASP ASP A . n 
A 1 89  ASN 89  89  89  ASN ASN A . n 
A 1 90  LEU 90  90  90  LEU LEU A . n 
A 1 91  LYS 91  91  91  LYS LYS A . n 
A 1 92  PRO 92  92  92  PRO PRO A . n 
A 1 93  GLU 93  93  93  GLU GLU A . n 
A 1 94  ASP 94  94  94  ASP ASP A . n 
A 1 95  THR 95  95  95  THR THR A . n 
A 1 96  ALA 96  96  96  ALA ALA A . n 
A 1 97  VAL 97  97  97  VAL VAL A . n 
A 1 98  TYR 98  98  98  TYR TYR A . n 
A 1 99  TYR 99  99  99  TYR TYR A . n 
A 1 100 CYS 100 100 100 CYS CYS A . n 
A 1 101 HIS 101 101 101 HIS HIS A . n 
A 1 102 VAL 102 102 102 VAL VAL A . n 
A 1 103 LEU 103 103 103 LEU LEU A . n 
A 1 104 GLU 104 104 104 GLU GLU A . n 
A 1 105 ASP 105 105 105 ASP ASP A . n 
A 1 106 ARG 106 106 106 ARG ARG A . n 
A 1 107 VAL 107 107 107 VAL VAL A . n 
A 1 108 ASP 108 108 108 ASP ASP A . n 
A 1 109 SER 109 109 109 SER SER A . n 
A 1 110 PHE 110 110 110 PHE PHE A . n 
A 1 111 HIS 111 111 111 HIS HIS A . n 
A 1 112 ASP 112 112 112 ASP ASP A . n 
A 1 113 TYR 113 113 113 TYR TYR A . n 
A 1 114 TRP 114 114 114 TRP TRP A . n 
A 1 115 GLY 115 115 115 GLY GLY A . n 
A 1 116 GLN 116 116 116 GLN GLN A . n 
A 1 117 GLY 117 117 117 GLY GLY A . n 
A 1 118 THR 118 118 118 THR THR A . n 
A 1 119 GLN 119 119 119 GLN GLN A . n 
A 1 120 VAL 120 120 120 VAL VAL A . n 
A 1 121 THR 121 121 121 THR THR A . n 
A 1 122 VAL 122 122 122 VAL VAL A . n 
A 1 123 SER 123 123 123 SER SER A . n 
A 1 124 SER 124 124 124 SER SER A . n 
B 2 1   N7P 1   1   1   N7P N7P B . n 
B 2 2   SER 2   2   2   SER SER B . n 
B 2 3   ARG 3   3   3   ARG ARG B . n 
B 2 4   LEU 4   4   4   LEU LEU B . n 
B 2 5   GLU 5   5   5   GLU GLU B . n 
B 2 6   GLU 6   6   6   GLU GLU B . n 
B 2 7   GLU 7   7   7   GLU GLU B . n 
B 2 8   LEU 8   8   8   LEU LEU B . n 
B 2 9   ARG 9   9   9   ARG ARG B . n 
B 2 10  ARG 10  10  10  ARG ARG B . n 
B 2 11  ARG 11  11  11  ARG ARG B . n 
B 2 12  LEU 12  12  12  LEU LEU B . n 
B 2 13  THR 13  13  13  THR THR B . n 
B 2 14  GLU 14  14  14  GLU GLU B . n 
B 2 15  LPD 15  15  15  LPD LPD B . n 
# 
loop_
_pdbx_nonpoly_scheme.asym_id 
_pdbx_nonpoly_scheme.entity_id 
_pdbx_nonpoly_scheme.mon_id 
_pdbx_nonpoly_scheme.ndb_seq_num 
_pdbx_nonpoly_scheme.pdb_seq_num 
_pdbx_nonpoly_scheme.auth_seq_num 
_pdbx_nonpoly_scheme.pdb_mon_id 
_pdbx_nonpoly_scheme.auth_mon_id 
_pdbx_nonpoly_scheme.pdb_strand_id 
_pdbx_nonpoly_scheme.pdb_ins_code 
C 3 SO4 1   201 1   SO4 SO4 A . 
D 3 SO4 1   202 2   SO4 SO4 A . 
E 4 HOH 1   301 49  HOH HOH A . 
E 4 HOH 2   302 53  HOH HOH A . 
E 4 HOH 3   303 75  HOH HOH A . 
E 4 HOH 4   304 31  HOH HOH A . 
E 4 HOH 5   305 69  HOH HOH A . 
E 4 HOH 6   306 2   HOH HOH A . 
E 4 HOH 7   307 90  HOH HOH A . 
E 4 HOH 8   308 77  HOH HOH A . 
E 4 HOH 9   309 60  HOH HOH A . 
E 4 HOH 10  310 40  HOH HOH A . 
E 4 HOH 11  311 5   HOH HOH A . 
E 4 HOH 12  312 76  HOH HOH A . 
E 4 HOH 13  313 70  HOH HOH A . 
E 4 HOH 14  314 91  HOH HOH A . 
E 4 HOH 15  315 63  HOH HOH A . 
E 4 HOH 16  316 47  HOH HOH A . 
E 4 HOH 17  317 23  HOH HOH A . 
E 4 HOH 18  318 38  HOH HOH A . 
E 4 HOH 19  319 34  HOH HOH A . 
E 4 HOH 20  320 35  HOH HOH A . 
E 4 HOH 21  321 8   HOH HOH A . 
E 4 HOH 22  322 96  HOH HOH A . 
E 4 HOH 23  323 81  HOH HOH A . 
E 4 HOH 24  324 16  HOH HOH A . 
E 4 HOH 25  325 33  HOH HOH A . 
E 4 HOH 26  326 103 HOH HOH A . 
E 4 HOH 27  327 24  HOH HOH A . 
E 4 HOH 28  328 4   HOH HOH A . 
E 4 HOH 29  329 50  HOH HOH A . 
E 4 HOH 30  330 117 HOH HOH A . 
E 4 HOH 31  331 72  HOH HOH A . 
E 4 HOH 32  332 9   HOH HOH A . 
E 4 HOH 33  333 7   HOH HOH A . 
E 4 HOH 34  334 111 HOH HOH A . 
E 4 HOH 35  335 98  HOH HOH A . 
E 4 HOH 36  336 44  HOH HOH A . 
E 4 HOH 37  337 10  HOH HOH A . 
E 4 HOH 38  338 110 HOH HOH A . 
E 4 HOH 39  339 102 HOH HOH A . 
E 4 HOH 40  340 88  HOH HOH A . 
E 4 HOH 41  341 3   HOH HOH A . 
E 4 HOH 42  342 65  HOH HOH A . 
E 4 HOH 43  343 118 HOH HOH A . 
E 4 HOH 44  344 84  HOH HOH A . 
E 4 HOH 45  345 48  HOH HOH A . 
E 4 HOH 46  346 66  HOH HOH A . 
E 4 HOH 47  347 107 HOH HOH A . 
E 4 HOH 48  348 12  HOH HOH A . 
E 4 HOH 49  349 73  HOH HOH A . 
E 4 HOH 50  350 26  HOH HOH A . 
E 4 HOH 51  351 51  HOH HOH A . 
E 4 HOH 52  352 92  HOH HOH A . 
E 4 HOH 53  353 43  HOH HOH A . 
E 4 HOH 54  354 54  HOH HOH A . 
E 4 HOH 55  355 17  HOH HOH A . 
E 4 HOH 56  356 21  HOH HOH A . 
E 4 HOH 57  357 39  HOH HOH A . 
E 4 HOH 58  358 28  HOH HOH A . 
E 4 HOH 59  359 82  HOH HOH A . 
E 4 HOH 60  360 37  HOH HOH A . 
E 4 HOH 61  361 64  HOH HOH A . 
E 4 HOH 62  362 97  HOH HOH A . 
E 4 HOH 63  363 58  HOH HOH A . 
E 4 HOH 64  364 71  HOH HOH A . 
E 4 HOH 65  365 11  HOH HOH A . 
E 4 HOH 66  366 19  HOH HOH A . 
E 4 HOH 67  367 83  HOH HOH A . 
E 4 HOH 68  368 79  HOH HOH A . 
E 4 HOH 69  369 18  HOH HOH A . 
E 4 HOH 70  370 20  HOH HOH A . 
E 4 HOH 71  371 41  HOH HOH A . 
E 4 HOH 72  372 55  HOH HOH A . 
E 4 HOH 73  373 57  HOH HOH A . 
E 4 HOH 74  374 30  HOH HOH A . 
E 4 HOH 75  375 13  HOH HOH A . 
E 4 HOH 76  376 52  HOH HOH A . 
E 4 HOH 77  377 61  HOH HOH A . 
E 4 HOH 78  378 101 HOH HOH A . 
E 4 HOH 79  379 59  HOH HOH A . 
E 4 HOH 80  380 112 HOH HOH A . 
E 4 HOH 81  381 14  HOH HOH A . 
E 4 HOH 82  382 42  HOH HOH A . 
E 4 HOH 83  383 85  HOH HOH A . 
E 4 HOH 84  384 116 HOH HOH A . 
E 4 HOH 85  385 56  HOH HOH A . 
E 4 HOH 86  386 104 HOH HOH A . 
E 4 HOH 87  387 100 HOH HOH A . 
E 4 HOH 88  388 80  HOH HOH A . 
E 4 HOH 89  389 95  HOH HOH A . 
E 4 HOH 90  390 15  HOH HOH A . 
E 4 HOH 91  391 89  HOH HOH A . 
E 4 HOH 92  392 108 HOH HOH A . 
E 4 HOH 93  393 106 HOH HOH A . 
E 4 HOH 94  394 74  HOH HOH A . 
E 4 HOH 95  395 105 HOH HOH A . 
E 4 HOH 96  396 46  HOH HOH A . 
E 4 HOH 97  397 94  HOH HOH A . 
E 4 HOH 98  398 78  HOH HOH A . 
E 4 HOH 99  399 25  HOH HOH A . 
E 4 HOH 100 400 62  HOH HOH A . 
E 4 HOH 101 401 99  HOH HOH A . 
E 4 HOH 102 402 114 HOH HOH A . 
E 4 HOH 103 403 93  HOH HOH A . 
E 4 HOH 104 404 109 HOH HOH A . 
F 4 HOH 1   101 6   HOH HOH B . 
F 4 HOH 2   102 32  HOH HOH B . 
F 4 HOH 3   103 29  HOH HOH B . 
F 4 HOH 4   104 1   HOH HOH B . 
F 4 HOH 5   105 22  HOH HOH B . 
F 4 HOH 6   106 87  HOH HOH B . 
F 4 HOH 7   107 45  HOH HOH B . 
F 4 HOH 8   108 67  HOH HOH B . 
F 4 HOH 9   109 36  HOH HOH B . 
F 4 HOH 10  110 68  HOH HOH B . 
F 4 HOH 11  111 115 HOH HOH B . 
F 4 HOH 12  112 113 HOH HOH B . 
F 4 HOH 13  113 27  HOH HOH B . 
F 4 HOH 14  114 86  HOH HOH B . 
# 
loop_
_software.citation_id 
_software.classification 
_software.compiler_name 
_software.compiler_version 
_software.contact_author 
_software.contact_author_email 
_software.date 
_software.description 
_software.dependencies 
_software.hardware 
_software.language 
_software.location 
_software.mods 
_software.name 
_software.os 
_software.os_version 
_software.type 
_software.version 
_software.pdbx_ordinal 
? refinement       ? ? ? ? ? ? ? ? ? ? ? REFMAC ? ? ? 5.8.0238 1 
? 'data reduction' ? ? ? ? ? ? ? ? ? ? ? DIALS  ? ? ? .        2 
? 'data scaling'   ? ? ? ? ? ? ? ? ? ? ? DIALS  ? ? ? .        3 
? phasing          ? ? ? ? ? ? ? ? ? ? ? PHASER ? ? ? .        4 
# 
_cell.angle_alpha                  90.00 
_cell.angle_alpha_esd              ? 
_cell.angle_beta                   147.22 
_cell.angle_beta_esd               ? 
_cell.angle_gamma                  90.00 
_cell.angle_gamma_esd              ? 
_cell.entry_id                     6I2G 
_cell.details                      ? 
_cell.formula_units_Z              ? 
_cell.length_a                     101.245 
_cell.length_a_esd                 ? 
_cell.length_b                     32.379 
_cell.length_b_esd                 ? 
_cell.length_c                     64.735 
_cell.length_c_esd                 ? 
_cell.volume                       ? 
_cell.volume_esd                   ? 
_cell.Z_PDB                        4 
_cell.reciprocal_angle_alpha       ? 
_cell.reciprocal_angle_beta        ? 
_cell.reciprocal_angle_gamma       ? 
_cell.reciprocal_angle_alpha_esd   ? 
_cell.reciprocal_angle_beta_esd    ? 
_cell.reciprocal_angle_gamma_esd   ? 
_cell.reciprocal_length_a          ? 
_cell.reciprocal_length_b          ? 
_cell.reciprocal_length_c          ? 
_cell.reciprocal_length_a_esd      ? 
_cell.reciprocal_length_b_esd      ? 
_cell.reciprocal_length_c_esd      ? 
_cell.pdbx_unique_axis             ? 
# 
_symmetry.entry_id                         6I2G 
_symmetry.cell_setting                     ? 
_symmetry.Int_Tables_number                5 
_symmetry.space_group_name_Hall            ? 
_symmetry.space_group_name_H-M             'C 1 2 1' 
_symmetry.pdbx_full_space_group_name_H-M   ? 
# 
_exptl.absorpt_coefficient_mu     ? 
_exptl.absorpt_correction_T_max   ? 
_exptl.absorpt_correction_T_min   ? 
_exptl.absorpt_correction_type    ? 
_exptl.absorpt_process_details    ? 
_exptl.entry_id                   6I2G 
_exptl.crystals_number            1 
_exptl.details                    ? 
_exptl.method                     'X-RAY DIFFRACTION' 
_exptl.method_details             ? 
# 
_exptl_crystal.colour                      ? 
_exptl_crystal.density_diffrn              ? 
_exptl_crystal.density_Matthews            1.84 
_exptl_crystal.density_method              ? 
_exptl_crystal.density_percent_sol         33.10 
_exptl_crystal.description                 ? 
_exptl_crystal.F_000                       ? 
_exptl_crystal.id                          1 
_exptl_crystal.preparation                 ? 
_exptl_crystal.size_max                    ? 
_exptl_crystal.size_mid                    ? 
_exptl_crystal.size_min                    ? 
_exptl_crystal.size_rad                    ? 
_exptl_crystal.colour_lustre               ? 
_exptl_crystal.colour_modifier             ? 
_exptl_crystal.colour_primary              ? 
_exptl_crystal.density_meas                ? 
_exptl_crystal.density_meas_esd            ? 
_exptl_crystal.density_meas_gt             ? 
_exptl_crystal.density_meas_lt             ? 
_exptl_crystal.density_meas_temp           ? 
_exptl_crystal.density_meas_temp_esd       ? 
_exptl_crystal.density_meas_temp_gt        ? 
_exptl_crystal.density_meas_temp_lt        ? 
_exptl_crystal.pdbx_crystal_image_url      ? 
_exptl_crystal.pdbx_crystal_image_format   ? 
_exptl_crystal.pdbx_mosaicity              ? 
_exptl_crystal.pdbx_mosaicity_esd          ? 
# 
_exptl_crystal_grow.apparatus       ? 
_exptl_crystal_grow.atmosphere      ? 
_exptl_crystal_grow.crystal_id      1 
_exptl_crystal_grow.details         ? 
_exptl_crystal_grow.method          'VAPOR DIFFUSION, SITTING DROP' 
_exptl_crystal_grow.method_ref      ? 
_exptl_crystal_grow.pH              ? 
_exptl_crystal_grow.pressure        ? 
_exptl_crystal_grow.pressure_esd    ? 
_exptl_crystal_grow.seeding         ? 
_exptl_crystal_grow.seeding_ref     ? 
_exptl_crystal_grow.temp            294 
_exptl_crystal_grow.temp_details    ? 
_exptl_crystal_grow.temp_esd        ? 
_exptl_crystal_grow.time            ? 
_exptl_crystal_grow.pdbx_details    
;Crystal grew in a drop containing 100 nl of 100mM sodium citrate pH6.0, 2M ammonium sulphate, 4% v/v tert-Butanol, and 100 nl of the peptide-bound protein (10.1mg/ml NbALFA-ALFA peptide complex, 20mM HEPES pH7.4, 100mM NaCl, 10% glycerol).
;
_exptl_crystal_grow.pdbx_pH_range   ? 
# 
_diffrn.ambient_environment              ? 
_diffrn.ambient_temp                     77 
_diffrn.ambient_temp_details             ? 
_diffrn.ambient_temp_esd                 ? 
_diffrn.crystal_id                       1 
_diffrn.crystal_support                  ? 
_diffrn.crystal_treatment                ? 
_diffrn.details                          ? 
_diffrn.id                               1 
_diffrn.ambient_pressure                 ? 
_diffrn.ambient_pressure_esd             ? 
_diffrn.ambient_pressure_gt              ? 
_diffrn.ambient_pressure_lt              ? 
_diffrn.ambient_temp_gt                  ? 
_diffrn.ambient_temp_lt                  ? 
_diffrn.pdbx_serial_crystal_experiment   N 
# 
_diffrn_detector.details                      ? 
_diffrn_detector.detector                     PIXEL 
_diffrn_detector.diffrn_id                    1 
_diffrn_detector.type                         'DECTRIS PILATUS3 2M' 
_diffrn_detector.area_resol_mean              ? 
_diffrn_detector.dtime                        ? 
_diffrn_detector.pdbx_frames_total            ? 
_diffrn_detector.pdbx_collection_time_total   ? 
_diffrn_detector.pdbx_collection_date         2018-04-06 
_diffrn_detector.pdbx_frequency               ? 
# 
_diffrn_radiation.collimation                      ? 
_diffrn_radiation.diffrn_id                        1 
_diffrn_radiation.filter_edge                      ? 
_diffrn_radiation.inhomogeneity                    ? 
_diffrn_radiation.monochromator                    ? 
_diffrn_radiation.polarisn_norm                    ? 
_diffrn_radiation.polarisn_ratio                   ? 
_diffrn_radiation.probe                            ? 
_diffrn_radiation.type                             ? 
_diffrn_radiation.xray_symbol                      ? 
_diffrn_radiation.wavelength_id                    1 
_diffrn_radiation.pdbx_monochromatic_or_laue_m_l   M 
_diffrn_radiation.pdbx_wavelength_list             ? 
_diffrn_radiation.pdbx_wavelength                  ? 
_diffrn_radiation.pdbx_diffrn_protocol             'SINGLE WAVELENGTH' 
_diffrn_radiation.pdbx_analyzer                    ? 
_diffrn_radiation.pdbx_scattering_type             x-ray 
# 
_diffrn_radiation_wavelength.id           1 
_diffrn_radiation_wavelength.wavelength   0.92 
_diffrn_radiation_wavelength.wt           1.0 
# 
_diffrn_source.current                     ? 
_diffrn_source.details                     ? 
_diffrn_source.diffrn_id                   1 
_diffrn_source.power                       ? 
_diffrn_source.size                        ? 
_diffrn_source.source                      SYNCHROTRON 
_diffrn_source.target                      ? 
_diffrn_source.type                        'BESSY BEAMLINE 14.2' 
_diffrn_source.voltage                     ? 
_diffrn_source.take-off_angle              ? 
_diffrn_source.pdbx_wavelength_list        0.92 
_diffrn_source.pdbx_wavelength             ? 
_diffrn_source.pdbx_synchrotron_beamline   14.2 
_diffrn_source.pdbx_synchrotron_site       BESSY 
# 
_reflns.B_iso_Wilson_estimate            ? 
_reflns.entry_id                         6I2G 
_reflns.data_reduction_details           ? 
_reflns.data_reduction_method            ? 
_reflns.d_resolution_high                1.5 
_reflns.d_resolution_low                 50.36 
_reflns.details                          ? 
_reflns.limit_h_max                      ? 
_reflns.limit_h_min                      ? 
_reflns.limit_k_max                      ? 
_reflns.limit_k_min                      ? 
_reflns.limit_l_max                      ? 
_reflns.limit_l_min                      ? 
_reflns.number_all                       ? 
_reflns.number_obs                       17571 
_reflns.observed_criterion               ? 
_reflns.observed_criterion_F_max         ? 
_reflns.observed_criterion_F_min         ? 
_reflns.observed_criterion_I_max         ? 
_reflns.observed_criterion_I_min         ? 
_reflns.observed_criterion_sigma_F       ? 
_reflns.observed_criterion_sigma_I       ? 
_reflns.percent_possible_obs             95.2 
_reflns.R_free_details                   ? 
_reflns.Rmerge_F_all                     ? 
_reflns.Rmerge_F_obs                     ? 
_reflns.Friedel_coverage                 ? 
_reflns.number_gt                        ? 
_reflns.threshold_expression             ? 
_reflns.pdbx_redundancy                  5.6 
_reflns.pdbx_Rmerge_I_obs                ? 
_reflns.pdbx_Rmerge_I_all                ? 
_reflns.pdbx_Rsym_value                  ? 
_reflns.pdbx_netI_over_av_sigmaI         ? 
_reflns.pdbx_netI_over_sigmaI            12.7 
_reflns.pdbx_res_netI_over_av_sigmaI_2   ? 
_reflns.pdbx_res_netI_over_sigmaI_2      ? 
_reflns.pdbx_chi_squared                 ? 
_reflns.pdbx_scaling_rejects             ? 
_reflns.pdbx_d_res_high_opt              ? 
_reflns.pdbx_d_res_low_opt               ? 
_reflns.pdbx_d_res_opt_method            ? 
_reflns.phase_calculation_details        ? 
_reflns.pdbx_Rrim_I_all                  ? 
_reflns.pdbx_Rpim_I_all                  ? 
_reflns.pdbx_d_opt                       ? 
_reflns.pdbx_number_measured_all         ? 
_reflns.pdbx_diffrn_id                   1 
_reflns.pdbx_ordinal                     1 
_reflns.pdbx_CC_half                     0.997 
_reflns.pdbx_R_split                     ? 
# 
_reflns_shell.d_res_high                  1.5 
_reflns_shell.d_res_low                   1.54 
_reflns_shell.meanI_over_sigI_all         ? 
_reflns_shell.meanI_over_sigI_obs         ? 
_reflns_shell.number_measured_all         ? 
_reflns_shell.number_measured_obs         ? 
_reflns_shell.number_possible             ? 
_reflns_shell.number_unique_all           ? 
_reflns_shell.number_unique_obs           ? 
_reflns_shell.percent_possible_all        ? 
_reflns_shell.percent_possible_obs        ? 
_reflns_shell.Rmerge_F_all                ? 
_reflns_shell.Rmerge_F_obs                ? 
_reflns_shell.Rmerge_I_all                ? 
_reflns_shell.Rmerge_I_obs                ? 
_reflns_shell.meanI_over_sigI_gt          ? 
_reflns_shell.meanI_over_uI_all           ? 
_reflns_shell.meanI_over_uI_gt            ? 
_reflns_shell.number_measured_gt          ? 
_reflns_shell.number_unique_gt            ? 
_reflns_shell.percent_possible_gt         ? 
_reflns_shell.Rmerge_F_gt                 ? 
_reflns_shell.Rmerge_I_gt                 ? 
_reflns_shell.pdbx_redundancy             ? 
_reflns_shell.pdbx_Rsym_value             ? 
_reflns_shell.pdbx_chi_squared            ? 
_reflns_shell.pdbx_netI_over_sigmaI_all   ? 
_reflns_shell.pdbx_netI_over_sigmaI_obs   ? 
_reflns_shell.pdbx_Rrim_I_all             ? 
_reflns_shell.pdbx_Rpim_I_all             ? 
_reflns_shell.pdbx_rejects                ? 
_reflns_shell.pdbx_ordinal                1 
_reflns_shell.pdbx_diffrn_id              1 
_reflns_shell.pdbx_CC_half                ? 
_reflns_shell.pdbx_R_split                ? 
# 
_refine.aniso_B[1][1]                            1.02 
_refine.aniso_B[1][2]                            0.00 
_refine.aniso_B[1][3]                            0.21 
_refine.aniso_B[2][2]                            -0.40 
_refine.aniso_B[2][3]                            0.00 
_refine.aniso_B[3][3]                            -0.22 
_refine.B_iso_max                                ? 
_refine.B_iso_mean                               11.024 
_refine.B_iso_min                                ? 
_refine.correlation_coeff_Fo_to_Fc               0.965 
_refine.correlation_coeff_Fo_to_Fc_free          0.950 
_refine.details                                  'HYDROGENS HAVE BEEN ADDED IN THE RIDING POSITIONS' 
_refine.diff_density_max                         ? 
_refine.diff_density_max_esd                     ? 
_refine.diff_density_min                         ? 
_refine.diff_density_min_esd                     ? 
_refine.diff_density_rms                         ? 
_refine.diff_density_rms_esd                     ? 
_refine.entry_id                                 6I2G 
_refine.pdbx_refine_id                           'X-RAY DIFFRACTION' 
_refine.ls_abs_structure_details                 ? 
_refine.ls_abs_structure_Flack                   ? 
_refine.ls_abs_structure_Flack_esd               ? 
_refine.ls_abs_structure_Rogers                  ? 
_refine.ls_abs_structure_Rogers_esd              ? 
_refine.ls_d_res_high                            1.50 
_refine.ls_d_res_low                             50.33 
_refine.ls_extinction_coef                       ? 
_refine.ls_extinction_coef_esd                   ? 
_refine.ls_extinction_expression                 ? 
_refine.ls_extinction_method                     ? 
_refine.ls_goodness_of_fit_all                   ? 
_refine.ls_goodness_of_fit_all_esd               ? 
_refine.ls_goodness_of_fit_obs                   ? 
_refine.ls_goodness_of_fit_obs_esd               ? 
_refine.ls_hydrogen_treatment                    ? 
_refine.ls_matrix_type                           ? 
_refine.ls_number_constraints                    ? 
_refine.ls_number_parameters                     ? 
_refine.ls_number_reflns_all                     ? 
_refine.ls_number_reflns_obs                     16704 
_refine.ls_number_reflns_R_free                  865 
_refine.ls_number_reflns_R_work                  ? 
_refine.ls_number_restraints                     ? 
_refine.ls_percent_reflns_obs                    95.21 
_refine.ls_percent_reflns_R_free                 4.9 
_refine.ls_R_factor_all                          ? 
_refine.ls_R_factor_obs                          0.16690 
_refine.ls_R_factor_R_free                       0.19978 
_refine.ls_R_factor_R_free_error                 ? 
_refine.ls_R_factor_R_free_error_details         ? 
_refine.ls_R_factor_R_work                       0.16522 
_refine.ls_R_Fsqd_factor_obs                     ? 
_refine.ls_R_I_factor_obs                        ? 
_refine.ls_redundancy_reflns_all                 ? 
_refine.ls_redundancy_reflns_obs                 ? 
_refine.ls_restrained_S_all                      ? 
_refine.ls_restrained_S_obs                      ? 
_refine.ls_shift_over_esd_max                    ? 
_refine.ls_shift_over_esd_mean                   ? 
_refine.ls_structure_factor_coef                 ? 
_refine.ls_weighting_details                     ? 
_refine.ls_weighting_scheme                      ? 
_refine.ls_wR_factor_all                         ? 
_refine.ls_wR_factor_obs                         ? 
_refine.ls_wR_factor_R_free                      ? 
_refine.ls_wR_factor_R_work                      ? 
_refine.occupancy_max                            ? 
_refine.occupancy_min                            ? 
_refine.solvent_model_details                    ? 
_refine.solvent_model_param_bsol                 ? 
_refine.solvent_model_param_ksol                 ? 
_refine.ls_R_factor_gt                           ? 
_refine.ls_goodness_of_fit_gt                    ? 
_refine.ls_goodness_of_fit_ref                   ? 
_refine.ls_shift_over_su_max                     ? 
_refine.ls_shift_over_su_max_lt                  ? 
_refine.ls_shift_over_su_mean                    ? 
_refine.ls_shift_over_su_mean_lt                 ? 
_refine.pdbx_ls_sigma_I                          ? 
_refine.pdbx_ls_sigma_F                          ? 
_refine.pdbx_ls_sigma_Fsqd                       ? 
_refine.pdbx_data_cutoff_high_absF               ? 
_refine.pdbx_data_cutoff_high_rms_absF           ? 
_refine.pdbx_data_cutoff_low_absF                ? 
_refine.pdbx_isotropic_thermal_model             ? 
_refine.pdbx_ls_cross_valid_method               THROUGHOUT 
_refine.pdbx_method_to_determine_struct          'MOLECULAR REPLACEMENT' 
_refine.pdbx_starting_model                      5VNV 
_refine.pdbx_stereochemistry_target_values       ? 
_refine.pdbx_R_Free_selection_details            RANDOM 
_refine.pdbx_stereochem_target_val_spec_case     ? 
_refine.pdbx_overall_ESU_R                       0.082 
_refine.pdbx_overall_ESU_R_Free                  0.083 
_refine.pdbx_solvent_vdw_probe_radii             1.20 
_refine.pdbx_solvent_ion_probe_radii             0.80 
_refine.pdbx_solvent_shrinkage_radii             0.80 
_refine.pdbx_real_space_R                        ? 
_refine.pdbx_density_correlation                 ? 
_refine.pdbx_pd_number_of_powder_patterns        ? 
_refine.pdbx_pd_number_of_points                 ? 
_refine.pdbx_pd_meas_number_of_points            ? 
_refine.pdbx_pd_proc_ls_prof_R_factor            ? 
_refine.pdbx_pd_proc_ls_prof_wR_factor           ? 
_refine.pdbx_pd_Marquardt_correlation_coeff      ? 
_refine.pdbx_pd_Fsqrd_R_factor                   ? 
_refine.pdbx_pd_ls_matrix_band_width             ? 
_refine.pdbx_overall_phase_error                 ? 
_refine.pdbx_overall_SU_R_free_Cruickshank_DPI   ? 
_refine.pdbx_overall_SU_R_free_Blow_DPI          ? 
_refine.pdbx_overall_SU_R_Blow_DPI               ? 
_refine.pdbx_TLS_residual_ADP_flag               ? 
_refine.pdbx_diffrn_id                           1 
_refine.overall_SU_B                             1.448 
_refine.overall_SU_ML                            0.054 
_refine.overall_SU_R_Cruickshank_DPI             ? 
_refine.overall_SU_R_free                        ? 
_refine.overall_FOM_free_R_set                   ? 
_refine.overall_FOM_work_R_set                   ? 
_refine.pdbx_average_fsc_overall                 ? 
_refine.pdbx_average_fsc_work                    ? 
_refine.pdbx_average_fsc_free                    ? 
# 
_refine_hist.pdbx_refine_id                   'X-RAY DIFFRACTION' 
_refine_hist.cycle_id                         1 
_refine_hist.pdbx_number_atoms_protein        1066 
_refine_hist.pdbx_number_atoms_nucleic_acid   0 
_refine_hist.pdbx_number_atoms_ligand         10 
_refine_hist.number_atoms_solvent             118 
_refine_hist.number_atoms_total               1194 
_refine_hist.d_res_high                       1.50 
_refine_hist.d_res_low                        50.33 
# 
loop_
_refine_ls_restr.pdbx_refine_id 
_refine_ls_restr.criterion 
_refine_ls_restr.dev_ideal 
_refine_ls_restr.dev_ideal_target 
_refine_ls_restr.number 
_refine_ls_restr.rejects 
_refine_ls_restr.type 
_refine_ls_restr.weight 
_refine_ls_restr.pdbx_restraint_function 
'X-RAY DIFFRACTION' ? 0.013  0.013  1112 ? r_bond_refined_d             ? ? 
'X-RAY DIFFRACTION' ? 0.001  0.018  1004 ? r_bond_other_d               ? ? 
'X-RAY DIFFRACTION' ? 1.857  1.669  1505 ? r_angle_refined_deg          ? ? 
'X-RAY DIFFRACTION' ? 1.509  1.608  2319 ? r_angle_other_deg            ? ? 
'X-RAY DIFFRACTION' ? 7.055  5.000  138  ? r_dihedral_angle_1_deg       ? ? 
'X-RAY DIFFRACTION' ? 28.811 20.303 66   ? r_dihedral_angle_2_deg       ? ? 
'X-RAY DIFFRACTION' ? 12.115 15.000 187  ? r_dihedral_angle_3_deg       ? ? 
'X-RAY DIFFRACTION' ? 15.227 15.000 13   ? r_dihedral_angle_4_deg       ? ? 
'X-RAY DIFFRACTION' ? 0.083  0.200  138  ? r_chiral_restr               ? ? 
'X-RAY DIFFRACTION' ? 0.010  0.020  1277 ? r_gen_planes_refined         ? ? 
'X-RAY DIFFRACTION' ? 0.002  0.020  256  ? r_gen_planes_other           ? ? 
'X-RAY DIFFRACTION' ? ?      ?      ?    ? r_nbd_refined                ? ? 
'X-RAY DIFFRACTION' ? ?      ?      ?    ? r_nbd_other                  ? ? 
'X-RAY DIFFRACTION' ? ?      ?      ?    ? r_nbtor_refined              ? ? 
'X-RAY DIFFRACTION' ? ?      ?      ?    ? r_nbtor_other                ? ? 
'X-RAY DIFFRACTION' ? ?      ?      ?    ? r_xyhbond_nbd_refined        ? ? 
'X-RAY DIFFRACTION' ? ?      ?      ?    ? r_xyhbond_nbd_other          ? ? 
'X-RAY DIFFRACTION' ? ?      ?      ?    ? r_metal_ion_refined          ? ? 
'X-RAY DIFFRACTION' ? ?      ?      ?    ? r_metal_ion_other            ? ? 
'X-RAY DIFFRACTION' ? ?      ?      ?    ? r_symmetry_vdw_refined       ? ? 
'X-RAY DIFFRACTION' ? ?      ?      ?    ? r_symmetry_vdw_other         ? ? 
'X-RAY DIFFRACTION' ? ?      ?      ?    ? r_symmetry_hbond_refined     ? ? 
'X-RAY DIFFRACTION' ? ?      ?      ?    ? r_symmetry_hbond_other       ? ? 
'X-RAY DIFFRACTION' ? ?      ?      ?    ? r_symmetry_metal_ion_refined ? ? 
'X-RAY DIFFRACTION' ? ?      ?      ?    ? r_symmetry_metal_ion_other   ? ? 
'X-RAY DIFFRACTION' ? 1.116  0.990  555  ? r_mcbond_it                  ? ? 
'X-RAY DIFFRACTION' ? 1.115  0.991  556  ? r_mcbond_other               ? ? 
'X-RAY DIFFRACTION' ? 1.721  1.477  692  ? r_mcangle_it                 ? ? 
'X-RAY DIFFRACTION' ? 1.721  1.478  693  ? r_mcangle_other              ? ? 
'X-RAY DIFFRACTION' ? 2.243  1.261  557  ? r_scbond_it                  ? ? 
'X-RAY DIFFRACTION' ? 2.202  1.228  549  ? r_scbond_other               ? ? 
'X-RAY DIFFRACTION' ? ?      ?      ?    ? r_scangle_it                 ? ? 
'X-RAY DIFFRACTION' ? 3.329  1.763  802  ? r_scangle_other              ? ? 
'X-RAY DIFFRACTION' ? 4.235  12.106 1164 ? r_long_range_B_refined       ? ? 
'X-RAY DIFFRACTION' ? 4.212  11.839 1145 ? r_long_range_B_other         ? ? 
'X-RAY DIFFRACTION' ? ?      ?      ?    ? r_rigid_bond_restr           ? ? 
'X-RAY DIFFRACTION' ? ?      ?      ?    ? r_sphericity_free            ? ? 
'X-RAY DIFFRACTION' ? ?      ?      ?    ? r_sphericity_bonded          ? ? 
# 
_refine_ls_shell.pdbx_refine_id                   'X-RAY DIFFRACTION' 
_refine_ls_shell.d_res_high                       1.500 
_refine_ls_shell.d_res_low                        1.538 
_refine_ls_shell.number_reflns_all                ? 
_refine_ls_shell.number_reflns_obs                ? 
_refine_ls_shell.number_reflns_R_free             58 
_refine_ls_shell.number_reflns_R_work             1211 
_refine_ls_shell.percent_reflns_obs               93.93 
_refine_ls_shell.percent_reflns_R_free            ? 
_refine_ls_shell.R_factor_all                     ? 
_refine_ls_shell.R_factor_obs                     ? 
_refine_ls_shell.R_factor_R_free                  0.263 
_refine_ls_shell.R_factor_R_free_error            ? 
_refine_ls_shell.R_factor_R_work                  0.188 
_refine_ls_shell.redundancy_reflns_all            ? 
_refine_ls_shell.redundancy_reflns_obs            ? 
_refine_ls_shell.wR_factor_all                    ? 
_refine_ls_shell.wR_factor_obs                    ? 
_refine_ls_shell.wR_factor_R_free                 ? 
_refine_ls_shell.wR_factor_R_work                 ? 
_refine_ls_shell.pdbx_total_number_of_bins_used   20 
_refine_ls_shell.pdbx_phase_error                 ? 
_refine_ls_shell.pdbx_fsc_work                    ? 
_refine_ls_shell.pdbx_fsc_free                    ? 
# 
_struct.entry_id                     6I2G 
_struct.title                        'ALFA-tag binding nanobody (NbALFA) bound to ALFA-tag peptide.' 
_struct.pdbx_model_details           ? 
_struct.pdbx_formula_weight          ? 
_struct.pdbx_formula_weight_method   ? 
_struct.pdbx_model_type_details      ? 
_struct.pdbx_CASP_flag               N 
# 
_struct_keywords.entry_id        6I2G 
_struct_keywords.text            'Nanobody, ALFA, tag, PEPTIDE BINDING PROTEIN' 
_struct_keywords.pdbx_keywords   'PEPTIDE BINDING PROTEIN' 
# 
loop_
_struct_asym.id 
_struct_asym.pdbx_blank_PDB_chainid_flag 
_struct_asym.pdbx_modified 
_struct_asym.entity_id 
_struct_asym.details 
A N N 1 ? 
B N N 2 ? 
C N N 3 ? 
D N N 3 ? 
E N N 4 ? 
F N N 4 ? 
# 
loop_
_struct_ref.id 
_struct_ref.db_name 
_struct_ref.db_code 
_struct_ref.pdbx_db_accession 
_struct_ref.pdbx_db_isoform 
_struct_ref.entity_id 
_struct_ref.pdbx_seq_one_letter_code 
_struct_ref.pdbx_align_begin 
1 PDB 6I2G 6I2G ? 1 ? 1 
2 PDB 6I2G 6I2G ? 2 ? 1 
# 
loop_
_struct_ref_seq.align_id 
_struct_ref_seq.ref_id 
_struct_ref_seq.pdbx_PDB_id_code 
_struct_ref_seq.pdbx_strand_id 
_struct_ref_seq.seq_align_beg 
_struct_ref_seq.pdbx_seq_align_beg_ins_code 
_struct_ref_seq.seq_align_end 
_struct_ref_seq.pdbx_seq_align_end_ins_code 
_struct_ref_seq.pdbx_db_accession 
_struct_ref_seq.db_align_beg 
_struct_ref_seq.pdbx_db_align_beg_ins_code 
_struct_ref_seq.db_align_end 
_struct_ref_seq.pdbx_db_align_end_ins_code 
_struct_ref_seq.pdbx_auth_seq_align_beg 
_struct_ref_seq.pdbx_auth_seq_align_end 
1 1 6I2G A 1 ? 124 ? 6I2G 1 ? 124 ? 1 124 
2 2 6I2G B 1 ? 15  ? 6I2G 1 ? 15  ? 1 15  
# 
_pdbx_struct_assembly.id                   1 
_pdbx_struct_assembly.details              author_and_software_defined_assembly 
_pdbx_struct_assembly.method_details       PISA 
_pdbx_struct_assembly.oligomeric_details   dimeric 
_pdbx_struct_assembly.oligomeric_count     2 
# 
loop_
_pdbx_struct_assembly_prop.biol_id 
_pdbx_struct_assembly_prop.type 
_pdbx_struct_assembly_prop.value 
_pdbx_struct_assembly_prop.details 
1 'ABSA (A^2)' 2360 ? 
1 MORE         -28  ? 
1 'SSA (A^2)'  6720 ? 
# 
_pdbx_struct_assembly_gen.assembly_id       1 
_pdbx_struct_assembly_gen.oper_expression   1 
_pdbx_struct_assembly_gen.asym_id_list      A,B,C,D,E,F 
# 
_pdbx_struct_assembly_auth_evidence.id                     1 
_pdbx_struct_assembly_auth_evidence.assembly_id            1 
_pdbx_struct_assembly_auth_evidence.experimental_support   'gel filtration' 
_pdbx_struct_assembly_auth_evidence.details                ? 
# 
_pdbx_struct_oper_list.id                   1 
_pdbx_struct_oper_list.type                 'identity operation' 
_pdbx_struct_oper_list.name                 1_555 
_pdbx_struct_oper_list.symmetry_operation   x,y,z 
_pdbx_struct_oper_list.matrix[1][1]         1.0000000000 
_pdbx_struct_oper_list.matrix[1][2]         0.0000000000 
_pdbx_struct_oper_list.matrix[1][3]         0.0000000000 
_pdbx_struct_oper_list.vector[1]            0.0000000000 
_pdbx_struct_oper_list.matrix[2][1]         0.0000000000 
_pdbx_struct_oper_list.matrix[2][2]         1.0000000000 
_pdbx_struct_oper_list.matrix[2][3]         0.0000000000 
_pdbx_struct_oper_list.vector[2]            0.0000000000 
_pdbx_struct_oper_list.matrix[3][1]         0.0000000000 
_pdbx_struct_oper_list.matrix[3][2]         0.0000000000 
_pdbx_struct_oper_list.matrix[3][3]         1.0000000000 
_pdbx_struct_oper_list.vector[3]            0.0000000000 
# 
loop_
_struct_conf.conf_type_id 
_struct_conf.id 
_struct_conf.pdbx_PDB_helix_id 
_struct_conf.beg_label_comp_id 
_struct_conf.beg_label_asym_id 
_struct_conf.beg_label_seq_id 
_struct_conf.pdbx_beg_PDB_ins_code 
_struct_conf.end_label_comp_id 
_struct_conf.end_label_asym_id 
_struct_conf.end_label_seq_id 
_struct_conf.pdbx_end_PDB_ins_code 
_struct_conf.beg_auth_comp_id 
_struct_conf.beg_auth_asym_id 
_struct_conf.beg_auth_seq_id 
_struct_conf.end_auth_comp_id 
_struct_conf.end_auth_asym_id 
_struct_conf.end_auth_seq_id 
_struct_conf.pdbx_PDB_helix_class 
_struct_conf.details 
_struct_conf.pdbx_PDB_helix_length 
HELX_P HELX_P1 AA1 THR A 30 ? ALA A 36 ? THR A 30 ALA A 36 1 ? 7  
HELX_P HELX_P2 AA2 GLU A 66 ? GLN A 69 ? GLU A 66 GLN A 69 5 ? 4  
HELX_P HELX_P3 AA3 LYS A 91 ? THR A 95 ? LYS A 91 THR A 95 5 ? 5  
HELX_P HELX_P4 AA4 SER B 2  ? GLU B 14 ? SER B 2  GLU B 14 1 ? 13 
# 
_struct_conf_type.id          HELX_P 
_struct_conf_type.criteria    ? 
_struct_conf_type.reference   ? 
# 
loop_
_struct_conn.id 
_struct_conn.conn_type_id 
_struct_conn.pdbx_leaving_atom_flag 
_struct_conn.pdbx_PDB_id 
_struct_conn.ptnr1_label_asym_id 
_struct_conn.ptnr1_label_comp_id 
_struct_conn.ptnr1_label_seq_id 
_struct_conn.ptnr1_label_atom_id 
_struct_conn.pdbx_ptnr1_label_alt_id 
_struct_conn.pdbx_ptnr1_PDB_ins_code 
_struct_conn.pdbx_ptnr1_standard_comp_id 
_struct_conn.ptnr1_symmetry 
_struct_conn.ptnr2_label_asym_id 
_struct_conn.ptnr2_label_comp_id 
_struct_conn.ptnr2_label_seq_id 
_struct_conn.ptnr2_label_atom_id 
_struct_conn.pdbx_ptnr2_label_alt_id 
_struct_conn.pdbx_ptnr2_PDB_ins_code 
_struct_conn.ptnr1_auth_asym_id 
_struct_conn.ptnr1_auth_comp_id 
_struct_conn.ptnr1_auth_seq_id 
_struct_conn.ptnr2_auth_asym_id 
_struct_conn.ptnr2_auth_comp_id 
_struct_conn.ptnr2_auth_seq_id 
_struct_conn.ptnr2_symmetry 
_struct_conn.pdbx_ptnr3_label_atom_id 
_struct_conn.pdbx_ptnr3_label_seq_id 
_struct_conn.pdbx_ptnr3_label_comp_id 
_struct_conn.pdbx_ptnr3_label_asym_id 
_struct_conn.pdbx_ptnr3_label_alt_id 
_struct_conn.pdbx_ptnr3_PDB_ins_code 
_struct_conn.details 
_struct_conn.pdbx_dist_value 
_struct_conn.pdbx_value_order 
_struct_conn.pdbx_role 
disulf1 disulf ?    ? A CYS 24 SG ? ? ? 1_555 A CYS 100 SG ? ? A CYS 24 A CYS 100 1_555 ? ? ? ? ? ? ? 2.046 ? ? 
covale1 covale both ? B N7P 1  C  ? ? ? 1_555 B SER 2   N  ? ? B N7P 1  B SER 2   1_555 ? ? ? ? ? ? ? 1.573 ? ? 
# 
loop_
_struct_conn_type.id 
_struct_conn_type.criteria 
_struct_conn_type.reference 
disulf ? ? 
covale ? ? 
# 
loop_
_struct_sheet.id 
_struct_sheet.type 
_struct_sheet.number_strands 
_struct_sheet.details 
AA1 ? 4 ? 
AA2 ? 6 ? 
AA3 ? 4 ? 
# 
loop_
_struct_sheet_order.sheet_id 
_struct_sheet_order.range_id_1 
_struct_sheet_order.range_id_2 
_struct_sheet_order.offset 
_struct_sheet_order.sense 
AA1 1 2 ? anti-parallel 
AA1 2 3 ? anti-parallel 
AA1 3 4 ? anti-parallel 
AA2 1 2 ? parallel      
AA2 2 3 ? anti-parallel 
AA2 3 4 ? anti-parallel 
AA2 4 5 ? anti-parallel 
AA2 5 6 ? anti-parallel 
AA3 1 2 ? parallel      
AA3 2 3 ? anti-parallel 
AA3 3 4 ? anti-parallel 
# 
loop_
_struct_sheet_range.sheet_id 
_struct_sheet_range.id 
_struct_sheet_range.beg_label_comp_id 
_struct_sheet_range.beg_label_asym_id 
_struct_sheet_range.beg_label_seq_id 
_struct_sheet_range.pdbx_beg_PDB_ins_code 
_struct_sheet_range.end_label_comp_id 
_struct_sheet_range.end_label_asym_id 
_struct_sheet_range.end_label_seq_id 
_struct_sheet_range.pdbx_end_PDB_ins_code 
_struct_sheet_range.beg_auth_comp_id 
_struct_sheet_range.beg_auth_asym_id 
_struct_sheet_range.beg_auth_seq_id 
_struct_sheet_range.end_auth_comp_id 
_struct_sheet_range.end_auth_asym_id 
_struct_sheet_range.end_auth_seq_id 
AA1 1 GLN A 5   ? SER A 9   ? GLN A 5   SER A 9   
AA1 2 LEU A 20  ? SER A 27  ? LEU A 20  SER A 27  
AA1 3 MET A 82  ? MET A 87  ? MET A 82  MET A 87  
AA1 4 PHE A 72  ? ASP A 77  ? PHE A 72  ASP A 77  
AA2 1 GLY A 12  ? VAL A 14  ? GLY A 12  VAL A 14  
AA2 2 THR A 118 ? VAL A 122 ? THR A 118 VAL A 122 
AA2 3 ALA A 96  ? ASP A 105 ? ALA A 96  ASP A 105 
AA2 4 ALA A 38  ? GLN A 44  ? ALA A 38  GLN A 44  
AA2 5 VAL A 51  ? VAL A 56  ? VAL A 51  VAL A 56  
AA2 6 ALA A 62  ? TYR A 64  ? ALA A 62  TYR A 64  
AA3 1 GLY A 12  ? VAL A 14  ? GLY A 12  VAL A 14  
AA3 2 THR A 118 ? VAL A 122 ? THR A 118 VAL A 122 
AA3 3 ALA A 96  ? ASP A 105 ? ALA A 96  ASP A 105 
AA3 4 PHE A 110 ? TRP A 114 ? PHE A 110 TRP A 114 
# 
loop_
_pdbx_struct_sheet_hbond.sheet_id 
_pdbx_struct_sheet_hbond.range_id_1 
_pdbx_struct_sheet_hbond.range_id_2 
_pdbx_struct_sheet_hbond.range_1_label_atom_id 
_pdbx_struct_sheet_hbond.range_1_label_comp_id 
_pdbx_struct_sheet_hbond.range_1_label_asym_id 
_pdbx_struct_sheet_hbond.range_1_label_seq_id 
_pdbx_struct_sheet_hbond.range_1_PDB_ins_code 
_pdbx_struct_sheet_hbond.range_1_auth_atom_id 
_pdbx_struct_sheet_hbond.range_1_auth_comp_id 
_pdbx_struct_sheet_hbond.range_1_auth_asym_id 
_pdbx_struct_sheet_hbond.range_1_auth_seq_id 
_pdbx_struct_sheet_hbond.range_2_label_atom_id 
_pdbx_struct_sheet_hbond.range_2_label_comp_id 
_pdbx_struct_sheet_hbond.range_2_label_asym_id 
_pdbx_struct_sheet_hbond.range_2_label_seq_id 
_pdbx_struct_sheet_hbond.range_2_PDB_ins_code 
_pdbx_struct_sheet_hbond.range_2_auth_atom_id 
_pdbx_struct_sheet_hbond.range_2_auth_comp_id 
_pdbx_struct_sheet_hbond.range_2_auth_asym_id 
_pdbx_struct_sheet_hbond.range_2_auth_seq_id 
AA1 1 2 N GLN A 5   ? N GLN A 5   O SER A 27  ? O SER A 27  
AA1 2 3 N LEU A 20  ? N LEU A 20  O MET A 87  ? O MET A 87  
AA1 3 4 O GLN A 86  ? O GLN A 86  N THR A 73  ? N THR A 73  
AA2 1 2 N GLY A 12  ? N GLY A 12  O GLN A 119 ? O GLN A 119 
AA2 2 3 O THR A 118 ? O THR A 118 N TYR A 98  ? N TYR A 98  
AA2 3 4 O HIS A 101 ? O HIS A 101 N GLY A 40  ? N GLY A 40  
AA2 4 5 N MET A 39  ? N MET A 39  O VAL A 56  ? O VAL A 56  
AA2 5 6 N ALA A 55  ? N ALA A 55  O MET A 63  ? O MET A 63  
AA3 1 2 N GLY A 12  ? N GLY A 12  O GLN A 119 ? O GLN A 119 
AA3 2 3 O THR A 118 ? O THR A 118 N TYR A 98  ? N TYR A 98  
AA3 3 4 N GLU A 104 ? N GLU A 104 O HIS A 111 ? O HIS A 111 
# 
loop_
_struct_site.id 
_struct_site.pdbx_evidence_code 
_struct_site.pdbx_auth_asym_id 
_struct_site.pdbx_auth_comp_id 
_struct_site.pdbx_auth_seq_id 
_struct_site.pdbx_auth_ins_code 
_struct_site.pdbx_num_residues 
_struct_site.details 
AC1 Software A SO4 201 ? 3 'binding site for residue SO4 A 201' 
AC2 Software A SO4 202 ? 6 'binding site for residue SO4 A 202' 
# 
loop_
_struct_site_gen.id 
_struct_site_gen.site_id 
_struct_site_gen.pdbx_num_res 
_struct_site_gen.label_comp_id 
_struct_site_gen.label_asym_id 
_struct_site_gen.label_seq_id 
_struct_site_gen.pdbx_auth_ins_code 
_struct_site_gen.auth_comp_id 
_struct_site_gen.auth_asym_id 
_struct_site_gen.auth_seq_id 
_struct_site_gen.label_atom_id 
_struct_site_gen.label_alt_id 
_struct_site_gen.symmetry 
_struct_site_gen.details 
1 AC1 3 ARG A 43 ? ARG A 43  . ? 1_555 ? 
2 AC1 3 ARG A 65 ? ARG A 65  . ? 1_555 ? 
3 AC1 3 SER A 67 ? SER A 67  . ? 1_555 ? 
4 AC2 6 SER A 27 ? SER A 27  . ? 1_555 ? 
5 AC2 6 GLY A 28 ? GLY A 28  . ? 1_555 ? 
6 AC2 6 VAL A 29 ? VAL A 29  . ? 1_555 ? 
7 AC2 6 ARG A 49 ? ARG A 49  . ? 3_444 ? 
8 AC2 6 LYS A 81 ? LYS A 81  . ? 1_555 ? 
9 AC2 6 HOH E .  ? HOH A 309 . ? 1_555 ? 
# 
loop_
_pdbx_validate_rmsd_bond.id 
_pdbx_validate_rmsd_bond.PDB_model_num 
_pdbx_validate_rmsd_bond.auth_atom_id_1 
_pdbx_validate_rmsd_bond.auth_asym_id_1 
_pdbx_validate_rmsd_bond.auth_comp_id_1 
_pdbx_validate_rmsd_bond.auth_seq_id_1 
_pdbx_validate_rmsd_bond.PDB_ins_code_1 
_pdbx_validate_rmsd_bond.label_alt_id_1 
_pdbx_validate_rmsd_bond.auth_atom_id_2 
_pdbx_validate_rmsd_bond.auth_asym_id_2 
_pdbx_validate_rmsd_bond.auth_comp_id_2 
_pdbx_validate_rmsd_bond.auth_seq_id_2 
_pdbx_validate_rmsd_bond.PDB_ins_code_2 
_pdbx_validate_rmsd_bond.label_alt_id_2 
_pdbx_validate_rmsd_bond.bond_value 
_pdbx_validate_rmsd_bond.bond_target_value 
_pdbx_validate_rmsd_bond.bond_deviation 
_pdbx_validate_rmsd_bond.bond_standard_deviation 
_pdbx_validate_rmsd_bond.linker_flag 
1 1 C B N7P 1  ? ? N B SER 2  ? ? 1.573 1.336 0.237 0.023 Y 
2 1 C B GLU 14 ? ? N B LPD 15 ? ? 1.606 1.336 0.270 0.023 Y 
# 
loop_
_pdbx_validate_rmsd_angle.id 
_pdbx_validate_rmsd_angle.PDB_model_num 
_pdbx_validate_rmsd_angle.auth_atom_id_1 
_pdbx_validate_rmsd_angle.auth_asym_id_1 
_pdbx_validate_rmsd_angle.auth_comp_id_1 
_pdbx_validate_rmsd_angle.auth_seq_id_1 
_pdbx_validate_rmsd_angle.PDB_ins_code_1 
_pdbx_validate_rmsd_angle.label_alt_id_1 
_pdbx_validate_rmsd_angle.auth_atom_id_2 
_pdbx_validate_rmsd_angle.auth_asym_id_2 
_pdbx_validate_rmsd_angle.auth_comp_id_2 
_pdbx_validate_rmsd_angle.auth_seq_id_2 
_pdbx_validate_rmsd_angle.PDB_ins_code_2 
_pdbx_validate_rmsd_angle.label_alt_id_2 
_pdbx_validate_rmsd_angle.auth_atom_id_3 
_pdbx_validate_rmsd_angle.auth_asym_id_3 
_pdbx_validate_rmsd_angle.auth_comp_id_3 
_pdbx_validate_rmsd_angle.auth_seq_id_3 
_pdbx_validate_rmsd_angle.PDB_ins_code_3 
_pdbx_validate_rmsd_angle.label_alt_id_3 
_pdbx_validate_rmsd_angle.angle_value 
_pdbx_validate_rmsd_angle.angle_target_value 
_pdbx_validate_rmsd_angle.angle_deviation 
_pdbx_validate_rmsd_angle.angle_standard_deviation 
_pdbx_validate_rmsd_angle.linker_flag 
1 1 O B N7P 1  ? ? C B N7P 1  ? ? N B SER 2  ? ? 105.87 122.70 -16.83 1.60 Y 
2 1 O B GLU 14 ? ? C B GLU 14 ? ? N B LPD 15 ? ? 111.66 122.70 -11.04 1.60 Y 
# 
_pdbx_validate_torsion.id              1 
_pdbx_validate_torsion.PDB_model_num   1 
_pdbx_validate_torsion.auth_comp_id    VAL 
_pdbx_validate_torsion.auth_asym_id    A 
_pdbx_validate_torsion.auth_seq_id     107 
_pdbx_validate_torsion.PDB_ins_code    ? 
_pdbx_validate_torsion.label_alt_id    ? 
_pdbx_validate_torsion.phi             77.16 
_pdbx_validate_torsion.psi             -60.62 
# 
_pdbx_validate_polymer_linkage.id               1 
_pdbx_validate_polymer_linkage.PDB_model_num    1 
_pdbx_validate_polymer_linkage.auth_atom_id_1   C 
_pdbx_validate_polymer_linkage.auth_asym_id_1   B 
_pdbx_validate_polymer_linkage.auth_comp_id_1   GLU 
_pdbx_validate_polymer_linkage.auth_seq_id_1    14 
_pdbx_validate_polymer_linkage.PDB_ins_code_1   ? 
_pdbx_validate_polymer_linkage.label_alt_id_1   ? 
_pdbx_validate_polymer_linkage.auth_atom_id_2   N 
_pdbx_validate_polymer_linkage.auth_asym_id_2   B 
_pdbx_validate_polymer_linkage.auth_comp_id_2   LPD 
_pdbx_validate_polymer_linkage.auth_seq_id_2    15 
_pdbx_validate_polymer_linkage.PDB_ins_code_2   ? 
_pdbx_validate_polymer_linkage.label_alt_id_2   ? 
_pdbx_validate_polymer_linkage.dist             1.61 
# 
_pdbx_struct_special_symmetry.id              1 
_pdbx_struct_special_symmetry.PDB_model_num   1 
_pdbx_struct_special_symmetry.auth_asym_id    A 
_pdbx_struct_special_symmetry.auth_comp_id    HOH 
_pdbx_struct_special_symmetry.auth_seq_id     383 
_pdbx_struct_special_symmetry.PDB_ins_code    ? 
_pdbx_struct_special_symmetry.label_asym_id   E 
_pdbx_struct_special_symmetry.label_comp_id   HOH 
_pdbx_struct_special_symmetry.label_seq_id    . 
# 
loop_
_pdbx_unobs_or_zero_occ_residues.id 
_pdbx_unobs_or_zero_occ_residues.PDB_model_num 
_pdbx_unobs_or_zero_occ_residues.polymer_flag 
_pdbx_unobs_or_zero_occ_residues.occupancy_flag 
_pdbx_unobs_or_zero_occ_residues.auth_asym_id 
_pdbx_unobs_or_zero_occ_residues.auth_comp_id 
_pdbx_unobs_or_zero_occ_residues.auth_seq_id 
_pdbx_unobs_or_zero_occ_residues.PDB_ins_code 
_pdbx_unobs_or_zero_occ_residues.label_asym_id 
_pdbx_unobs_or_zero_occ_residues.label_comp_id 
_pdbx_unobs_or_zero_occ_residues.label_seq_id 
1 1 Y 1 A SER 1 ? A SER 1 
2 1 Y 1 A GLY 2 ? A GLY 2 
3 1 Y 1 A GLU 3 ? A GLU 3 
# 
loop_
_chem_comp_atom.comp_id 
_chem_comp_atom.atom_id 
_chem_comp_atom.type_symbol 
_chem_comp_atom.pdbx_aromatic_flag 
_chem_comp_atom.pdbx_stereo_config 
_chem_comp_atom.pdbx_ordinal 
ALA N    N N N 1   
ALA CA   C N S 2   
ALA C    C N N 3   
ALA O    O N N 4   
ALA CB   C N N 5   
ALA OXT  O N N 6   
ALA H    H N N 7   
ALA H2   H N N 8   
ALA HA   H N N 9   
ALA HB1  H N N 10  
ALA HB2  H N N 11  
ALA HB3  H N N 12  
ALA HXT  H N N 13  
ARG N    N N N 14  
ARG CA   C N S 15  
ARG C    C N N 16  
ARG O    O N N 17  
ARG CB   C N N 18  
ARG CG   C N N 19  
ARG CD   C N N 20  
ARG NE   N N N 21  
ARG CZ   C N N 22  
ARG NH1  N N N 23  
ARG NH2  N N N 24  
ARG OXT  O N N 25  
ARG H    H N N 26  
ARG H2   H N N 27  
ARG HA   H N N 28  
ARG HB2  H N N 29  
ARG HB3  H N N 30  
ARG HG2  H N N 31  
ARG HG3  H N N 32  
ARG HD2  H N N 33  
ARG HD3  H N N 34  
ARG HE   H N N 35  
ARG HH11 H N N 36  
ARG HH12 H N N 37  
ARG HH21 H N N 38  
ARG HH22 H N N 39  
ARG HXT  H N N 40  
ASN N    N N N 41  
ASN CA   C N S 42  
ASN C    C N N 43  
ASN O    O N N 44  
ASN CB   C N N 45  
ASN CG   C N N 46  
ASN OD1  O N N 47  
ASN ND2  N N N 48  
ASN OXT  O N N 49  
ASN H    H N N 50  
ASN H2   H N N 51  
ASN HA   H N N 52  
ASN HB2  H N N 53  
ASN HB3  H N N 54  
ASN HD21 H N N 55  
ASN HD22 H N N 56  
ASN HXT  H N N 57  
ASP N    N N N 58  
ASP CA   C N S 59  
ASP C    C N N 60  
ASP O    O N N 61  
ASP CB   C N N 62  
ASP CG   C N N 63  
ASP OD1  O N N 64  
ASP OD2  O N N 65  
ASP OXT  O N N 66  
ASP H    H N N 67  
ASP H2   H N N 68  
ASP HA   H N N 69  
ASP HB2  H N N 70  
ASP HB3  H N N 71  
ASP HD2  H N N 72  
ASP HXT  H N N 73  
CYS N    N N N 74  
CYS CA   C N R 75  
CYS C    C N N 76  
CYS O    O N N 77  
CYS CB   C N N 78  
CYS SG   S N N 79  
CYS OXT  O N N 80  
CYS H    H N N 81  
CYS H2   H N N 82  
CYS HA   H N N 83  
CYS HB2  H N N 84  
CYS HB3  H N N 85  
CYS HG   H N N 86  
CYS HXT  H N N 87  
GLN N    N N N 88  
GLN CA   C N S 89  
GLN C    C N N 90  
GLN O    O N N 91  
GLN CB   C N N 92  
GLN CG   C N N 93  
GLN CD   C N N 94  
GLN OE1  O N N 95  
GLN NE2  N N N 96  
GLN OXT  O N N 97  
GLN H    H N N 98  
GLN H2   H N N 99  
GLN HA   H N N 100 
GLN HB2  H N N 101 
GLN HB3  H N N 102 
GLN HG2  H N N 103 
GLN HG3  H N N 104 
GLN HE21 H N N 105 
GLN HE22 H N N 106 
GLN HXT  H N N 107 
GLU N    N N N 108 
GLU CA   C N S 109 
GLU C    C N N 110 
GLU O    O N N 111 
GLU CB   C N N 112 
GLU CG   C N N 113 
GLU CD   C N N 114 
GLU OE1  O N N 115 
GLU OE2  O N N 116 
GLU OXT  O N N 117 
GLU H    H N N 118 
GLU H2   H N N 119 
GLU HA   H N N 120 
GLU HB2  H N N 121 
GLU HB3  H N N 122 
GLU HG2  H N N 123 
GLU HG3  H N N 124 
GLU HE2  H N N 125 
GLU HXT  H N N 126 
GLY N    N N N 127 
GLY CA   C N N 128 
GLY C    C N N 129 
GLY O    O N N 130 
GLY OXT  O N N 131 
GLY H    H N N 132 
GLY H2   H N N 133 
GLY HA2  H N N 134 
GLY HA3  H N N 135 
GLY HXT  H N N 136 
HIS N    N N N 137 
HIS CA   C N S 138 
HIS C    C N N 139 
HIS O    O N N 140 
HIS CB   C N N 141 
HIS CG   C Y N 142 
HIS ND1  N Y N 143 
HIS CD2  C Y N 144 
HIS CE1  C Y N 145 
HIS NE2  N Y N 146 
HIS OXT  O N N 147 
HIS H    H N N 148 
HIS H2   H N N 149 
HIS HA   H N N 150 
HIS HB2  H N N 151 
HIS HB3  H N N 152 
HIS HD1  H N N 153 
HIS HD2  H N N 154 
HIS HE1  H N N 155 
HIS HE2  H N N 156 
HIS HXT  H N N 157 
HOH O    O N N 158 
HOH H1   H N N 159 
HOH H2   H N N 160 
ILE N    N N N 161 
ILE CA   C N S 162 
ILE C    C N N 163 
ILE O    O N N 164 
ILE CB   C N S 165 
ILE CG1  C N N 166 
ILE CG2  C N N 167 
ILE CD1  C N N 168 
ILE OXT  O N N 169 
ILE H    H N N 170 
ILE H2   H N N 171 
ILE HA   H N N 172 
ILE HB   H N N 173 
ILE HG12 H N N 174 
ILE HG13 H N N 175 
ILE HG21 H N N 176 
ILE HG22 H N N 177 
ILE HG23 H N N 178 
ILE HD11 H N N 179 
ILE HD12 H N N 180 
ILE HD13 H N N 181 
ILE HXT  H N N 182 
LEU N    N N N 183 
LEU CA   C N S 184 
LEU C    C N N 185 
LEU O    O N N 186 
LEU CB   C N N 187 
LEU CG   C N N 188 
LEU CD1  C N N 189 
LEU CD2  C N N 190 
LEU OXT  O N N 191 
LEU H    H N N 192 
LEU H2   H N N 193 
LEU HA   H N N 194 
LEU HB2  H N N 195 
LEU HB3  H N N 196 
LEU HG   H N N 197 
LEU HD11 H N N 198 
LEU HD12 H N N 199 
LEU HD13 H N N 200 
LEU HD21 H N N 201 
LEU HD22 H N N 202 
LEU HD23 H N N 203 
LEU HXT  H N N 204 
LPD O    O N N 205 
LPD C    C N N 206 
LPD N2   N N N 207 
LPD CA   C N S 208 
LPD N    N N N 209 
LPD CD   C N N 210 
LPD CG   C N N 211 
LPD CB   C N N 212 
LPD HN21 H N N 213 
LPD HN22 H N N 214 
LPD HA   H N N 215 
LPD H    H N N 216 
LPD HD3  H N N 217 
LPD HD2  H N N 218 
LPD HG3  H N N 219 
LPD HG2  H N N 220 
LPD HB2  H N N 221 
LPD HB3  H N N 222 
LYS N    N N N 223 
LYS CA   C N S 224 
LYS C    C N N 225 
LYS O    O N N 226 
LYS CB   C N N 227 
LYS CG   C N N 228 
LYS CD   C N N 229 
LYS CE   C N N 230 
LYS NZ   N N N 231 
LYS OXT  O N N 232 
LYS H    H N N 233 
LYS H2   H N N 234 
LYS HA   H N N 235 
LYS HB2  H N N 236 
LYS HB3  H N N 237 
LYS HG2  H N N 238 
LYS HG3  H N N 239 
LYS HD2  H N N 240 
LYS HD3  H N N 241 
LYS HE2  H N N 242 
LYS HE3  H N N 243 
LYS HZ1  H N N 244 
LYS HZ2  H N N 245 
LYS HZ3  H N N 246 
LYS HXT  H N N 247 
MET N    N N N 248 
MET CA   C N S 249 
MET C    C N N 250 
MET O    O N N 251 
MET CB   C N N 252 
MET CG   C N N 253 
MET SD   S N N 254 
MET CE   C N N 255 
MET OXT  O N N 256 
MET H    H N N 257 
MET H2   H N N 258 
MET HA   H N N 259 
MET HB2  H N N 260 
MET HB3  H N N 261 
MET HG2  H N N 262 
MET HG3  H N N 263 
MET HE1  H N N 264 
MET HE2  H N N 265 
MET HE3  H N N 266 
MET HXT  H N N 267 
N7P OXT  O N N 268 
N7P C    C N N 269 
N7P O    O N N 270 
N7P CA   C N S 271 
N7P N    N N N 272 
N7P C1   C N N 273 
N7P O1   O N N 274 
N7P C2   C N N 275 
N7P CD   C N N 276 
N7P CG   C N N 277 
N7P CB   C N N 278 
N7P HXT  H N N 279 
N7P HA   H N N 280 
N7P H3   H N N 281 
N7P H4   H N N 282 
N7P H5   H N N 283 
N7P HD2  H N N 284 
N7P HD3  H N N 285 
N7P HG2  H N N 286 
N7P HG3  H N N 287 
N7P HB2  H N N 288 
N7P HB3  H N N 289 
PHE N    N N N 290 
PHE CA   C N S 291 
PHE C    C N N 292 
PHE O    O N N 293 
PHE CB   C N N 294 
PHE CG   C Y N 295 
PHE CD1  C Y N 296 
PHE CD2  C Y N 297 
PHE CE1  C Y N 298 
PHE CE2  C Y N 299 
PHE CZ   C Y N 300 
PHE OXT  O N N 301 
PHE H    H N N 302 
PHE H2   H N N 303 
PHE HA   H N N 304 
PHE HB2  H N N 305 
PHE HB3  H N N 306 
PHE HD1  H N N 307 
PHE HD2  H N N 308 
PHE HE1  H N N 309 
PHE HE2  H N N 310 
PHE HZ   H N N 311 
PHE HXT  H N N 312 
PRO N    N N N 313 
PRO CA   C N S 314 
PRO C    C N N 315 
PRO O    O N N 316 
PRO CB   C N N 317 
PRO CG   C N N 318 
PRO CD   C N N 319 
PRO OXT  O N N 320 
PRO H    H N N 321 
PRO HA   H N N 322 
PRO HB2  H N N 323 
PRO HB3  H N N 324 
PRO HG2  H N N 325 
PRO HG3  H N N 326 
PRO HD2  H N N 327 
PRO HD3  H N N 328 
PRO HXT  H N N 329 
SER N    N N N 330 
SER CA   C N S 331 
SER C    C N N 332 
SER O    O N N 333 
SER CB   C N N 334 
SER OG   O N N 335 
SER OXT  O N N 336 
SER H    H N N 337 
SER H2   H N N 338 
SER HA   H N N 339 
SER HB2  H N N 340 
SER HB3  H N N 341 
SER HG   H N N 342 
SER HXT  H N N 343 
SO4 S    S N N 344 
SO4 O1   O N N 345 
SO4 O2   O N N 346 
SO4 O3   O N N 347 
SO4 O4   O N N 348 
THR N    N N N 349 
THR CA   C N S 350 
THR C    C N N 351 
THR O    O N N 352 
THR CB   C N R 353 
THR OG1  O N N 354 
THR CG2  C N N 355 
THR OXT  O N N 356 
THR H    H N N 357 
THR H2   H N N 358 
THR HA   H N N 359 
THR HB   H N N 360 
THR HG1  H N N 361 
THR HG21 H N N 362 
THR HG22 H N N 363 
THR HG23 H N N 364 
THR HXT  H N N 365 
TRP N    N N N 366 
TRP CA   C N S 367 
TRP C    C N N 368 
TRP O    O N N 369 
TRP CB   C N N 370 
TRP CG   C Y N 371 
TRP CD1  C Y N 372 
TRP CD2  C Y N 373 
TRP NE1  N Y N 374 
TRP CE2  C Y N 375 
TRP CE3  C Y N 376 
TRP CZ2  C Y N 377 
TRP CZ3  C Y N 378 
TRP CH2  C Y N 379 
TRP OXT  O N N 380 
TRP H    H N N 381 
TRP H2   H N N 382 
TRP HA   H N N 383 
TRP HB2  H N N 384 
TRP HB3  H N N 385 
TRP HD1  H N N 386 
TRP HE1  H N N 387 
TRP HE3  H N N 388 
TRP HZ2  H N N 389 
TRP HZ3  H N N 390 
TRP HH2  H N N 391 
TRP HXT  H N N 392 
TYR N    N N N 393 
TYR CA   C N S 394 
TYR C    C N N 395 
TYR O    O N N 396 
TYR CB   C N N 397 
TYR CG   C Y N 398 
TYR CD1  C Y N 399 
TYR CD2  C Y N 400 
TYR CE1  C Y N 401 
TYR CE2  C Y N 402 
TYR CZ   C Y N 403 
TYR OH   O N N 404 
TYR OXT  O N N 405 
TYR H    H N N 406 
TYR H2   H N N 407 
TYR HA   H N N 408 
TYR HB2  H N N 409 
TYR HB3  H N N 410 
TYR HD1  H N N 411 
TYR HD2  H N N 412 
TYR HE1  H N N 413 
TYR HE2  H N N 414 
TYR HH   H N N 415 
TYR HXT  H N N 416 
VAL N    N N N 417 
VAL CA   C N S 418 
VAL C    C N N 419 
VAL O    O N N 420 
VAL CB   C N N 421 
VAL CG1  C N N 422 
VAL CG2  C N N 423 
VAL OXT  O N N 424 
VAL H    H N N 425 
VAL H2   H N N 426 
VAL HA   H N N 427 
VAL HB   H N N 428 
VAL HG11 H N N 429 
VAL HG12 H N N 430 
VAL HG13 H N N 431 
VAL HG21 H N N 432 
VAL HG22 H N N 433 
VAL HG23 H N N 434 
VAL HXT  H N N 435 
# 
loop_
_chem_comp_bond.comp_id 
_chem_comp_bond.atom_id_1 
_chem_comp_bond.atom_id_2 
_chem_comp_bond.value_order 
_chem_comp_bond.pdbx_aromatic_flag 
_chem_comp_bond.pdbx_stereo_config 
_chem_comp_bond.pdbx_ordinal 
ALA N   CA   sing N N 1   
ALA N   H    sing N N 2   
ALA N   H2   sing N N 3   
ALA CA  C    sing N N 4   
ALA CA  CB   sing N N 5   
ALA CA  HA   sing N N 6   
ALA C   O    doub N N 7   
ALA C   OXT  sing N N 8   
ALA CB  HB1  sing N N 9   
ALA CB  HB2  sing N N 10  
ALA CB  HB3  sing N N 11  
ALA OXT HXT  sing N N 12  
ARG N   CA   sing N N 13  
ARG N   H    sing N N 14  
ARG N   H2   sing N N 15  
ARG CA  C    sing N N 16  
ARG CA  CB   sing N N 17  
ARG CA  HA   sing N N 18  
ARG C   O    doub N N 19  
ARG C   OXT  sing N N 20  
ARG CB  CG   sing N N 21  
ARG CB  HB2  sing N N 22  
ARG CB  HB3  sing N N 23  
ARG CG  CD   sing N N 24  
ARG CG  HG2  sing N N 25  
ARG CG  HG3  sing N N 26  
ARG CD  NE   sing N N 27  
ARG CD  HD2  sing N N 28  
ARG CD  HD3  sing N N 29  
ARG NE  CZ   sing N N 30  
ARG NE  HE   sing N N 31  
ARG CZ  NH1  sing N N 32  
ARG CZ  NH2  doub N N 33  
ARG NH1 HH11 sing N N 34  
ARG NH1 HH12 sing N N 35  
ARG NH2 HH21 sing N N 36  
ARG NH2 HH22 sing N N 37  
ARG OXT HXT  sing N N 38  
ASN N   CA   sing N N 39  
ASN N   H    sing N N 40  
ASN N   H2   sing N N 41  
ASN CA  C    sing N N 42  
ASN CA  CB   sing N N 43  
ASN CA  HA   sing N N 44  
ASN C   O    doub N N 45  
ASN C   OXT  sing N N 46  
ASN CB  CG   sing N N 47  
ASN CB  HB2  sing N N 48  
ASN CB  HB3  sing N N 49  
ASN CG  OD1  doub N N 50  
ASN CG  ND2  sing N N 51  
ASN ND2 HD21 sing N N 52  
ASN ND2 HD22 sing N N 53  
ASN OXT HXT  sing N N 54  
ASP N   CA   sing N N 55  
ASP N   H    sing N N 56  
ASP N   H2   sing N N 57  
ASP CA  C    sing N N 58  
ASP CA  CB   sing N N 59  
ASP CA  HA   sing N N 60  
ASP C   O    doub N N 61  
ASP C   OXT  sing N N 62  
ASP CB  CG   sing N N 63  
ASP CB  HB2  sing N N 64  
ASP CB  HB3  sing N N 65  
ASP CG  OD1  doub N N 66  
ASP CG  OD2  sing N N 67  
ASP OD2 HD2  sing N N 68  
ASP OXT HXT  sing N N 69  
CYS N   CA   sing N N 70  
CYS N   H    sing N N 71  
CYS N   H2   sing N N 72  
CYS CA  C    sing N N 73  
CYS CA  CB   sing N N 74  
CYS CA  HA   sing N N 75  
CYS C   O    doub N N 76  
CYS C   OXT  sing N N 77  
CYS CB  SG   sing N N 78  
CYS CB  HB2  sing N N 79  
CYS CB  HB3  sing N N 80  
CYS SG  HG   sing N N 81  
CYS OXT HXT  sing N N 82  
GLN N   CA   sing N N 83  
GLN N   H    sing N N 84  
GLN N   H2   sing N N 85  
GLN CA  C    sing N N 86  
GLN CA  CB   sing N N 87  
GLN CA  HA   sing N N 88  
GLN C   O    doub N N 89  
GLN C   OXT  sing N N 90  
GLN CB  CG   sing N N 91  
GLN CB  HB2  sing N N 92  
GLN CB  HB3  sing N N 93  
GLN CG  CD   sing N N 94  
GLN CG  HG2  sing N N 95  
GLN CG  HG3  sing N N 96  
GLN CD  OE1  doub N N 97  
GLN CD  NE2  sing N N 98  
GLN NE2 HE21 sing N N 99  
GLN NE2 HE22 sing N N 100 
GLN OXT HXT  sing N N 101 
GLU N   CA   sing N N 102 
GLU N   H    sing N N 103 
GLU N   H2   sing N N 104 
GLU CA  C    sing N N 105 
GLU CA  CB   sing N N 106 
GLU CA  HA   sing N N 107 
GLU C   O    doub N N 108 
GLU C   OXT  sing N N 109 
GLU CB  CG   sing N N 110 
GLU CB  HB2  sing N N 111 
GLU CB  HB3  sing N N 112 
GLU CG  CD   sing N N 113 
GLU CG  HG2  sing N N 114 
GLU CG  HG3  sing N N 115 
GLU CD  OE1  doub N N 116 
GLU CD  OE2  sing N N 117 
GLU OE2 HE2  sing N N 118 
GLU OXT HXT  sing N N 119 
GLY N   CA   sing N N 120 
GLY N   H    sing N N 121 
GLY N   H2   sing N N 122 
GLY CA  C    sing N N 123 
GLY CA  HA2  sing N N 124 
GLY CA  HA3  sing N N 125 
GLY C   O    doub N N 126 
GLY C   OXT  sing N N 127 
GLY OXT HXT  sing N N 128 
HIS N   CA   sing N N 129 
HIS N   H    sing N N 130 
HIS N   H2   sing N N 131 
HIS CA  C    sing N N 132 
HIS CA  CB   sing N N 133 
HIS CA  HA   sing N N 134 
HIS C   O    doub N N 135 
HIS C   OXT  sing N N 136 
HIS CB  CG   sing N N 137 
HIS CB  HB2  sing N N 138 
HIS CB  HB3  sing N N 139 
HIS CG  ND1  sing Y N 140 
HIS CG  CD2  doub Y N 141 
HIS ND1 CE1  doub Y N 142 
HIS ND1 HD1  sing N N 143 
HIS CD2 NE2  sing Y N 144 
HIS CD2 HD2  sing N N 145 
HIS CE1 NE2  sing Y N 146 
HIS CE1 HE1  sing N N 147 
HIS NE2 HE2  sing N N 148 
HIS OXT HXT  sing N N 149 
HOH O   H1   sing N N 150 
HOH O   H2   sing N N 151 
ILE N   CA   sing N N 152 
ILE N   H    sing N N 153 
ILE N   H2   sing N N 154 
ILE CA  C    sing N N 155 
ILE CA  CB   sing N N 156 
ILE CA  HA   sing N N 157 
ILE C   O    doub N N 158 
ILE C   OXT  sing N N 159 
ILE CB  CG1  sing N N 160 
ILE CB  CG2  sing N N 161 
ILE CB  HB   sing N N 162 
ILE CG1 CD1  sing N N 163 
ILE CG1 HG12 sing N N 164 
ILE CG1 HG13 sing N N 165 
ILE CG2 HG21 sing N N 166 
ILE CG2 HG22 sing N N 167 
ILE CG2 HG23 sing N N 168 
ILE CD1 HD11 sing N N 169 
ILE CD1 HD12 sing N N 170 
ILE CD1 HD13 sing N N 171 
ILE OXT HXT  sing N N 172 
LEU N   CA   sing N N 173 
LEU N   H    sing N N 174 
LEU N   H2   sing N N 175 
LEU CA  C    sing N N 176 
LEU CA  CB   sing N N 177 
LEU CA  HA   sing N N 178 
LEU C   O    doub N N 179 
LEU C   OXT  sing N N 180 
LEU CB  CG   sing N N 181 
LEU CB  HB2  sing N N 182 
LEU CB  HB3  sing N N 183 
LEU CG  CD1  sing N N 184 
LEU CG  CD2  sing N N 185 
LEU CG  HG   sing N N 186 
LEU CD1 HD11 sing N N 187 
LEU CD1 HD12 sing N N 188 
LEU CD1 HD13 sing N N 189 
LEU CD2 HD21 sing N N 190 
LEU CD2 HD22 sing N N 191 
LEU CD2 HD23 sing N N 192 
LEU OXT HXT  sing N N 193 
LPD O   C    doub N N 194 
LPD C   N2   sing N N 195 
LPD C   CA   sing N N 196 
LPD N2  HN21 sing N N 197 
LPD N2  HN22 sing N N 198 
LPD CA  N    sing N N 199 
LPD CA  CB   sing N N 200 
LPD CA  HA   sing N N 201 
LPD N   CD   sing N N 202 
LPD N   H    sing N N 203 
LPD CD  CG   sing N N 204 
LPD CD  HD3  sing N N 205 
LPD CD  HD2  sing N N 206 
LPD CG  CB   sing N N 207 
LPD CG  HG3  sing N N 208 
LPD CG  HG2  sing N N 209 
LPD CB  HB2  sing N N 210 
LPD CB  HB3  sing N N 211 
LYS N   CA   sing N N 212 
LYS N   H    sing N N 213 
LYS N   H2   sing N N 214 
LYS CA  C    sing N N 215 
LYS CA  CB   sing N N 216 
LYS CA  HA   sing N N 217 
LYS C   O    doub N N 218 
LYS C   OXT  sing N N 219 
LYS CB  CG   sing N N 220 
LYS CB  HB2  sing N N 221 
LYS CB  HB3  sing N N 222 
LYS CG  CD   sing N N 223 
LYS CG  HG2  sing N N 224 
LYS CG  HG3  sing N N 225 
LYS CD  CE   sing N N 226 
LYS CD  HD2  sing N N 227 
LYS CD  HD3  sing N N 228 
LYS CE  NZ   sing N N 229 
LYS CE  HE2  sing N N 230 
LYS CE  HE3  sing N N 231 
LYS NZ  HZ1  sing N N 232 
LYS NZ  HZ2  sing N N 233 
LYS NZ  HZ3  sing N N 234 
LYS OXT HXT  sing N N 235 
MET N   CA   sing N N 236 
MET N   H    sing N N 237 
MET N   H2   sing N N 238 
MET CA  C    sing N N 239 
MET CA  CB   sing N N 240 
MET CA  HA   sing N N 241 
MET C   O    doub N N 242 
MET C   OXT  sing N N 243 
MET CB  CG   sing N N 244 
MET CB  HB2  sing N N 245 
MET CB  HB3  sing N N 246 
MET CG  SD   sing N N 247 
MET CG  HG2  sing N N 248 
MET CG  HG3  sing N N 249 
MET SD  CE   sing N N 250 
MET CE  HE1  sing N N 251 
MET CE  HE2  sing N N 252 
MET CE  HE3  sing N N 253 
MET OXT HXT  sing N N 254 
N7P CG  CB   sing N N 255 
N7P CG  CD   sing N N 256 
N7P CB  CA   sing N N 257 
N7P CD  N    sing N N 258 
N7P N   CA   sing N N 259 
N7P N   C1   sing N N 260 
N7P CA  C    sing N N 261 
N7P C2  C1   sing N N 262 
N7P C1  O1   doub N N 263 
N7P C   O    doub N N 264 
N7P C   OXT  sing N N 265 
N7P OXT HXT  sing N N 266 
N7P CA  HA   sing N N 267 
N7P C2  H3   sing N N 268 
N7P C2  H4   sing N N 269 
N7P C2  H5   sing N N 270 
N7P CD  HD2  sing N N 271 
N7P CD  HD3  sing N N 272 
N7P CG  HG2  sing N N 273 
N7P CG  HG3  sing N N 274 
N7P CB  HB2  sing N N 275 
N7P CB  HB3  sing N N 276 
PHE N   CA   sing N N 277 
PHE N   H    sing N N 278 
PHE N   H2   sing N N 279 
PHE CA  C    sing N N 280 
PHE CA  CB   sing N N 281 
PHE CA  HA   sing N N 282 
PHE C   O    doub N N 283 
PHE C   OXT  sing N N 284 
PHE CB  CG   sing N N 285 
PHE CB  HB2  sing N N 286 
PHE CB  HB3  sing N N 287 
PHE CG  CD1  doub Y N 288 
PHE CG  CD2  sing Y N 289 
PHE CD1 CE1  sing Y N 290 
PHE CD1 HD1  sing N N 291 
PHE CD2 CE2  doub Y N 292 
PHE CD2 HD2  sing N N 293 
PHE CE1 CZ   doub Y N 294 
PHE CE1 HE1  sing N N 295 
PHE CE2 CZ   sing Y N 296 
PHE CE2 HE2  sing N N 297 
PHE CZ  HZ   sing N N 298 
PHE OXT HXT  sing N N 299 
PRO N   CA   sing N N 300 
PRO N   CD   sing N N 301 
PRO N   H    sing N N 302 
PRO CA  C    sing N N 303 
PRO CA  CB   sing N N 304 
PRO CA  HA   sing N N 305 
PRO C   O    doub N N 306 
PRO C   OXT  sing N N 307 
PRO CB  CG   sing N N 308 
PRO CB  HB2  sing N N 309 
PRO CB  HB3  sing N N 310 
PRO CG  CD   sing N N 311 
PRO CG  HG2  sing N N 312 
PRO CG  HG3  sing N N 313 
PRO CD  HD2  sing N N 314 
PRO CD  HD3  sing N N 315 
PRO OXT HXT  sing N N 316 
SER N   CA   sing N N 317 
SER N   H    sing N N 318 
SER N   H2   sing N N 319 
SER CA  C    sing N N 320 
SER CA  CB   sing N N 321 
SER CA  HA   sing N N 322 
SER C   O    doub N N 323 
SER C   OXT  sing N N 324 
SER CB  OG   sing N N 325 
SER CB  HB2  sing N N 326 
SER CB  HB3  sing N N 327 
SER OG  HG   sing N N 328 
SER OXT HXT  sing N N 329 
SO4 S   O1   doub N N 330 
SO4 S   O2   doub N N 331 
SO4 S   O3   sing N N 332 
SO4 S   O4   sing N N 333 
THR N   CA   sing N N 334 
THR N   H    sing N N 335 
THR N   H2   sing N N 336 
THR CA  C    sing N N 337 
THR CA  CB   sing N N 338 
THR CA  HA   sing N N 339 
THR C   O    doub N N 340 
THR C   OXT  sing N N 341 
THR CB  OG1  sing N N 342 
THR CB  CG2  sing N N 343 
THR CB  HB   sing N N 344 
THR OG1 HG1  sing N N 345 
THR CG2 HG21 sing N N 346 
THR CG2 HG22 sing N N 347 
THR CG2 HG23 sing N N 348 
THR OXT HXT  sing N N 349 
TRP N   CA   sing N N 350 
TRP N   H    sing N N 351 
TRP N   H2   sing N N 352 
TRP CA  C    sing N N 353 
TRP CA  CB   sing N N 354 
TRP CA  HA   sing N N 355 
TRP C   O    doub N N 356 
TRP C   OXT  sing N N 357 
TRP CB  CG   sing N N 358 
TRP CB  HB2  sing N N 359 
TRP CB  HB3  sing N N 360 
TRP CG  CD1  doub Y N 361 
TRP CG  CD2  sing Y N 362 
TRP CD1 NE1  sing Y N 363 
TRP CD1 HD1  sing N N 364 
TRP CD2 CE2  doub Y N 365 
TRP CD2 CE3  sing Y N 366 
TRP NE1 CE2  sing Y N 367 
TRP NE1 HE1  sing N N 368 
TRP CE2 CZ2  sing Y N 369 
TRP CE3 CZ3  doub Y N 370 
TRP CE3 HE3  sing N N 371 
TRP CZ2 CH2  doub Y N 372 
TRP CZ2 HZ2  sing N N 373 
TRP CZ3 CH2  sing Y N 374 
TRP CZ3 HZ3  sing N N 375 
TRP CH2 HH2  sing N N 376 
TRP OXT HXT  sing N N 377 
TYR N   CA   sing N N 378 
TYR N   H    sing N N 379 
TYR N   H2   sing N N 380 
TYR CA  C    sing N N 381 
TYR CA  CB   sing N N 382 
TYR CA  HA   sing N N 383 
TYR C   O    doub N N 384 
TYR C   OXT  sing N N 385 
TYR CB  CG   sing N N 386 
TYR CB  HB2  sing N N 387 
TYR CB  HB3  sing N N 388 
TYR CG  CD1  doub Y N 389 
TYR CG  CD2  sing Y N 390 
TYR CD1 CE1  sing Y N 391 
TYR CD1 HD1  sing N N 392 
TYR CD2 CE2  doub Y N 393 
TYR CD2 HD2  sing N N 394 
TYR CE1 CZ   doub Y N 395 
TYR CE1 HE1  sing N N 396 
TYR CE2 CZ   sing Y N 397 
TYR CE2 HE2  sing N N 398 
TYR CZ  OH   sing N N 399 
TYR OH  HH   sing N N 400 
TYR OXT HXT  sing N N 401 
VAL N   CA   sing N N 402 
VAL N   H    sing N N 403 
VAL N   H2   sing N N 404 
VAL CA  C    sing N N 405 
VAL CA  CB   sing N N 406 
VAL CA  HA   sing N N 407 
VAL C   O    doub N N 408 
VAL C   OXT  sing N N 409 
VAL CB  CG1  sing N N 410 
VAL CB  CG2  sing N N 411 
VAL CB  HB   sing N N 412 
VAL CG1 HG11 sing N N 413 
VAL CG1 HG12 sing N N 414 
VAL CG1 HG13 sing N N 415 
VAL CG2 HG21 sing N N 416 
VAL CG2 HG22 sing N N 417 
VAL CG2 HG23 sing N N 418 
VAL OXT HXT  sing N N 419 
# 
_pdbx_initial_refinement_model.id               1 
_pdbx_initial_refinement_model.entity_id_list   ? 
_pdbx_initial_refinement_model.type             'experimental model' 
_pdbx_initial_refinement_model.source_name      PDB 
_pdbx_initial_refinement_model.accession_code   5VNV 
_pdbx_initial_refinement_model.details          ? 
# 
_atom_sites.entry_id                    6I2G 
_atom_sites.fract_transf_matrix[1][1]   0.01102669 
_atom_sites.fract_transf_matrix[1][2]   0.01449286 
_atom_sites.fract_transf_matrix[1][3]   0.00108555 
_atom_sites.fract_transf_matrix[2][1]   0.02384531 
_atom_sites.fract_transf_matrix[2][2]   -0.01860958 
_atom_sites.fract_transf_matrix[2][3]   0.00623748 
_atom_sites.fract_transf_matrix[3][1]   0.01753243 
_atom_sites.fract_transf_matrix[3][2]   0.01788182 
_atom_sites.fract_transf_matrix[3][3]   -0.01367431 
_atom_sites.fract_transf_vector[1]      -0.087933 
_atom_sites.fract_transf_vector[2]      0.203576 
_atom_sites.fract_transf_vector[3]      0.064734 
# 
loop_
_atom_type.symbol 
C 
N 
O 
S 
# 
loop_
_atom_site.group_PDB 
_atom_site.id 
_atom_site.type_symbol 
_atom_site.label_atom_id 
_atom_site.label_alt_id 
_atom_site.label_comp_id 
_atom_site.label_asym_id 
_atom_site.label_entity_id 
_atom_site.label_seq_id 
_atom_site.pdbx_PDB_ins_code 
_atom_site.Cartn_x 
_atom_site.Cartn_y 
_atom_site.Cartn_z 
_atom_site.occupancy 
_atom_site.B_iso_or_equiv 
_atom_site.pdbx_formal_charge 
_atom_site.auth_seq_id 
_atom_site.auth_comp_id 
_atom_site.auth_asym_id 
_atom_site.auth_atom_id 
_atom_site.pdbx_PDB_model_num 
ATOM   1    N N   . VAL A 1 4   ? -8.264  -13.149 -3.638  1.00 20.30 ? 4   VAL A N   1 
ATOM   2    C CA  . VAL A 1 4   ? -8.373  -11.812 -2.969  1.00 19.57 ? 4   VAL A CA  1 
ATOM   3    C C   . VAL A 1 4   ? -8.642  -10.747 -4.037  1.00 19.21 ? 4   VAL A C   1 
ATOM   4    O O   . VAL A 1 4   ? -7.847  -10.691 -4.985  1.00 23.40 ? 4   VAL A O   1 
ATOM   5    C CB  . VAL A 1 4   ? -7.114  -11.491 -2.148  1.00 19.49 ? 4   VAL A CB  1 
ATOM   6    C CG1 . VAL A 1 4   ? -7.207  -10.112 -1.515  1.00 20.97 ? 4   VAL A CG1 1 
ATOM   7    C CG2 . VAL A 1 4   ? -6.870  -12.555 -1.093  1.00 21.18 ? 4   VAL A CG2 1 
ATOM   8    N N   . GLN A 1 5   ? -9.787  -10.043 -3.964  1.00 15.71 ? 5   GLN A N   1 
ATOM   9    C CA  . GLN A 1 5   ? -10.181 -8.908  -4.846  1.00 14.68 ? 5   GLN A CA  1 
ATOM   10   C C   . GLN A 1 5   ? -9.919  -7.609  -4.083  1.00 11.79 ? 5   GLN A C   1 
ATOM   11   O O   . GLN A 1 5   ? -10.397 -7.521  -2.936  1.00 11.59 ? 5   GLN A O   1 
ATOM   12   C CB  . GLN A 1 5   ? -11.669 -8.965  -5.174  1.00 19.85 ? 5   GLN A CB  1 
ATOM   13   C CG  . GLN A 1 5   ? -12.151 -10.336 -5.624  1.00 26.52 ? 5   GLN A CG  1 
ATOM   14   C CD  . GLN A 1 5   ? -11.596 -10.753 -6.964  1.00 32.72 ? 5   GLN A CD  1 
ATOM   15   O OE1 . GLN A 1 5   ? -11.519 -11.948 -7.270  1.00 44.72 ? 5   GLN A OE1 1 
ATOM   16   N NE2 . GLN A 1 5   ? -11.219 -9.775  -7.775  1.00 33.32 ? 5   GLN A NE2 1 
ATOM   17   N N   . LEU A 1 6   ? -9.229  -6.647  -4.686  1.00 8.75  ? 6   LEU A N   1 
ATOM   18   C CA  . LEU A 1 6   ? -8.903  -5.390  -3.977  1.00 7.49  ? 6   LEU A CA  1 
ATOM   19   C C   . LEU A 1 6   ? -9.508  -4.204  -4.722  1.00 7.55  ? 6   LEU A C   1 
ATOM   20   O O   . LEU A 1 6   ? -9.366  -4.116  -5.964  1.00 8.27  ? 6   LEU A O   1 
ATOM   21   C CB  . LEU A 1 6   ? -7.386  -5.255  -3.898  1.00 6.65  ? 6   LEU A CB  1 
ATOM   22   C CG  . LEU A 1 6   ? -6.686  -6.417  -3.190  1.00 6.92  ? 6   LEU A CG  1 
ATOM   23   C CD1 . LEU A 1 6   ? -5.193  -6.260  -3.335  1.00 6.47  ? 6   LEU A CD1 1 
ATOM   24   C CD2 . LEU A 1 6   ? -7.046  -6.447  -1.715  1.00 7.71  ? 6   LEU A CD2 1 
ATOM   25   N N   . GLN A 1 7   ? -10.077 -3.273  -3.969  1.00 7.29  ? 7   GLN A N   1 
ATOM   26   C CA  . GLN A 1 7   ? -10.661 -2.044  -4.568  1.00 7.40  ? 7   GLN A CA  1 
ATOM   27   C C   . GLN A 1 7   ? -10.254 -0.805  -3.791  1.00 7.23  ? 7   GLN A C   1 
ATOM   28   O O   . GLN A 1 7   ? -10.609 -0.698  -2.607  1.00 7.98  ? 7   GLN A O   1 
ATOM   29   C CB  . GLN A 1 7   ? -12.167 -2.125  -4.644  1.00 8.12  ? 7   GLN A CB  1 
ATOM   30   C CG  . GLN A 1 7   ? -12.793 -0.913  -5.306  1.00 9.14  ? 7   GLN A CG  1 
ATOM   31   C CD  . GLN A 1 7   ? -12.448 -0.662  -6.752  1.00 10.01 ? 7   GLN A CD  1 
ATOM   32   O OE1 . GLN A 1 7   ? -12.767 -1.473  -7.626  1.00 14.76 ? 7   GLN A OE1 1 
ATOM   33   N NE2 . GLN A 1 7   ? -11.774 0.457   -7.028  1.00 10.35 ? 7   GLN A NE2 1 
ATOM   34   N N   . GLU A 1 8   ? -9.594  0.115   -4.472  1.00 6.61  ? 8   GLU A N   1 
ATOM   35   C CA  . GLU A 1 8   ? -9.172  1.425   -3.934  1.00 6.80  ? 8   GLU A CA  1 
ATOM   36   C C   . GLU A 1 8   ? -10.347 2.396   -4.021  1.00 6.69  ? 8   GLU A C   1 
ATOM   37   O O   . GLU A 1 8   ? -11.195 2.277   -4.907  1.00 7.00  ? 8   GLU A O   1 
ATOM   38   C CB  . GLU A 1 8   ? -8.033  2.026   -4.738  1.00 6.72  ? 8   GLU A CB  1 
ATOM   39   C CG  . GLU A 1 8   ? -6.757  1.238   -4.762  1.00 6.29  ? 8   GLU A CG  1 
ATOM   40   C CD  . GLU A 1 8   ? -6.608  0.236   -5.899  1.00 6.21  ? 8   GLU A CD  1 
ATOM   41   O OE1 . GLU A 1 8   ? -7.639  -0.188  -6.451  1.00 6.84  ? 8   GLU A OE1 1 
ATOM   42   O OE2 . GLU A 1 8   ? -5.440  -0.178  -6.166  1.00 6.53  ? 8   GLU A OE2 1 
ATOM   43   N N   . SER A 1 9   ? -10.395 3.310   -3.055  1.00 6.77  ? 9   SER A N   1 
ATOM   44   C CA  . SER A 1 9   ? -11.223 4.541   -3.079  1.00 7.50  ? 9   SER A CA  1 
ATOM   45   C C   . SER A 1 9   ? -10.320 5.752   -2.791  1.00 7.08  ? 9   SER A C   1 
ATOM   46   O O   . SER A 1 9   ? -9.345  5.612   -2.008  1.00 7.40  ? 9   SER A O   1 
ATOM   47   C CB  . SER A 1 9   ? -12.311 4.483   -2.077  1.00 8.64  ? 9   SER A CB  1 
ATOM   48   O OG  . SER A 1 9   ? -13.139 3.404   -2.401  1.00 10.47 ? 9   SER A OG  1 
ATOM   49   N N   . GLY A 1 10  ? -10.641 6.888   -3.412  1.00 6.92  ? 10  GLY A N   1 
ATOM   50   C CA  . GLY A 1 10  ? -9.890  8.133   -3.298  1.00 8.18  ? 10  GLY A CA  1 
ATOM   51   C C   . GLY A 1 10  ? -8.806  8.266   -4.336  1.00 9.58  ? 10  GLY A C   1 
ATOM   52   O O   . GLY A 1 10  ? -8.421  7.259   -4.989  1.00 10.19 ? 10  GLY A O   1 
ATOM   53   N N   . GLY A 1 11  ? -8.294  9.474   -4.429  1.00 9.96  ? 11  GLY A N   1 
ATOM   54   C CA  . GLY A 1 11  ? -7.280  9.840   -5.431  1.00 9.56  ? 11  GLY A CA  1 
ATOM   55   C C   . GLY A 1 11  ? -7.489  11.248  -5.913  1.00 10.51 ? 11  GLY A C   1 
ATOM   56   O O   . GLY A 1 11  ? -8.305  11.959  -5.323  1.00 10.54 ? 11  GLY A O   1 
ATOM   57   N N   . GLY A 1 12  ? -6.745  11.599  -6.940  1.00 11.06 ? 12  GLY A N   1 
ATOM   58   C CA  . GLY A 1 12  ? -6.949  12.858  -7.662  1.00 11.13 ? 12  GLY A CA  1 
ATOM   59   C C   . GLY A 1 12  ? -5.960  13.923  -7.290  1.00 11.12 ? 12  GLY A C   1 
ATOM   60   O O   . GLY A 1 12  ? -4.866  13.606  -6.953  1.00 9.75  ? 12  GLY A O   1 
ATOM   61   N N   . LEU A 1 13  ? -6.389  15.185  -7.379  1.00 11.05 ? 13  LEU A N   1 
ATOM   62   C CA  . LEU A 1 13  ? -5.474  16.354  -7.386  1.00 11.24 ? 13  LEU A CA  1 
ATOM   63   C C   . LEU A 1 13  ? -5.328  16.939  -5.989  1.00 12.24 ? 13  LEU A C   1 
ATOM   64   O O   . LEU A 1 13  ? -6.343  17.113  -5.305  1.00 12.63 ? 13  LEU A O   1 
ATOM   65   C CB  . LEU A 1 13  ? -6.050  17.380  -8.356  1.00 11.84 ? 13  LEU A CB  1 
ATOM   66   C CG  . LEU A 1 13  ? -5.204  18.617  -8.609  1.00 13.33 ? 13  LEU A CG  1 
ATOM   67   C CD1 . LEU A 1 13  ? -3.914  18.254  -9.313  1.00 13.67 ? 13  LEU A CD1 1 
ATOM   68   C CD2 . LEU A 1 13  ? -5.963  19.597  -9.468  1.00 12.90 ? 13  LEU A CD2 1 
ATOM   69   N N   . VAL A 1 14  ? -4.109  17.284  -5.621  1.00 12.60 ? 14  VAL A N   1 
ATOM   70   C CA  . VAL A 1 14  ? -3.777  17.948  -4.335  1.00 14.98 ? 14  VAL A CA  1 
ATOM   71   C C   . VAL A 1 14  ? -2.649  18.952  -4.573  1.00 15.41 ? 14  VAL A C   1 
ATOM   72   O O   . VAL A 1 14  ? -1.816  18.778  -5.483  1.00 14.75 ? 14  VAL A O   1 
ATOM   73   C CB  . VAL A 1 14  ? -3.378  16.860  -3.318  1.00 18.46 ? 14  VAL A CB  1 
ATOM   74   C CG1 . VAL A 1 14  ? -2.095  16.197  -3.731  1.00 20.27 ? 14  VAL A CG1 1 
ATOM   75   C CG2 . VAL A 1 14  ? -3.285  17.351  -1.893  1.00 19.86 ? 14  VAL A CG2 1 
ATOM   76   N N   . GLN A 1 15  ? -2.613  19.996  -3.767  1.00 17.43 ? 15  GLN A N   1 
ATOM   77   C CA  . GLN A 1 15  ? -1.573  21.020  -3.886  1.00 18.22 ? 15  GLN A CA  1 
ATOM   78   C C   . GLN A 1 15  ? -0.404  20.542  -3.056  1.00 16.45 ? 15  GLN A C   1 
ATOM   79   O O   . GLN A 1 15  ? -0.578  19.787  -2.098  1.00 15.30 ? 15  GLN A O   1 
ATOM   80   C CB  . GLN A 1 15  ? -2.120  22.354  -3.415  1.00 23.05 ? 15  GLN A CB  1 
ATOM   81   C CG  . GLN A 1 15  ? -3.109  22.874  -4.442  1.00 29.24 ? 15  GLN A CG  1 
ATOM   82   C CD  . GLN A 1 15  ? -3.837  24.101  -3.979  1.00 35.88 ? 15  GLN A CD  1 
ATOM   83   O OE1 . GLN A 1 15  ? -4.432  24.110  -2.904  1.00 42.72 ? 15  GLN A OE1 1 
ATOM   84   N NE2 . GLN A 1 15  ? -3.792  25.140  -4.801  1.00 37.58 ? 15  GLN A NE2 1 
ATOM   85   N N   . PRO A 1 16  ? 0.826   20.949  -3.404  1.00 14.90 ? 16  PRO A N   1 
ATOM   86   C CA  . PRO A 1 16  ? 1.995   20.586  -2.614  1.00 15.40 ? 16  PRO A CA  1 
ATOM   87   C C   . PRO A 1 16  ? 1.780   21.021  -1.163  1.00 15.41 ? 16  PRO A C   1 
ATOM   88   O O   . PRO A 1 16  ? 1.264   22.097  -0.880  1.00 17.52 ? 16  PRO A O   1 
ATOM   89   C CB  . PRO A 1 16  ? 3.148   21.356  -3.276  1.00 15.93 ? 16  PRO A CB  1 
ATOM   90   C CG  . PRO A 1 16  ? 2.651   21.648  -4.684  1.00 15.30 ? 16  PRO A CG  1 
ATOM   91   C CD  . PRO A 1 16  ? 1.153   21.804  -4.555  1.00 14.42 ? 16  PRO A CD  1 
ATOM   92   N N   . GLY A 1 17  ? 2.127   20.128  -0.243  1.00 15.08 ? 17  GLY A N   1 
ATOM   93   C CA  . GLY A 1 17  ? 1.993   20.335  1.190   1.00 14.98 ? 17  GLY A CA  1 
ATOM   94   C C   . GLY A 1 17  ? 0.658   19.821  1.683   1.00 14.17 ? 17  GLY A C   1 
ATOM   95   O O   . GLY A 1 17  ? 0.469   19.753  2.907   1.00 15.82 ? 17  GLY A O   1 
ATOM   96   N N   . GLY A 1 18  ? -0.227  19.440  0.769   1.00 13.53 ? 18  GLY A N   1 
ATOM   97   C CA  . GLY A 1 18  ? -1.593  19.048  1.109   1.00 12.27 ? 18  GLY A CA  1 
ATOM   98   C C   . GLY A 1 18  ? -1.653  17.582  1.527   1.00 12.72 ? 18  GLY A C   1 
ATOM   99   O O   . GLY A 1 18  ? -0.627  16.935  1.571   1.00 12.55 ? 18  GLY A O   1 
ATOM   100  N N   . SER A 1 19  ? -2.862  17.121  1.814   1.00 12.03 ? 19  SER A N   1 
ATOM   101  C CA  . SER A 1 19  ? -3.146  15.769  2.350   1.00 12.72 ? 19  SER A CA  1 
ATOM   102  C C   . SER A 1 19  ? -4.132  15.071  1.437   1.00 11.97 ? 19  SER A C   1 
ATOM   103  O O   . SER A 1 19  ? -5.042  15.706  0.907   1.00 13.25 ? 19  SER A O   1 
ATOM   104  C CB  . SER A 1 19  ? -3.676  15.851  3.758   1.00 12.55 ? 19  SER A CB  1 
ATOM   105  O OG  . SER A 1 19  ? -2.642  16.240  4.642   1.00 14.91 ? 19  SER A OG  1 
ATOM   106  N N   . LEU A 1 20  ? -3.995  13.753  1.373   1.00 12.51 ? 20  LEU A N   1 
ATOM   107  C CA  . LEU A 1 20  ? -4.958  12.894  0.670   1.00 13.01 ? 20  LEU A CA  1 
ATOM   108  C C   . LEU A 1 20  ? -4.993  11.540  1.362   1.00 10.68 ? 20  LEU A C   1 
ATOM   109  O O   . LEU A 1 20  ? -3.931  11.026  1.711   1.00 10.62 ? 20  LEU A O   1 
ATOM   110  C CB  . LEU A 1 20  ? -4.476  12.745  -0.769  1.00 14.63 ? 20  LEU A CB  1 
ATOM   111  C CG  . LEU A 1 20  ? -5.429  11.955  -1.626  1.00 16.80 ? 20  LEU A CG  1 
ATOM   112  C CD1 . LEU A 1 20  ? -6.784  12.657  -1.666  1.00 18.44 ? 20  LEU A CD1 1 
ATOM   113  C CD2 . LEU A 1 20  ? -4.824  11.700  -3.000  1.00 18.06 ? 20  LEU A CD2 1 
ATOM   114  N N   . ARG A 1 21  ? -6.185  10.943  1.427   1.00 11.19 ? 21  ARG A N   1 
ATOM   115  C CA  . ARG A 1 21  ? -6.357  9.574   1.960   1.00 11.41 ? 21  ARG A CA  1 
ATOM   116  C C   . ARG A 1 21  ? -6.769  8.635   0.831   1.00 9.93  ? 21  ARG A C   1 
ATOM   117  O O   . ARG A 1 21  ? -7.663  8.960   0.019   1.00 10.52 ? 21  ARG A O   1 
ATOM   118  C CB  . ARG A 1 21  ? -7.394  9.539   3.077   1.00 13.64 ? 21  ARG A CB  1 
ATOM   119  C CG  . ARG A 1 21  ? -7.483  8.184   3.747   1.00 15.23 ? 21  ARG A CG  1 
ATOM   120  C CD  . ARG A 1 21  ? -8.474  8.291   4.844   1.00 18.73 ? 21  ARG A CD  1 
ATOM   121  N NE  . ARG A 1 21  ? -8.459  7.181   5.739   1.00 22.69 ? 21  ARG A NE  1 
ATOM   122  C CZ  . ARG A 1 21  ? -7.671  7.068   6.796   1.00 23.81 ? 21  ARG A CZ  1 
ATOM   123  N NH1 . ARG A 1 21  ? -6.733  7.969   7.069   1.00 22.34 ? 21  ARG A NH1 1 
ATOM   124  N NH2 . ARG A 1 21  ? -7.816  6.001   7.559   1.00 27.89 ? 21  ARG A NH2 1 
ATOM   125  N N   . LEU A 1 22  ? -6.074  7.502   0.716   1.00 7.75  ? 22  LEU A N   1 
ATOM   126  C CA  . LEU A 1 22  ? -6.547  6.356   -0.094  1.00 7.06  ? 22  LEU A CA  1 
ATOM   127  C C   . LEU A 1 22  ? -6.990  5.258   0.861   1.00 6.86  ? 22  LEU A C   1 
ATOM   128  O O   . LEU A 1 22  ? -6.330  5.046   1.891   1.00 6.42  ? 22  LEU A O   1 
ATOM   129  C CB  . LEU A 1 22  ? -5.423  5.821   -0.961  1.00 7.45  ? 22  LEU A CB  1 
ATOM   130  C CG  . LEU A 1 22  ? -4.657  6.865   -1.779  1.00 7.78  ? 22  LEU A CG  1 
ATOM   131  C CD1 . LEU A 1 22  ? -3.560  6.198   -2.582  1.00 8.13  ? 22  LEU A CD1 1 
ATOM   132  C CD2 . LEU A 1 22  ? -5.582  7.689   -2.641  1.00 8.47  ? 22  LEU A CD2 1 
ATOM   133  N N   A SER A 1 23  ? -8.058  4.578   0.488   0.80 7.32  ? 23  SER A N   1 
ATOM   134  N N   B SER A 1 23  ? -8.093  4.574   0.545   0.20 6.42  ? 23  SER A N   1 
ATOM   135  C CA  A SER A 1 23  ? -8.524  3.377   1.200   0.80 7.60  ? 23  SER A CA  1 
ATOM   136  C CA  B SER A 1 23  ? -8.565  3.380   1.294   0.20 6.20  ? 23  SER A CA  1 
ATOM   137  C C   A SER A 1 23  ? -8.611  2.187   0.241   0.80 6.76  ? 23  SER A C   1 
ATOM   138  C C   B SER A 1 23  ? -8.836  2.219   0.327   0.20 6.31  ? 23  SER A C   1 
ATOM   139  O O   A SER A 1 23  ? -8.644  2.359   -0.983  0.80 6.86  ? 23  SER A O   1 
ATOM   140  O O   B SER A 1 23  ? -9.236  2.468   -0.815  0.20 6.30  ? 23  SER A O   1 
ATOM   141  C CB  A SER A 1 23  ? -9.841  3.646   1.818   0.80 9.10  ? 23  SER A CB  1 
ATOM   142  C CB  B SER A 1 23  ? -9.775  3.691   2.138   0.20 6.00  ? 23  SER A CB  1 
ATOM   143  O OG  A SER A 1 23  ? -9.703  4.647   2.792   0.80 12.54 ? 23  SER A OG  1 
ATOM   144  O OG  B SER A 1 23  ? -10.964 3.779   1.355   0.20 5.52  ? 23  SER A OG  1 
ATOM   145  N N   . CYS A 1 24  ? -8.682  0.988   0.810   1.00 6.66  ? 24  CYS A N   1 
ATOM   146  C CA  . CYS A 1 24  ? -8.761  -0.214  -0.026  1.00 6.52  ? 24  CYS A CA  1 
ATOM   147  C C   . CYS A 1 24  ? -9.466  -1.293  0.774   1.00 7.57  ? 24  CYS A C   1 
ATOM   148  O O   . CYS A 1 24  ? -9.101  -1.517  1.944   1.00 6.73  ? 24  CYS A O   1 
ATOM   149  C CB  . CYS A 1 24  ? -7.365  -0.676  -0.421  1.00 7.00  ? 24  CYS A CB  1 
ATOM   150  S SG  . CYS A 1 24  ? -7.361  -2.291  -1.254  1.00 7.52  ? 24  CYS A SG  1 
ATOM   151  N N   A THR A 1 25  ? -10.433 -1.939  0.152   0.80 7.86  ? 25  THR A N   1 
ATOM   152  N N   B THR A 1 25  ? -10.440 -1.963  0.154   0.20 7.02  ? 25  THR A N   1 
ATOM   153  C CA  A THR A 1 25  ? -11.163 -3.079  0.745   0.80 8.76  ? 25  THR A CA  1 
ATOM   154  C CA  B THR A 1 25  ? -11.256 -3.057  0.748   0.20 7.02  ? 25  THR A CA  1 
ATOM   155  C C   A THR A 1 25  ? -10.773 -4.350  0.008   0.80 8.37  ? 25  THR A C   1 
ATOM   156  C C   B THR A 1 25  ? -10.973 -4.374  0.027   0.20 7.33  ? 25  THR A C   1 
ATOM   157  O O   A THR A 1 25  ? -10.625 -4.324  -1.231  0.80 9.01  ? 25  THR A O   1 
ATOM   158  O O   B THR A 1 25  ? -11.187 -4.410  -1.204  0.20 7.44  ? 25  THR A O   1 
ATOM   159  C CB  A THR A 1 25  ? -12.664 -2.794  0.691   0.80 9.82  ? 25  THR A CB  1 
ATOM   160  C CB  B THR A 1 25  ? -12.753 -2.779  0.576   0.20 6.70  ? 25  THR A CB  1 
ATOM   161  O OG1 A THR A 1 25  ? -12.877 -1.712  1.595   0.80 11.44 ? 25  THR A OG1 1 
ATOM   162  O OG1 B THR A 1 25  ? -12.996 -2.844  -0.828  0.20 6.15  ? 25  THR A OG1 1 
ATOM   163  C CG2 A THR A 1 25  ? -13.513 -3.965  1.103   0.80 11.30 ? 25  THR A CG2 1 
ATOM   164  C CG2 B THR A 1 25  ? -13.190 -1.432  1.102   0.20 6.63  ? 25  THR A CG2 1 
ATOM   165  N N   . ALA A 1 26  ? -10.590 -5.422  0.770   1.00 7.69  ? 26  ALA A N   1 
ATOM   166  C CA  . ALA A 1 26  ? -10.381 -6.762  0.233   1.00 8.03  ? 26  ALA A CA  1 
ATOM   167  C C   . ALA A 1 26  ? -11.716 -7.498  0.310   1.00 8.58  ? 26  ALA A C   1 
ATOM   168  O O   . ALA A 1 26  ? -12.410 -7.364  1.321   1.00 10.75 ? 26  ALA A O   1 
ATOM   169  C CB  . ALA A 1 26  ? -9.288  -7.448  1.020   1.00 7.85  ? 26  ALA A CB  1 
ATOM   170  N N   A SER A 1 27  ? -12.036 -8.251  -0.729  0.50 8.97  ? 27  SER A N   1 
ATOM   171  N N   B SER A 1 27  ? -12.025 -8.242  -0.746  0.50 9.37  ? 27  SER A N   1 
ATOM   172  C CA  A SER A 1 27  ? -13.196 -9.180  -0.750  0.50 9.32  ? 27  SER A CA  1 
ATOM   173  C CA  B SER A 1 27  ? -13.197 -9.156  -0.846  0.50 10.04 ? 27  SER A CA  1 
ATOM   174  C C   A SER A 1 27  ? -12.748 -10.524 -1.330  0.50 9.48  ? 27  SER A C   1 
ATOM   175  C C   B SER A 1 27  ? -12.731 -10.534 -1.322  0.50 9.83  ? 27  SER A C   1 
ATOM   176  O O   A SER A 1 27  ? -11.639 -10.615 -1.860  0.50 9.52  ? 27  SER A O   1 
ATOM   177  O O   B SER A 1 27  ? -11.600 -10.655 -1.793  0.50 9.72  ? 27  SER A O   1 
ATOM   178  C CB  A SER A 1 27  ? -14.342 -8.589  -1.531  0.50 9.50  ? 27  SER A CB  1 
ATOM   179  C CB  B SER A 1 27  ? -14.228 -8.597  -1.790  0.50 10.71 ? 27  SER A CB  1 
ATOM   180  O OG  A SER A 1 27  ? -13.991 -8.377  -2.896  0.50 9.58  ? 27  SER A OG  1 
ATOM   181  O OG  B SER A 1 27  ? -14.484 -7.232  -1.512  0.50 11.94 ? 27  SER A OG  1 
ATOM   182  N N   . GLY A 1 28  ? -13.603 -11.544 -1.240  1.00 10.53 ? 28  GLY A N   1 
ATOM   183  C CA  . GLY A 1 28  ? -13.277 -12.895 -1.740  1.00 11.43 ? 28  GLY A CA  1 
ATOM   184  C C   . GLY A 1 28  ? -12.196 -13.584 -0.932  1.00 13.00 ? 28  GLY A C   1 
ATOM   185  O O   . GLY A 1 28  ? -11.473 -14.439 -1.466  1.00 18.70 ? 28  GLY A O   1 
ATOM   186  N N   . VAL A 1 29  ? -12.043 -13.186 0.315   1.00 11.03 ? 29  VAL A N   1 
ATOM   187  C CA  . VAL A 1 29  ? -11.075 -13.763 1.268   1.00 10.70 ? 29  VAL A CA  1 
ATOM   188  C C   . VAL A 1 29  ? -11.685 -13.647 2.667   1.00 10.33 ? 29  VAL A C   1 
ATOM   189  O O   . VAL A 1 29  ? -12.307 -12.603 2.993   1.00 10.36 ? 29  VAL A O   1 
ATOM   190  C CB  . VAL A 1 29  ? -9.699  -13.074 1.147   1.00 10.62 ? 29  VAL A CB  1 
ATOM   191  C CG1 . VAL A 1 29  ? -9.792  -11.578 1.436   1.00 10.97 ? 29  VAL A CG1 1 
ATOM   192  C CG2 . VAL A 1 29  ? -8.642  -13.723 2.047   1.00 10.84 ? 29  VAL A CG2 1 
ATOM   193  N N   . THR A 1 30  ? -11.511 -14.668 3.493   1.00 9.65  ? 30  THR A N   1 
ATOM   194  C CA  . THR A 1 30  ? -11.950 -14.600 4.894   1.00 9.37  ? 30  THR A CA  1 
ATOM   195  C C   . THR A 1 30  ? -11.033 -13.707 5.697   1.00 8.48  ? 30  THR A C   1 
ATOM   196  O O   . THR A 1 30  ? -9.852  -13.513 5.367   1.00 8.45  ? 30  THR A O   1 
ATOM   197  C CB  . THR A 1 30  ? -12.051 -16.000 5.497   1.00 11.15 ? 30  THR A CB  1 
ATOM   198  O OG1 . THR A 1 30  ? -10.709 -16.496 5.547   1.00 12.71 ? 30  THR A OG1 1 
ATOM   199  C CG2 . THR A 1 30  ? -12.948 -16.908 4.695   1.00 12.43 ? 30  THR A CG2 1 
ATOM   200  N N   . ILE A 1 31  ? -11.542 -13.257 6.832   1.00 8.62  ? 31  ILE A N   1 
ATOM   201  C CA  . ILE A 1 31  ? -10.707 -12.551 7.818   1.00 8.83  ? 31  ILE A CA  1 
ATOM   202  C C   . ILE A 1 31  ? -9.512  -13.444 8.222   1.00 8.56  ? 31  ILE A C   1 
ATOM   203  O O   . ILE A 1 31  ? -8.360  -12.959 8.232   1.00 8.03  ? 31  ILE A O   1 
ATOM   204  C CB  . ILE A 1 31  ? -11.561 -12.134 9.019   1.00 8.99  ? 31  ILE A CB  1 
ATOM   205  C CG1 . ILE A 1 31  ? -12.730 -11.218 8.623   1.00 10.16 ? 31  ILE A CG1 1 
ATOM   206  C CG2 . ILE A 1 31  ? -10.683 -11.525 10.097  1.00 9.22  ? 31  ILE A CG2 1 
ATOM   207  C CD1 . ILE A 1 31  ? -13.740 -10.989 9.751   1.00 11.31 ? 31  ILE A CD1 1 
ATOM   208  N N   . SER A 1 32  ? -9.761  -14.708 8.557   1.00 9.69  ? 32  SER A N   1 
ATOM   209  C CA  . SER A 1 32  ? -8.646  -15.566 9.042   1.00 10.21 ? 32  SER A CA  1 
ATOM   210  C C   . SER A 1 32  ? -7.598  -15.748 7.933   1.00 8.84  ? 32  SER A C   1 
ATOM   211  O O   . SER A 1 32  ? -6.426  -15.691 8.243   1.00 11.48 ? 32  SER A O   1 
ATOM   212  C CB  . SER A 1 32  ? -9.142  -16.862 9.582   1.00 11.60 ? 32  SER A CB  1 
ATOM   213  O OG  . SER A 1 32  ? -9.809  -17.559 8.582   1.00 13.55 ? 32  SER A OG  1 
ATOM   214  N N   . ALA A 1 33  ? -7.993  -15.927 6.687   1.00 8.20  ? 33  ALA A N   1 
ATOM   215  C CA  . ALA A 1 33  ? -6.997  -16.100 5.627   1.00 7.71  ? 33  ALA A CA  1 
ATOM   216  C C   . ALA A 1 33  ? -6.219  -14.788 5.450   1.00 7.41  ? 33  ALA A C   1 
ATOM   217  O O   . ALA A 1 33  ? -4.980  -14.809 5.300   1.00 7.55  ? 33  ALA A O   1 
ATOM   218  C CB  . ALA A 1 33  ? -7.665  -16.499 4.370   1.00 7.89  ? 33  ALA A CB  1 
ATOM   219  N N   . LEU A 1 34  ? -6.946  -13.676 5.376   1.00 7.61  ? 34  LEU A N   1 
ATOM   220  C CA  . LEU A 1 34  ? -6.290  -12.388 5.098   1.00 7.23  ? 34  LEU A CA  1 
ATOM   221  C C   . LEU A 1 34  ? -5.374  -11.995 6.268   1.00 7.22  ? 34  LEU A C   1 
ATOM   222  O O   . LEU A 1 34  ? -4.333  -11.346 5.998   1.00 7.72  ? 34  LEU A O   1 
ATOM   223  C CB  . LEU A 1 34  ? -7.360  -11.321 4.840   1.00 6.85  ? 34  LEU A CB  1 
ATOM   224  C CG  . LEU A 1 34  ? -6.833  -9.934  4.446   1.00 6.62  ? 34  LEU A CG  1 
ATOM   225  C CD1 . LEU A 1 34  ? -5.994  -9.978  3.189   1.00 6.82  ? 34  LEU A CD1 1 
ATOM   226  C CD2 . LEU A 1 34  ? -7.984  -8.930  4.295   1.00 6.93  ? 34  LEU A CD2 1 
ATOM   227  N N   . ASN A 1 35  ? -5.702  -12.356 7.498   1.00 8.08  ? 35  ASN A N   1 
ATOM   228  C CA  . ASN A 1 35  ? -4.845  -12.085 8.705   1.00 9.07  ? 35  ASN A CA  1 
ATOM   229  C C   . ASN A 1 35  ? -3.388  -12.542 8.527   1.00 8.75  ? 35  ASN A C   1 
ATOM   230  O O   . ASN A 1 35  ? -2.475  -11.941 9.088   1.00 8.31  ? 35  ASN A O   1 
ATOM   231  C CB  . ASN A 1 35  ? -5.313  -12.857 9.949   1.00 10.15 ? 35  ASN A CB  1 
ATOM   232  C CG  . ASN A 1 35  ? -6.465  -12.253 10.729  1.00 10.97 ? 35  ASN A CG  1 
ATOM   233  O OD1 . ASN A 1 35  ? -7.036  -11.236 10.362  1.00 11.48 ? 35  ASN A OD1 1 
ATOM   234  N ND2 . ASN A 1 35  ? -6.783  -12.899 11.847  1.00 11.71 ? 35  ASN A ND2 1 
ATOM   235  N N   . ALA A 1 36  ? -3.149  -13.595 7.744   1.00 8.44  ? 36  ALA A N   1 
ATOM   236  C CA  . ALA A 1 36  ? -1.817  -14.213 7.585   1.00 7.66  ? 36  ALA A CA  1 
ATOM   237  C C   . ALA A 1 36  ? -1.048  -13.564 6.434   1.00 8.06  ? 36  ALA A C   1 
ATOM   238  O O   . ALA A 1 36  ? 0.100   -13.947 6.195   1.00 8.15  ? 36  ALA A O   1 
ATOM   239  C CB  . ALA A 1 36  ? -2.008  -15.690 7.331   1.00 8.08  ? 36  ALA A CB  1 
ATOM   240  N N   . MET A 1 37  ? -1.668  -12.575 5.772   1.00 7.26  ? 37  MET A N   1 
ATOM   241  C CA  . MET A 1 37  ? -1.102  -11.865 4.600   1.00 7.20  ? 37  MET A CA  1 
ATOM   242  C C   . MET A 1 37  ? -0.695  -10.460 5.026   1.00 6.86  ? 37  MET A C   1 
ATOM   243  O O   . MET A 1 37  ? -1.106  -9.980  6.092   1.00 6.50  ? 37  MET A O   1 
ATOM   244  C CB  . MET A 1 37  ? -2.097  -11.814 3.451   1.00 7.41  ? 37  MET A CB  1 
ATOM   245  C CG  . MET A 1 37  ? -2.595  -13.176 3.079   1.00 7.40  ? 37  MET A CG  1 
ATOM   246  S SD  . MET A 1 37  ? -3.677  -13.081 1.646   1.00 8.09  ? 37  MET A SD  1 
ATOM   247  C CE  . MET A 1 37  ? -4.477  -14.672 1.721   1.00 8.50  ? 37  MET A CE  1 
ATOM   248  N N   . ALA A 1 38  ? 0.189   -9.834  4.287   1.00 6.00  ? 38  ALA A N   1 
ATOM   249  C CA  . ALA A 1 38  ? 0.483   -8.396  4.421   1.00 5.88  ? 38  ALA A CA  1 
ATOM   250  C C   . ALA A 1 38  ? -0.457  -7.579  3.537   1.00 5.92  ? 38  ALA A C   1 
ATOM   251  O O   . ALA A 1 38  ? -0.832  -8.067  2.455   1.00 5.96  ? 38  ALA A O   1 
ATOM   252  C CB  . ALA A 1 38  ? 1.939   -8.086  4.110   1.00 5.94  ? 38  ALA A CB  1 
ATOM   253  N N   . MET A 1 39  ? -0.751  -6.337  3.912   1.00 5.92  ? 39  MET A N   1 
ATOM   254  C CA  . MET A 1 39  ? -1.508  -5.403  3.062   1.00 5.89  ? 39  MET A CA  1 
ATOM   255  C C   . MET A 1 39  ? -0.711  -4.120  2.933   1.00 6.20  ? 39  MET A C   1 
ATOM   256  O O   . MET A 1 39  ? -0.114  -3.646  3.936   1.00 7.08  ? 39  MET A O   1 
ATOM   257  C CB  . MET A 1 39  ? -2.908  -5.074  3.618   1.00 6.66  ? 39  MET A CB  1 
ATOM   258  C CG  . MET A 1 39  ? -3.764  -6.271  3.957   1.00 6.81  ? 39  MET A CG  1 
ATOM   259  S SD  . MET A 1 39  ? -5.400  -5.815  4.588   1.00 8.94  ? 39  MET A SD  1 
ATOM   260  C CE  . MET A 1 39  ? -6.165  -5.446  3.018   1.00 7.56  ? 39  MET A CE  1 
ATOM   261  N N   . GLY A 1 40  ? -0.790  -3.491  1.783   1.00 5.43  ? 40  GLY A N   1 
ATOM   262  C CA  . GLY A 1 40  ? 0.050   -2.313  1.554   1.00 5.39  ? 40  GLY A CA  1 
ATOM   263  C C   . GLY A 1 40  ? -0.239  -1.625  0.241   1.00 5.45  ? 40  GLY A C   1 
ATOM   264  O O   . GLY A 1 40  ? -1.293  -1.806  -0.391  1.00 6.39  ? 40  GLY A O   1 
ATOM   265  N N   . TRP A 1 41  ? 0.708   -0.808  -0.131  1.00 5.29  ? 41  TRP A N   1 
ATOM   266  C CA  . TRP A 1 41  ? 0.590   0.176   -1.229  1.00 5.55  ? 41  TRP A CA  1 
ATOM   267  C C   . TRP A 1 41  ? 1.876   0.221   -2.020  1.00 6.22  ? 41  TRP A C   1 
ATOM   268  O O   . TRP A 1 41  ? 2.942   0.292   -1.456  1.00 6.84  ? 41  TRP A O   1 
ATOM   269  C CB  . TRP A 1 41  ? 0.228   1.567   -0.700  1.00 5.72  ? 41  TRP A CB  1 
ATOM   270  C CG  . TRP A 1 41  ? -1.086  1.615   -0.007  1.00 5.78  ? 41  TRP A CG  1 
ATOM   271  C CD1 . TRP A 1 41  ? -1.338  1.399   1.317   1.00 5.81  ? 41  TRP A CD1 1 
ATOM   272  C CD2 . TRP A 1 41  ? -2.356  1.856   -0.626  1.00 5.97  ? 41  TRP A CD2 1 
ATOM   273  N NE1 . TRP A 1 41  ? -2.688  1.486   1.559   1.00 6.07  ? 41  TRP A NE1 1 
ATOM   274  C CE2 . TRP A 1 41  ? -3.334  1.791   0.395   1.00 5.88  ? 41  TRP A CE2 1 
ATOM   275  C CE3 . TRP A 1 41  ? -2.765  2.152   -1.932  1.00 5.86  ? 41  TRP A CE3 1 
ATOM   276  C CZ2 . TRP A 1 41  ? -4.702  1.942   0.120   1.00 5.71  ? 41  TRP A CZ2 1 
ATOM   277  C CZ3 . TRP A 1 41  ? -4.113  2.338   -2.202  1.00 6.31  ? 41  TRP A CZ3 1 
ATOM   278  C CH2 . TRP A 1 41  ? -5.066  2.231   -1.187  1.00 5.71  ? 41  TRP A CH2 1 
ATOM   279  N N   . TYR A 1 42  ? 1.691   0.234   -3.320  1.00 6.13  ? 42  TYR A N   1 
ATOM   280  C CA  . TYR A 1 42  ? 2.753   0.437   -4.344  1.00 6.13  ? 42  TYR A CA  1 
ATOM   281  C C   . TYR A 1 42  ? 2.458   1.730   -5.081  1.00 6.76  ? 42  TYR A C   1 
ATOM   282  O O   . TYR A 1 42  ? 1.304   2.189   -5.074  1.00 6.43  ? 42  TYR A O   1 
ATOM   283  C CB  . TYR A 1 42  ? 2.768   -0.700  -5.381  1.00 6.71  ? 42  TYR A CB  1 
ATOM   284  C CG  . TYR A 1 42  ? 3.558   -1.933  -5.011  1.00 6.40  ? 42  TYR A CG  1 
ATOM   285  C CD1 . TYR A 1 42  ? 3.114   -2.820  -4.048  1.00 6.68  ? 42  TYR A CD1 1 
ATOM   286  C CD2 . TYR A 1 42  ? 4.754   -2.249  -5.652  1.00 6.48  ? 42  TYR A CD2 1 
ATOM   287  C CE1 . TYR A 1 42  ? 3.810   -3.984  -3.759  1.00 6.66  ? 42  TYR A CE1 1 
ATOM   288  C CE2 . TYR A 1 42  ? 5.447   -3.405  -5.397  1.00 6.84  ? 42  TYR A CE2 1 
ATOM   289  C CZ  . TYR A 1 42  ? 5.000   -4.266  -4.423  1.00 6.84  ? 42  TYR A CZ  1 
ATOM   290  O OH  . TYR A 1 42  ? 5.706   -5.413  -4.195  1.00 8.10  ? 42  TYR A OH  1 
ATOM   291  N N   . ARG A 1 43  ? 3.471   2.319   -5.686  1.00 7.21  ? 43  ARG A N   1 
ATOM   292  C CA  . ARG A 1 43  ? 3.186   3.389   -6.666  1.00 8.60  ? 43  ARG A CA  1 
ATOM   293  C C   . ARG A 1 43  ? 4.053   3.253   -7.906  1.00 8.43  ? 43  ARG A C   1 
ATOM   294  O O   . ARG A 1 43  ? 5.043   2.542   -7.893  1.00 8.43  ? 43  ARG A O   1 
ATOM   295  C CB  . ARG A 1 43  ? 3.352   4.751   -6.020  1.00 10.77 ? 43  ARG A CB  1 
ATOM   296  C CG  . ARG A 1 43  ? 4.805   5.099   -5.780  1.00 10.74 ? 43  ARG A CG  1 
ATOM   297  C CD  . ARG A 1 43  ? 4.818   6.391   -4.975  1.00 12.44 ? 43  ARG A CD  1 
ATOM   298  N NE  . ARG A 1 43  ? 6.157   6.808   -4.621  1.00 12.77 ? 43  ARG A NE  1 
ATOM   299  C CZ  . ARG A 1 43  ? 6.462   7.905   -3.893  1.00 13.51 ? 43  ARG A CZ  1 
ATOM   300  N NH1 . ARG A 1 43  ? 5.526   8.720   -3.454  1.00 11.05 ? 43  ARG A NH1 1 
ATOM   301  N NH2 . ARG A 1 43  ? 7.730   8.184   -3.613  1.00 16.08 ? 43  ARG A NH2 1 
ATOM   302  N N   . GLN A 1 44  ? 3.564   3.843   -8.976  1.00 9.18  ? 44  GLN A N   1 
ATOM   303  C CA  . GLN A 1 44  ? 4.236   3.771   -10.294 1.00 10.51 ? 44  GLN A CA  1 
ATOM   304  C C   . GLN A 1 44  ? 3.988   5.087   -11.027 1.00 10.97 ? 44  GLN A C   1 
ATOM   305  O O   . GLN A 1 44  ? 2.847   5.355   -11.369 1.00 11.21 ? 44  GLN A O   1 
ATOM   306  C CB  . GLN A 1 44  ? 3.690   2.596   -11.105 1.00 11.99 ? 44  GLN A CB  1 
ATOM   307  C CG  . GLN A 1 44  ? 4.383   2.434   -12.459 1.00 14.85 ? 44  GLN A CG  1 
ATOM   308  C CD  . GLN A 1 44  ? 3.969   1.164   -13.158 1.00 17.52 ? 44  GLN A CD  1 
ATOM   309  O OE1 . GLN A 1 44  ? 2.815   0.726   -13.095 1.00 20.94 ? 44  GLN A OE1 1 
ATOM   310  N NE2 . GLN A 1 44  ? 4.949   0.542   -13.800 1.00 19.87 ? 44  GLN A NE2 1 
ATOM   311  N N   . ALA A 1 45  ? 5.033   5.838   -11.349 1.00 15.03 ? 45  ALA A N   1 
ATOM   312  C CA  . ALA A 1 45  ? 4.916   6.921   -12.344 1.00 18.18 ? 45  ALA A CA  1 
ATOM   313  C C   . ALA A 1 45  ? 5.328   6.348   -13.694 1.00 19.42 ? 45  ALA A C   1 
ATOM   314  O O   . ALA A 1 45  ? 5.980   5.310   -13.770 1.00 22.22 ? 45  ALA A O   1 
ATOM   315  C CB  . ALA A 1 45  ? 5.703   8.152   -11.959 1.00 21.52 ? 45  ALA A CB  1 
ATOM   316  N N   . PRO A 1 46  ? 4.855   6.929   -14.814 1.00 19.74 ? 46  PRO A N   1 
ATOM   317  C CA  . PRO A 1 46  ? 5.284   6.489   -16.141 1.00 20.58 ? 46  PRO A CA  1 
ATOM   318  C C   . PRO A 1 46  ? 6.821   6.503   -16.246 1.00 20.51 ? 46  PRO A C   1 
ATOM   319  O O   . PRO A 1 46  ? 7.466   7.438   -15.780 1.00 21.51 ? 46  PRO A O   1 
ATOM   320  C CB  . PRO A 1 46  ? 4.577   7.506   -17.062 1.00 18.27 ? 46  PRO A CB  1 
ATOM   321  C CG  . PRO A 1 46  ? 3.325   7.874   -16.274 1.00 20.89 ? 46  PRO A CG  1 
ATOM   322  C CD  . PRO A 1 46  ? 3.846   8.003   -14.861 1.00 20.07 ? 46  PRO A CD  1 
ATOM   323  N N   . GLY A 1 47  ? 7.364   5.408   -16.767 1.00 24.60 ? 47  GLY A N   1 
ATOM   324  C CA  . GLY A 1 47  ? 8.816   5.221   -16.970 1.00 27.19 ? 47  GLY A CA  1 
ATOM   325  C C   . GLY A 1 47  ? 9.529   4.701   -15.727 1.00 27.90 ? 47  GLY A C   1 
ATOM   326  O O   . GLY A 1 47  ? 10.766  4.617   -15.749 1.00 28.45 ? 47  GLY A O   1 
ATOM   327  N N   . GLU A 1 48  ? 8.782   4.356   -14.672 1.00 26.54 ? 48  GLU A N   1 
ATOM   328  C CA  . GLU A 1 48  ? 9.325   3.689   -13.464 1.00 23.74 ? 48  GLU A CA  1 
ATOM   329  C C   . GLU A 1 48  ? 8.660   2.331   -13.271 1.00 21.04 ? 48  GLU A C   1 
ATOM   330  O O   . GLU A 1 48  ? 7.593   2.085   -13.797 1.00 18.52 ? 48  GLU A O   1 
ATOM   331  C CB  . GLU A 1 48  ? 9.035   4.500   -12.208 1.00 26.45 ? 48  GLU A CB  1 
ATOM   332  C CG  . GLU A 1 48  ? 9.254   5.980   -12.361 1.00 30.10 ? 48  GLU A CG  1 
ATOM   333  C CD  . GLU A 1 48  ? 8.772   6.769   -11.158 1.00 34.75 ? 48  GLU A CD  1 
ATOM   334  O OE1 . GLU A 1 48  ? 7.800   6.308   -10.486 1.00 35.16 ? 48  GLU A OE1 1 
ATOM   335  O OE2 . GLU A 1 48  ? 9.368   7.838   -10.894 1.00 42.47 ? 48  GLU A OE2 1 
ATOM   336  N N   . ARG A 1 49  ? 9.247   1.459   -12.453 1.00 20.77 ? 49  ARG A N   1 
ATOM   337  C CA  . ARG A 1 49  ? 8.572   0.182   -12.131 1.00 21.28 ? 49  ARG A CA  1 
ATOM   338  C C   . ARG A 1 49  ? 7.602   0.450   -10.971 1.00 14.22 ? 49  ARG A C   1 
ATOM   339  O O   . ARG A 1 49  ? 7.783   1.503   -10.311 1.00 13.28 ? 49  ARG A O   1 
ATOM   340  C CB  . ARG A 1 49  ? 9.567   -0.916  -11.772 1.00 26.64 ? 49  ARG A CB  1 
ATOM   341  C CG  . ARG A 1 49  ? 10.462  -0.629  -10.583 1.00 32.38 ? 49  ARG A CG  1 
ATOM   342  C CD  . ARG A 1 49  ? 11.731  -1.469  -10.686 1.00 40.77 ? 49  ARG A CD  1 
ATOM   343  N NE  . ARG A 1 49  ? 12.577  -1.077  -11.827 1.00 49.74 ? 49  ARG A NE  1 
ATOM   344  C CZ  . ARG A 1 49  ? 12.635  -1.677  -13.030 1.00 52.33 ? 49  ARG A CZ  1 
ATOM   345  N NH1 . ARG A 1 49  ? 13.452  -1.193  -13.952 1.00 54.53 ? 49  ARG A NH1 1 
ATOM   346  N NH2 . ARG A 1 49  ? 11.891  -2.739  -13.317 1.00 54.96 ? 49  ARG A NH2 1 
ATOM   347  N N   . ARG A 1 50  ? 6.673   -0.470  -10.710 1.00 13.36 ? 50  ARG A N   1 
ATOM   348  C CA  . ARG A 1 50  ? 5.828   -0.381  -9.494  1.00 11.90 ? 50  ARG A CA  1 
ATOM   349  C C   . ARG A 1 50  ? 6.745   -0.693  -8.315  1.00 11.90 ? 50  ARG A C   1 
ATOM   350  O O   . ARG A 1 50  ? 7.261   -1.829  -8.247  1.00 12.28 ? 50  ARG A O   1 
ATOM   351  C CB  . ARG A 1 50  ? 4.707   -1.416  -9.353  1.00 13.72 ? 50  ARG A CB  1 
ATOM   352  C CG  . ARG A 1 50  ? 3.608   -1.307  -10.377 1.00 14.21 ? 50  ARG A CG  1 
ATOM   353  C CD  . ARG A 1 50  ? 2.445   -2.219  -10.061 1.00 12.36 ? 50  ARG A CD  1 
ATOM   354  N NE  . ARG A 1 50  ? 1.671   -2.254  -11.273 1.00 12.80 ? 50  ARG A NE  1 
ATOM   355  C CZ  . ARG A 1 50  ? 0.546   -2.915  -11.459 1.00 11.97 ? 50  ARG A CZ  1 
ATOM   356  N NH1 . ARG A 1 50  ? 0.049   -3.657  -10.497 1.00 11.09 ? 50  ARG A NH1 1 
ATOM   357  N NH2 . ARG A 1 50  ? -0.085  -2.845  -12.636 1.00 12.29 ? 50  ARG A NH2 1 
ATOM   358  N N   . VAL A 1 51  ? 6.804   0.210   -7.351  1.00 10.23 ? 51  VAL A N   1 
ATOM   359  C CA  . VAL A 1 51  ? 7.612   -0.037  -6.122  1.00 10.42 ? 51  VAL A CA  1 
ATOM   360  C C   . VAL A 1 51  ? 6.767   0.147   -4.860  1.00 8.94  ? 51  VAL A C   1 
ATOM   361  O O   . VAL A 1 51  ? 5.888   1.011   -4.788  1.00 8.25  ? 51  VAL A O   1 
ATOM   362  C CB  . VAL A 1 51  ? 8.881   0.816   -6.060  1.00 12.89 ? 51  VAL A CB  1 
ATOM   363  C CG1 . VAL A 1 51  ? 9.721   0.601   -7.315  1.00 13.33 ? 51  VAL A CG1 1 
ATOM   364  C CG2 . VAL A 1 51  ? 8.564   2.261   -5.828  1.00 13.52 ? 51  VAL A CG2 1 
ATOM   365  N N   . MET A 1 52  ? 7.094   -0.658  -3.855  1.00 7.69  ? 52  MET A N   1 
ATOM   366  C CA  . MET A 1 52  ? 6.290   -0.696  -2.622  1.00 7.61  ? 52  MET A CA  1 
ATOM   367  C C   . MET A 1 52  ? 6.664   0.530   -1.790  1.00 7.57  ? 52  MET A C   1 
ATOM   368  O O   . MET A 1 52  ? 7.831   0.864   -1.657  1.00 8.57  ? 52  MET A O   1 
ATOM   369  C CB  . MET A 1 52  ? 6.501   -1.974  -1.821  1.00 7.54  ? 52  MET A CB  1 
ATOM   370  C CG  . MET A 1 52  ? 5.470   -2.107  -0.751  1.00 7.52  ? 52  MET A CG  1 
ATOM   371  S SD  . MET A 1 52  ? 5.703   -3.539  0.297   1.00 9.85  ? 52  MET A SD  1 
ATOM   372  C CE  . MET A 1 52  ? 4.857   -4.751  -0.685  1.00 13.22 ? 52  MET A CE  1 
ATOM   373  N N   . VAL A 1 53  ? 5.660   1.227   -1.289  1.00 7.55  ? 53  VAL A N   1 
ATOM   374  C CA  . VAL A 1 53  ? 5.912   2.423   -0.448  1.00 8.83  ? 53  VAL A CA  1 
ATOM   375  C C   . VAL A 1 53  ? 5.507   2.200   1.005   1.00 8.66  ? 53  VAL A C   1 
ATOM   376  O O   . VAL A 1 53  ? 6.116   2.908   1.873   1.00 8.68  ? 53  VAL A O   1 
ATOM   377  C CB  . VAL A 1 53  ? 5.268   3.693   -1.000  1.00 10.52 ? 53  VAL A CB  1 
ATOM   378  C CG1 . VAL A 1 53  ? 5.808   4.077   -2.368  1.00 11.73 ? 53  VAL A CG1 1 
ATOM   379  C CG2 . VAL A 1 53  ? 3.764   3.614   -0.987  1.00 9.73  ? 53  VAL A CG2 1 
ATOM   380  N N   . ALA A 1 54  ? 4.526   1.358   1.333   1.00 7.09  ? 54  ALA A N   1 
ATOM   381  C CA  . ALA A 1 54  ? 4.157   1.167   2.747   1.00 7.53  ? 54  ALA A CA  1 
ATOM   382  C C   . ALA A 1 54  ? 3.379   -0.130  2.895   1.00 6.90  ? 54  ALA A C   1 
ATOM   383  O O   . ALA A 1 54  ? 2.691   -0.534  1.916   1.00 7.71  ? 54  ALA A O   1 
ATOM   384  C CB  . ALA A 1 54  ? 3.371   2.335   3.273   1.00 7.45  ? 54  ALA A CB  1 
ATOM   385  N N   . ALA A 1 55  ? 3.440   -0.751  4.060   1.00 6.84  ? 55  ALA A N   1 
ATOM   386  C CA  . ALA A 1 55  ? 2.687   -1.998  4.289   1.00 7.42  ? 55  ALA A CA  1 
ATOM   387  C C   . ALA A 1 55  ? 2.464   -2.204  5.761   1.00 7.49  ? 55  ALA A C   1 
ATOM   388  O O   . ALA A 1 55  ? 3.266   -1.675  6.562   1.00 6.58  ? 55  ALA A O   1 
ATOM   389  C CB  . ALA A 1 55  ? 3.395   -3.185  3.722   1.00 7.98  ? 55  ALA A CB  1 
ATOM   390  N N   . VAL A 1 56  ? 1.415   -2.935  6.084   1.00 6.77  ? 56  VAL A N   1 
ATOM   391  C CA  . VAL A 1 56  ? 1.220   -3.461  7.458   1.00 6.71  ? 56  VAL A CA  1 
ATOM   392  C C   . VAL A 1 56  ? 1.360   -4.966  7.363   1.00 7.05  ? 56  VAL A C   1 
ATOM   393  O O   . VAL A 1 56  ? 0.573   -5.619  6.646   1.00 6.31  ? 56  VAL A O   1 
ATOM   394  C CB  . VAL A 1 56  ? -0.107  -3.019  8.095   1.00 6.71  ? 56  VAL A CB  1 
ATOM   395  C CG1 . VAL A 1 56  ? -0.243  -3.625  9.481   1.00 6.83  ? 56  VAL A CG1 1 
ATOM   396  C CG2 . VAL A 1 56  ? -0.195  -1.519  8.142   1.00 6.68  ? 56  VAL A CG2 1 
ATOM   397  N N   . SER A 1 57  ? 2.329   -5.526  8.102   1.00 7.30  ? 57  SER A N   1 
ATOM   398  C CA  . SER A 1 57  ? 2.591   -6.977  8.057   1.00 6.96  ? 57  SER A CA  1 
ATOM   399  C C   . SER A 1 57  ? 1.461   -7.775  8.699   1.00 8.25  ? 57  SER A C   1 
ATOM   400  O O   . SER A 1 57  ? 0.556   -7.182  9.347   1.00 7.25  ? 57  SER A O   1 
ATOM   401  C CB  . SER A 1 57  ? 3.893   -7.336  8.689   1.00 7.35  ? 57  SER A CB  1 
ATOM   402  O OG  . SER A 1 57  ? 3.807   -7.195  10.130  1.00 8.06  ? 57  SER A OG  1 
ATOM   403  N N   . GLU A 1 58  ? 1.497   -9.097  8.537   1.00 7.84  ? 58  GLU A N   1 
ATOM   404  C CA  . GLU A 1 58  ? 0.565   -10.038 9.214   1.00 8.96  ? 58  GLU A CA  1 
ATOM   405  C C   . GLU A 1 58  ? 0.675   -9.905  10.750  1.00 8.90  ? 58  GLU A C   1 
ATOM   406  O O   . GLU A 1 58  ? -0.288  -10.273 11.456  1.00 12.09 ? 58  GLU A O   1 
ATOM   407  C CB  . GLU A 1 58  ? 0.819   -11.483 8.742   1.00 8.90  ? 58  GLU A CB  1 
ATOM   408  C CG  . GLU A 1 58  ? 1.990   -12.229 9.349   1.00 9.00  ? 58  GLU A CG  1 
ATOM   409  C CD  . GLU A 1 58  ? 3.401   -11.746 9.069   1.00 8.43  ? 58  GLU A CD  1 
ATOM   410  O OE1 . GLU A 1 58  ? 3.586   -10.722 8.362   1.00 9.41  ? 58  GLU A OE1 1 
ATOM   411  O OE2 . GLU A 1 58  ? 4.332   -12.436 9.544   1.00 10.25 ? 58  GLU A OE2 1 
ATOM   412  N N   . ARG A 1 59  ? 1.777   -9.365  11.246  1.00 9.53  ? 59  ARG A N   1 
ATOM   413  C CA  . ARG A 1 59  ? 1.949   -9.138  12.708  1.00 10.98 ? 59  ARG A CA  1 
ATOM   414  C C   . ARG A 1 59  ? 1.528   -7.742  13.135  1.00 10.45 ? 59  ARG A C   1 
ATOM   415  O O   . ARG A 1 59  ? 1.691   -7.417  14.349  1.00 11.61 ? 59  ARG A O   1 
ATOM   416  C CB  . ARG A 1 59  ? 3.397   -9.430  13.077  1.00 13.09 ? 59  ARG A CB  1 
ATOM   417  C CG  . ARG A 1 59  ? 3.752   -10.905 12.974  1.00 15.42 ? 59  ARG A CG  1 
ATOM   418  C CD  . ARG A 1 59  ? 5.124   -11.297 13.520  1.00 18.63 ? 59  ARG A CD  1 
ATOM   419  N NE  . ARG A 1 59  ? 6.043   -10.189 13.671  1.00 22.29 ? 59  ARG A NE  1 
ATOM   420  C CZ  . ARG A 1 59  ? 7.341   -10.293 14.026  1.00 23.79 ? 59  ARG A CZ  1 
ATOM   421  N NH1 . ARG A 1 59  ? 8.095   -9.200  14.126  1.00 22.01 ? 59  ARG A NH1 1 
ATOM   422  N NH2 . ARG A 1 59  ? 7.874   -11.494 14.264  1.00 26.51 ? 59  ARG A NH2 1 
ATOM   423  N N   . GLY A 1 60  ? 0.943   -6.948  12.238  1.00 9.88  ? 60  GLY A N   1 
ATOM   424  C CA  . GLY A 1 60  ? 0.388   -5.631  12.569  1.00 9.95  ? 60  GLY A CA  1 
ATOM   425  C C   . GLY A 1 60  ? 1.420   -4.520  12.544  1.00 9.43  ? 60  GLY A C   1 
ATOM   426  O O   . GLY A 1 60  ? 1.103   -3.415  12.974  1.00 9.65  ? 60  GLY A O   1 
ATOM   427  N N   . ASN A 1 61  ? 2.608   -4.756  11.998  1.00 9.41  ? 61  ASN A N   1 
ATOM   428  C CA  . ASN A 1 61  ? 3.720   -3.782  12.023  1.00 9.22  ? 61  ASN A CA  1 
ATOM   429  C C   . ASN A 1 61  ? 3.726   -2.939  10.753  1.00 8.75  ? 61  ASN A C   1 
ATOM   430  O O   . ASN A 1 61  ? 3.860   -3.513  9.627   1.00 8.41  ? 61  ASN A O   1 
ATOM   431  C CB  . ASN A 1 61  ? 5.048   -4.492  12.255  1.00 9.68  ? 61  ASN A CB  1 
ATOM   432  C CG  . ASN A 1 61  ? 5.069   -5.169  13.606  1.00 10.93 ? 61  ASN A CG  1 
ATOM   433  O OD1 . ASN A 1 61  ? 4.667   -4.528  14.604  1.00 12.31 ? 61  ASN A OD1 1 
ATOM   434  N ND2 . ASN A 1 61  ? 5.558   -6.386  13.677  1.00 11.71 ? 61  ASN A ND2 1 
ATOM   435  N N   . ALA A 1 62  ? 3.557   -1.646  10.898  1.00 8.78  ? 62  ALA A N   1 
ATOM   436  C CA  . ALA A 1 62  ? 3.690   -0.715  9.756   1.00 8.23  ? 62  ALA A CA  1 
ATOM   437  C C   . ALA A 1 62  ? 5.151   -0.552  9.351   1.00 8.74  ? 62  ALA A C   1 
ATOM   438  O O   . ALA A 1 62  ? 6.060   -0.483  10.212  1.00 11.13 ? 62  ALA A O   1 
ATOM   439  C CB  . ALA A 1 62  ? 3.103   0.627   10.060  1.00 8.79  ? 62  ALA A CB  1 
ATOM   440  N N   . MET A 1 63  ? 5.379   -0.574  8.032   1.00 8.01  ? 63  MET A N   1 
ATOM   441  C CA  . MET A 1 63  ? 6.727   -0.455  7.463   1.00 7.70  ? 63  MET A CA  1 
ATOM   442  C C   . MET A 1 63  ? 6.668   0.494   6.267   1.00 7.46  ? 63  MET A C   1 
ATOM   443  O O   . MET A 1 63  ? 5.708   0.429   5.485   1.00 7.89  ? 63  MET A O   1 
ATOM   444  C CB  . MET A 1 63  ? 7.195   -1.855  7.038   1.00 8.50  ? 63  MET A CB  1 
ATOM   445  C CG  . MET A 1 63  ? 7.237   -2.845  8.177   1.00 9.07  ? 63  MET A CG  1 
ATOM   446  S SD  . MET A 1 63  ? 7.606   -4.576  7.669   1.00 10.88 ? 63  MET A SD  1 
ATOM   447  C CE  . MET A 1 63  ? 9.285   -4.396  7.113   1.00 9.78  ? 63  MET A CE  1 
ATOM   448  N N   . TYR A 1 64  ? 7.715   1.264   6.054   1.00 7.05  ? 64  TYR A N   1 
ATOM   449  C CA  . TYR A 1 64  ? 7.757   2.351   5.067   1.00 7.94  ? 64  TYR A CA  1 
ATOM   450  C C   . TYR A 1 64  ? 9.048   2.374   4.259   1.00 9.17  ? 64  TYR A C   1 
ATOM   451  O O   . TYR A 1 64  ? 10.114  2.046   4.794   1.00 10.78 ? 64  TYR A O   1 
ATOM   452  C CB  . TYR A 1 64  ? 7.645   3.693   5.759   1.00 8.09  ? 64  TYR A CB  1 
ATOM   453  C CG  . TYR A 1 64  ? 6.388   3.823   6.579   1.00 7.34  ? 64  TYR A CG  1 
ATOM   454  C CD1 . TYR A 1 64  ? 5.213   4.262   5.997   1.00 7.04  ? 64  TYR A CD1 1 
ATOM   455  C CD2 . TYR A 1 64  ? 6.325   3.477   7.918   1.00 7.87  ? 64  TYR A CD2 1 
ATOM   456  C CE1 . TYR A 1 64  ? 4.030   4.382   6.702   1.00 6.82  ? 64  TYR A CE1 1 
ATOM   457  C CE2 . TYR A 1 64  ? 5.154   3.585   8.635   1.00 7.71  ? 64  TYR A CE2 1 
ATOM   458  C CZ  . TYR A 1 64  ? 3.998   4.090   8.057   1.00 7.21  ? 64  TYR A CZ  1 
ATOM   459  O OH  . TYR A 1 64  ? 2.793   4.189   8.740   1.00 6.99  ? 64  TYR A OH  1 
ATOM   460  N N   . ARG A 1 65  ? 8.903   2.852   3.029   1.00 10.28 ? 65  ARG A N   1 
ATOM   461  C CA  . ARG A 1 65  ? 10.003  3.358   2.181   1.00 11.06 ? 65  ARG A CA  1 
ATOM   462  C C   . ARG A 1 65  ? 10.539  4.632   2.855   1.00 12.59 ? 65  ARG A C   1 
ATOM   463  O O   . ARG A 1 65  ? 9.759   5.466   3.289   1.00 11.76 ? 65  ARG A O   1 
ATOM   464  C CB  . ARG A 1 65  ? 9.439   3.596   0.780   1.00 12.60 ? 65  ARG A CB  1 
ATOM   465  C CG  . ARG A 1 65  ? 10.389  4.249   -0.217  1.00 11.81 ? 65  ARG A CG  1 
ATOM   466  C CD  . ARG A 1 65  ? 9.821   4.253   -1.618  1.00 12.43 ? 65  ARG A CD  1 
ATOM   467  N NE  . ARG A 1 65  ? 9.761   2.868   -2.028  1.00 12.58 ? 65  ARG A NE  1 
ATOM   468  C CZ  . ARG A 1 65  ? 10.717  2.183   -2.629  1.00 13.08 ? 65  ARG A CZ  1 
ATOM   469  N NH1 . ARG A 1 65  ? 11.840  2.768   -3.009  1.00 15.15 ? 65  ARG A NH1 1 
ATOM   470  N NH2 . ARG A 1 65  ? 10.537  0.909   -2.865  1.00 12.01 ? 65  ARG A NH2 1 
ATOM   471  N N   . GLU A 1 66  ? 11.858  4.813   2.870   1.00 13.96 ? 66  GLU A N   1 
ATOM   472  C CA  . GLU A 1 66  ? 12.465  6.021   3.486   1.00 16.65 ? 66  GLU A CA  1 
ATOM   473  C C   . GLU A 1 66  ? 11.905  7.329   2.910   1.00 14.56 ? 66  GLU A C   1 
ATOM   474  O O   . GLU A 1 66  ? 11.604  8.232   3.704   1.00 14.76 ? 66  GLU A O   1 
ATOM   475  C CB  . GLU A 1 66  ? 13.981  5.974   3.303   1.00 21.10 ? 66  GLU A CB  1 
ATOM   476  C CG  . GLU A 1 66  ? 14.648  4.941   4.192   1.00 28.03 ? 66  GLU A CG  1 
ATOM   477  C CD  . GLU A 1 66  ? 16.164  4.990   4.100   1.00 34.30 ? 66  GLU A CD  1 
ATOM   478  O OE1 . GLU A 1 66  ? 16.772  5.800   4.836   1.00 39.42 ? 66  GLU A OE1 1 
ATOM   479  O OE2 . GLU A 1 66  ? 16.728  4.274   3.243   1.00 41.50 ? 66  GLU A OE2 1 
ATOM   480  N N   . SER A 1 67  ? 11.674  7.422   1.605   1.00 12.71 ? 67  SER A N   1 
ATOM   481  C CA  . SER A 1 67  ? 11.247  8.668   0.918   1.00 13.03 ? 67  SER A CA  1 
ATOM   482  C C   . SER A 1 67  ? 9.877   9.139   1.428   1.00 12.12 ? 67  SER A C   1 
ATOM   483  O O   . SER A 1 67  ? 9.499   10.284  1.111   1.00 13.26 ? 67  SER A O   1 
ATOM   484  C CB  . SER A 1 67  ? 11.210  8.518   -0.588  1.00 13.48 ? 67  SER A CB  1 
ATOM   485  O OG  . SER A 1 67  ? 10.376  7.444   -0.993  1.00 14.13 ? 67  SER A OG  1 
ATOM   486  N N   . VAL A 1 68  ? 9.110   8.268   2.092   1.00 10.62 ? 68  VAL A N   1 
ATOM   487  C CA  . VAL A 1 68  ? 7.725   8.646   2.503   1.00 11.06 ? 68  VAL A CA  1 
ATOM   488  C C   . VAL A 1 68  ? 7.539   8.543   4.023   1.00 11.02 ? 68  VAL A C   1 
ATOM   489  O O   . VAL A 1 68  ? 6.470   8.987   4.500   1.00 10.34 ? 68  VAL A O   1 
ATOM   490  C CB  . VAL A 1 68  ? 6.642   7.789   1.823   1.00 11.33 ? 68  VAL A CB  1 
ATOM   491  C CG1 . VAL A 1 68  ? 6.748   7.777   0.299   1.00 11.07 ? 68  VAL A CG1 1 
ATOM   492  C CG2 . VAL A 1 68  ? 6.597   6.399   2.384   1.00 12.53 ? 68  VAL A CG2 1 
ATOM   493  N N   . GLN A 1 69  ? 8.464   7.929   4.753   1.00 11.95 ? 69  GLN A N   1 
ATOM   494  C CA  . GLN A 1 69  ? 8.348   7.771   6.232   1.00 13.83 ? 69  GLN A CA  1 
ATOM   495  C C   . GLN A 1 69  ? 8.091   9.155   6.879   1.00 13.64 ? 69  GLN A C   1 
ATOM   496  O O   . GLN A 1 69  ? 8.697   10.152  6.481   1.00 12.44 ? 69  GLN A O   1 
ATOM   497  C CB  . GLN A 1 69  ? 9.567   7.030   6.788   1.00 18.20 ? 69  GLN A CB  1 
ATOM   498  C CG  . GLN A 1 69  ? 9.395   6.644   8.259   1.00 21.40 ? 69  GLN A CG  1 
ATOM   499  C CD  . GLN A 1 69  ? 10.119  5.377   8.629   1.00 24.86 ? 69  GLN A CD  1 
ATOM   500  O OE1 . GLN A 1 69  ? 9.932   4.839   9.711   1.00 30.64 ? 69  GLN A OE1 1 
ATOM   501  N NE2 . GLN A 1 69  ? 10.948  4.884   7.726   1.00 32.37 ? 69  GLN A NE2 1 
ATOM   502  N N   . GLY A 1 70  ? 7.156   9.216   7.811   1.00 13.60 ? 70  GLY A N   1 
ATOM   503  C CA  . GLY A 1 70  ? 6.852   10.453  8.564   1.00 14.79 ? 70  GLY A CA  1 
ATOM   504  C C   . GLY A 1 70  ? 5.698   11.185  7.910   1.00 17.42 ? 70  GLY A C   1 
ATOM   505  O O   . GLY A 1 70  ? 4.753   11.595  8.663   1.00 25.64 ? 70  GLY A O   1 
ATOM   506  N N   . ARG A 1 71  ? 5.711   11.261  6.576   1.00 15.35 ? 71  ARG A N   1 
ATOM   507  C CA  . ARG A 1 71  ? 4.693   11.963  5.747   1.00 13.87 ? 71  ARG A CA  1 
ATOM   508  C C   . ARG A 1 71  ? 3.502   11.042  5.462   1.00 11.80 ? 71  ARG A C   1 
ATOM   509  O O   . ARG A 1 71  ? 2.366   11.513  5.576   1.00 11.49 ? 71  ARG A O   1 
ATOM   510  C CB  . ARG A 1 71  ? 5.299   12.412  4.417   1.00 14.12 ? 71  ARG A CB  1 
ATOM   511  C CG  . ARG A 1 71  ? 6.443   13.413  4.563   1.00 15.51 ? 71  ARG A CG  1 
ATOM   512  C CD  . ARG A 1 71  ? 6.940   13.879  3.185   1.00 15.06 ? 71  ARG A CD  1 
ATOM   513  N NE  . ARG A 1 71  ? 7.292   12.889  2.181   1.00 14.32 ? 71  ARG A NE  1 
ATOM   514  C CZ  . ARG A 1 71  ? 6.704   12.710  0.994   1.00 14.22 ? 71  ARG A CZ  1 
ATOM   515  N NH1 . ARG A 1 71  ? 5.651   13.434  0.633   1.00 14.30 ? 71  ARG A NH1 1 
ATOM   516  N NH2 . ARG A 1 71  ? 7.148   11.775  0.176   1.00 15.31 ? 71  ARG A NH2 1 
ATOM   517  N N   . PHE A 1 72  ? 3.752   9.760   5.182   1.00 11.12 ? 72  PHE A N   1 
ATOM   518  C CA  . PHE A 1 72  ? 2.698   8.779   4.824   1.00 11.31 ? 72  PHE A CA  1 
ATOM   519  C C   . PHE A 1 72  ? 2.482   7.897   6.033   1.00 10.06 ? 72  PHE A C   1 
ATOM   520  O O   . PHE A 1 72  ? 3.451   7.490   6.693   1.00 11.78 ? 72  PHE A O   1 
ATOM   521  C CB  . PHE A 1 72  ? 3.100   7.944   3.614   1.00 10.87 ? 72  PHE A CB  1 
ATOM   522  C CG  . PHE A 1 72  ? 3.091   8.655   2.279   1.00 12.38 ? 72  PHE A CG  1 
ATOM   523  C CD1 . PHE A 1 72  ? 3.084   10.046  2.169   1.00 12.44 ? 72  PHE A CD1 1 
ATOM   524  C CD2 . PHE A 1 72  ? 3.126   7.914   1.096   1.00 12.28 ? 72  PHE A CD2 1 
ATOM   525  C CE1 . PHE A 1 72  ? 3.115   10.643  0.919   1.00 12.82 ? 72  PHE A CE1 1 
ATOM   526  C CE2 . PHE A 1 72  ? 3.166   8.528   -0.145  1.00 13.07 ? 72  PHE A CE2 1 
ATOM   527  C CZ  . PHE A 1 72  ? 3.152   9.888   -0.229  1.00 12.29 ? 72  PHE A CZ  1 
ATOM   528  N N   . THR A 1 73  ? 1.218   7.626   6.335   1.00 8.72  ? 73  THR A N   1 
ATOM   529  C CA  . THR A 1 73  ? 0.838   6.708   7.421   1.00 8.68  ? 73  THR A CA  1 
ATOM   530  C C   . THR A 1 73  ? -0.037  5.582   6.846   1.00 7.57  ? 73  THR A C   1 
ATOM   531  O O   . THR A 1 73  ? -1.055  5.900   6.264   1.00 7.39  ? 73  THR A O   1 
ATOM   532  C CB  . THR A 1 73  ? 0.133   7.451   8.562   1.00 9.00  ? 73  THR A CB  1 
ATOM   533  O OG1 . THR A 1 73  ? 0.996   8.512   9.021   1.00 9.89  ? 73  THR A OG1 1 
ATOM   534  C CG2 . THR A 1 73  ? -0.170  6.490   9.688   1.00 9.54  ? 73  THR A CG2 1 
ATOM   535  N N   . VAL A 1 74  ? 0.367   4.339   7.071   1.00 7.47  ? 74  VAL A N   1 
ATOM   536  C CA  . VAL A 1 74  ? -0.413  3.168   6.586   1.00 7.30  ? 74  VAL A CA  1 
ATOM   537  C C   . VAL A 1 74  ? -1.095  2.561   7.813   1.00 7.26  ? 74  VAL A C   1 
ATOM   538  O O   . VAL A 1 74  ? -0.469  2.486   8.890   1.00 6.93  ? 74  VAL A O   1 
ATOM   539  C CB  . VAL A 1 74  ? 0.472   2.167   5.828   1.00 6.94  ? 74  VAL A CB  1 
ATOM   540  C CG1 . VAL A 1 74  ? 1.531   1.524   6.715   1.00 6.64  ? 74  VAL A CG1 1 
ATOM   541  C CG2 . VAL A 1 74  ? -0.435  1.139   5.143   1.00 6.75  ? 74  VAL A CG2 1 
ATOM   542  N N   . THR A 1 75  ? -2.390  2.280   7.686   1.00 7.57  ? 75  THR A N   1 
ATOM   543  C CA  . THR A 1 75  ? -3.195  1.660   8.761   1.00 7.74  ? 75  THR A CA  1 
ATOM   544  C C   . THR A 1 75  ? -3.960  0.490   8.172   1.00 7.88  ? 75  THR A C   1 
ATOM   545  O O   . THR A 1 75  ? -4.295  0.492   6.953   1.00 9.90  ? 75  THR A O   1 
ATOM   546  C CB  . THR A 1 75  ? -4.162  2.674   9.374   1.00 8.71  ? 75  THR A CB  1 
ATOM   547  O OG1 . THR A 1 75  ? -4.980  3.147   8.302   1.00 11.37 ? 75  THR A OG1 1 
ATOM   548  C CG2 . THR A 1 75  ? -3.483  3.875   9.976   1.00 8.26  ? 75  THR A CG2 1 
ATOM   549  N N   . ARG A 1 76  ? -4.163  -0.516  8.975   1.00 7.12  ? 76  ARG A N   1 
ATOM   550  C CA  . ARG A 1 76  ? -4.850  -1.744  8.551   1.00 7.21  ? 76  ARG A CA  1 
ATOM   551  C C   . ARG A 1 76  ? -5.946  -2.022  9.557   1.00 7.36  ? 76  ARG A C   1 
ATOM   552  O O   . ARG A 1 76  ? -5.637  -2.070  10.783  1.00 8.34  ? 76  ARG A O   1 
ATOM   553  C CB  . ARG A 1 76  ? -3.812  -2.869  8.457   1.00 6.67  ? 76  ARG A CB  1 
ATOM   554  C CG  . ARG A 1 76  ? -4.378  -4.229  8.055   1.00 7.10  ? 76  ARG A CG  1 
ATOM   555  C CD  . ARG A 1 76  ? -3.278  -5.174  7.774   1.00 7.10  ? 76  ARG A CD  1 
ATOM   556  N NE  . ARG A 1 76  ? -3.802  -6.520  7.506   1.00 6.91  ? 76  ARG A NE  1 
ATOM   557  C CZ  . ARG A 1 76  ? -3.063  -7.588  7.214   1.00 6.64  ? 76  ARG A CZ  1 
ATOM   558  N NH1 . ARG A 1 76  ? -1.742  -7.556  7.173   1.00 6.56  ? 76  ARG A NH1 1 
ATOM   559  N NH2 . ARG A 1 76  ? -3.683  -8.723  6.983   1.00 7.67  ? 76  ARG A NH2 1 
ATOM   560  N N   . ASP A 1 77  ? -7.153  -2.266  9.064   1.00 7.89  ? 77  ASP A N   1 
ATOM   561  C CA  . ASP A 1 77  ? -8.332  -2.757  9.820   1.00 8.19  ? 77  ASP A CA  1 
ATOM   562  C C   . ASP A 1 77  ? -8.474  -4.234  9.510   1.00 7.90  ? 77  ASP A C   1 
ATOM   563  O O   . ASP A 1 77  ? -9.008  -4.563  8.446   1.00 8.31  ? 77  ASP A O   1 
ATOM   564  C CB  . ASP A 1 77  ? -9.535  -1.902  9.457   1.00 9.17  ? 77  ASP A CB  1 
ATOM   565  C CG  . ASP A 1 77  ? -10.771 -2.248  10.242  1.00 10.57 ? 77  ASP A CG  1 
ATOM   566  O OD1 . ASP A 1 77  ? -10.744 -3.339  10.885  1.00 11.87 ? 77  ASP A OD1 1 
ATOM   567  O OD2 . ASP A 1 77  ? -11.734 -1.427  10.220  1.00 12.18 ? 77  ASP A OD2 1 
ATOM   568  N N   . PHE A 1 78  ? -7.931  -5.098  10.374  1.00 7.67  ? 78  PHE A N   1 
ATOM   569  C CA  . PHE A 1 78  ? -7.950  -6.563  10.142  1.00 8.13  ? 78  PHE A CA  1 
ATOM   570  C C   . PHE A 1 78  ? -9.406  -7.047  10.111  1.00 9.01  ? 78  PHE A C   1 
ATOM   571  O O   . PHE A 1 78  ? -9.755  -7.877  9.236   1.00 10.53 ? 78  PHE A O   1 
ATOM   572  C CB  . PHE A 1 78  ? -7.098  -7.307  11.177  1.00 8.05  ? 78  PHE A CB  1 
ATOM   573  C CG  . PHE A 1 78  ? -5.606  -7.255  10.958  1.00 8.07  ? 78  PHE A CG  1 
ATOM   574  C CD1 . PHE A 1 78  ? -4.845  -6.141  11.257  1.00 8.12  ? 78  PHE A CD1 1 
ATOM   575  C CD2 . PHE A 1 78  ? -4.923  -8.411  10.615  1.00 7.56  ? 78  PHE A CD2 1 
ATOM   576  C CE1 . PHE A 1 78  ? -3.467  -6.145  11.116  1.00 8.29  ? 78  PHE A CE1 1 
ATOM   577  C CE2 . PHE A 1 78  ? -3.541  -8.412  10.438  1.00 7.88  ? 78  PHE A CE2 1 
ATOM   578  C CZ  . PHE A 1 78  ? -2.798  -7.298  10.758  1.00 7.99  ? 78  PHE A CZ  1 
ATOM   579  N N   . THR A 1 79  ? -10.222 -6.547  11.036  1.00 10.16 ? 79  THR A N   1 
ATOM   580  C CA  . THR A 1 79  ? -11.609 -7.017  11.206  1.00 11.08 ? 79  THR A CA  1 
ATOM   581  C C   . THR A 1 79  ? -12.394 -6.723  9.934   1.00 10.50 ? 79  THR A C   1 
ATOM   582  O O   . THR A 1 79  ? -13.181 -7.600  9.450   1.00 11.57 ? 79  THR A O   1 
ATOM   583  C CB  . THR A 1 79  ? -12.221 -6.357  12.439  1.00 11.47 ? 79  THR A CB  1 
ATOM   584  O OG1 . THR A 1 79  ? -11.505 -6.857  13.567  1.00 14.33 ? 79  THR A OG1 1 
ATOM   585  C CG2 . THR A 1 79  ? -13.690 -6.679  12.585  1.00 12.25 ? 79  THR A CG2 1 
ATOM   586  N N   . ASN A 1 80  ? -12.193 -5.529  9.362   1.00 9.50  ? 80  ASN A N   1 
ATOM   587  C CA  . ASN A 1 80  ? -12.975 -5.096  8.181   1.00 10.26 ? 80  ASN A CA  1 
ATOM   588  C C   . ASN A 1 80  ? -12.220 -5.293  6.863   1.00 9.14  ? 80  ASN A C   1 
ATOM   589  O O   . ASN A 1 80  ? -12.743 -4.898  5.839   1.00 9.50  ? 80  ASN A O   1 
ATOM   590  C CB  . ASN A 1 80  ? -13.486 -3.677  8.385   1.00 10.81 ? 80  ASN A CB  1 
ATOM   591  C CG  . ASN A 1 80  ? -14.457 -3.646  9.549   1.00 12.21 ? 80  ASN A CG  1 
ATOM   592  O OD1 . ASN A 1 80  ? -15.421 -4.411  9.557   1.00 14.59 ? 80  ASN A OD1 1 
ATOM   593  N ND2 . ASN A 1 80  ? -14.127 -2.923  10.615  1.00 13.13 ? 80  ASN A ND2 1 
ATOM   594  N N   . LYS A 1 81  ? -11.058 -5.935  6.889   1.00 8.30  ? 81  LYS A N   1 
ATOM   595  C CA  . LYS A 1 81  ? -10.312 -6.332  5.680   1.00 8.77  ? 81  LYS A CA  1 
ATOM   596  C C   . LYS A 1 81  ? -10.010 -5.070  4.849   1.00 8.15  ? 81  LYS A C   1 
ATOM   597  O O   . LYS A 1 81  ? -10.167 -5.055  3.630   1.00 8.34  ? 81  LYS A O   1 
ATOM   598  C CB  . LYS A 1 81  ? -11.129 -7.393  4.940   1.00 8.75  ? 81  LYS A CB  1 
ATOM   599  C CG  . LYS A 1 81  ? -11.531 -8.577  5.793   1.00 9.40  ? 81  LYS A CG  1 
ATOM   600  C CD  . LYS A 1 81  ? -12.043 -9.781  5.018   1.00 10.95 ? 81  LYS A CD  1 
ATOM   601  C CE  . LYS A 1 81  ? -13.196 -9.411  4.138   1.00 11.30 ? 81  LYS A CE  1 
ATOM   602  N NZ  . LYS A 1 81  ? -14.057 -10.608 3.873   1.00 12.22 ? 81  LYS A NZ  1 
ATOM   603  N N   . MET A 1 82  ? -9.472  -4.041  5.475   1.00 8.44  ? 82  MET A N   1 
ATOM   604  C CA  . MET A 1 82  ? -9.133  -2.768  4.804   1.00 8.67  ? 82  MET A CA  1 
ATOM   605  C C   . MET A 1 82  ? -7.697  -2.375  5.100   1.00 7.96  ? 82  MET A C   1 
ATOM   606  O O   . MET A 1 82  ? -7.181  -2.648  6.156   1.00 7.65  ? 82  MET A O   1 
ATOM   607  C CB  . MET A 1 82  ? -10.094 -1.678  5.278   1.00 10.16 ? 82  MET A CB  1 
ATOM   608  C CG  . MET A 1 82  ? -11.473 -1.935  4.722   1.00 12.89 ? 82  MET A CG  1 
ATOM   609  S SD  . MET A 1 82  ? -12.671 -0.700  5.272   1.00 19.40 ? 82  MET A SD  1 
ATOM   610  C CE  . MET A 1 82  ? -12.042 0.784   4.469   1.00 19.75 ? 82  MET A CE  1 
ATOM   611  N N   . VAL A 1 83  ? -7.120  -1.638  4.181   1.00 7.64  ? 83  VAL A N   1 
ATOM   612  C CA  . VAL A 1 83  ? -5.821  -0.948  4.378   1.00 7.83  ? 83  VAL A CA  1 
ATOM   613  C C   . VAL A 1 83  ? -5.985  0.452   3.826   1.00 8.05  ? 83  VAL A C   1 
ATOM   614  O O   . VAL A 1 83  ? -6.691  0.644   2.806   1.00 8.38  ? 83  VAL A O   1 
ATOM   615  C CB  . VAL A 1 83  ? -4.663  -1.735  3.752   1.00 7.62  ? 83  VAL A CB  1 
ATOM   616  C CG1 . VAL A 1 83  ? -4.753  -1.799  2.233   1.00 7.63  ? 83  VAL A CG1 1 
ATOM   617  C CG2 . VAL A 1 83  ? -3.306  -1.251  4.254   1.00 8.18  ? 83  VAL A CG2 1 
ATOM   618  N N   . SER A 1 84  ? -5.370  1.418   4.492   1.00 7.81  ? 84  SER A N   1 
ATOM   619  C CA  . SER A 1 84  ? -5.488  2.834   4.118   1.00 7.82  ? 84  SER A CA  1 
ATOM   620  C C   . SER A 1 84  ? -4.122  3.493   4.095   1.00 7.14  ? 84  SER A C   1 
ATOM   621  O O   . SER A 1 84  ? -3.224  3.021   4.777   1.00 7.92  ? 84  SER A O   1 
ATOM   622  C CB  . SER A 1 84  ? -6.435  3.576   5.008   1.00 9.05  ? 84  SER A CB  1 
ATOM   623  O OG  . SER A 1 84  ? -7.692  2.913   5.118   1.00 13.06 ? 84  SER A OG  1 
ATOM   624  N N   . LEU A 1 85  ? -3.991  4.532   3.273   1.00 6.92  ? 85  LEU A N   1 
ATOM   625  C CA  . LEU A 1 85  ? -2.741  5.322   3.187   1.00 7.54  ? 85  LEU A CA  1 
ATOM   626  C C   . LEU A 1 85  ? -3.114  6.774   3.371   1.00 7.46  ? 85  LEU A C   1 
ATOM   627  O O   . LEU A 1 85  ? -3.861  7.351   2.506   1.00 7.30  ? 85  LEU A O   1 
ATOM   628  C CB  . LEU A 1 85  ? -2.036  5.093   1.854   1.00 7.93  ? 85  LEU A CB  1 
ATOM   629  C CG  . LEU A 1 85  ? -0.624  5.660   1.740   1.00 8.18  ? 85  LEU A CG  1 
ATOM   630  C CD1 . LEU A 1 85  ? 0.312   4.973   2.727   1.00 8.17  ? 85  LEU A CD1 1 
ATOM   631  C CD2 . LEU A 1 85  ? -0.169  5.503   0.285   1.00 8.34  ? 85  LEU A CD2 1 
ATOM   632  N N   . GLN A 1 86  ? -2.692  7.321   4.510   1.00 8.07  ? 86  GLN A N   1 
ATOM   633  C CA  . GLN A 1 86  ? -2.880  8.765   4.732   1.00 8.90  ? 86  GLN A CA  1 
ATOM   634  C C   . GLN A 1 86  ? -1.616  9.447   4.226   1.00 9.26  ? 86  GLN A C   1 
ATOM   635  O O   . GLN A 1 86  ? -0.567  9.172   4.750   1.00 11.07 ? 86  GLN A O   1 
ATOM   636  C CB  . GLN A 1 86  ? -3.109  9.092   6.214   1.00 10.34 ? 86  GLN A CB  1 
ATOM   637  C CG  . GLN A 1 86  ? -3.286  10.576  6.492   1.00 11.61 ? 86  GLN A CG  1 
ATOM   638  C CD  . GLN A 1 86  ? -4.483  11.200  5.828   1.00 12.37 ? 86  GLN A CD  1 
ATOM   639  O OE1 . GLN A 1 86  ? -5.568  10.672  5.910   1.00 13.97 ? 86  GLN A OE1 1 
ATOM   640  N NE2 . GLN A 1 86  ? -4.296  12.345  5.178   1.00 13.88 ? 86  GLN A NE2 1 
ATOM   641  N N   . MET A 1 87  ? -1.749  10.296  3.225   1.00 9.65  ? 87  MET A N   1 
ATOM   642  C CA  . MET A 1 87  ? -0.586  10.972  2.609   1.00 11.55 ? 87  MET A CA  1 
ATOM   643  C C   . MET A 1 87  ? -0.618  12.442  3.010   1.00 12.01 ? 87  MET A C   1 
ATOM   644  O O   . MET A 1 87  ? -1.430  13.183  2.471   1.00 12.85 ? 87  MET A O   1 
ATOM   645  C CB  . MET A 1 87  ? -0.638  10.785  1.101   1.00 13.84 ? 87  MET A CB  1 
ATOM   646  C CG  . MET A 1 87  ? -0.348  9.365   0.754   1.00 15.78 ? 87  MET A CG  1 
ATOM   647  S SD  . MET A 1 87  ? -0.203  9.171   -1.015  1.00 23.71 ? 87  MET A SD  1 
ATOM   648  C CE  . MET A 1 87  ? -1.916  9.189   -1.335  1.00 12.00 ? 87  MET A CE  1 
ATOM   649  N N   . ASP A 1 88  ? 0.264   12.817  3.933   1.00 12.35 ? 88  ASP A N   1 
ATOM   650  C CA  . ASP A 1 88  ? 0.440   14.241  4.332   1.00 13.50 ? 88  ASP A CA  1 
ATOM   651  C C   . ASP A 1 88  ? 1.713   14.828  3.744   1.00 13.47 ? 88  ASP A C   1 
ATOM   652  O O   . ASP A 1 88  ? 2.631   14.095  3.321   1.00 14.53 ? 88  ASP A O   1 
ATOM   653  C CB  . ASP A 1 88  ? 0.455   14.371  5.849   1.00 13.70 ? 88  ASP A CB  1 
ATOM   654  C CG  . ASP A 1 88  ? -0.813  13.849  6.469   1.00 15.62 ? 88  ASP A CG  1 
ATOM   655  O OD1 . ASP A 1 88  ? -1.865  14.017  5.856   1.00 16.02 ? 88  ASP A OD1 1 
ATOM   656  O OD2 . ASP A 1 88  ? -0.701  13.187  7.542   1.00 17.25 ? 88  ASP A OD2 1 
ATOM   657  N N   . ASN A 1 89  ? 1.710   16.148  3.697   1.00 14.43 ? 89  ASN A N   1 
ATOM   658  C CA  . ASN A 1 89  ? 2.842   16.949  3.178   1.00 16.61 ? 89  ASN A CA  1 
ATOM   659  C C   . ASN A 1 89  ? 3.262   16.395  1.809   1.00 14.54 ? 89  ASN A C   1 
ATOM   660  O O   . ASN A 1 89  ? 4.442   16.113  1.598   1.00 16.09 ? 89  ASN A O   1 
ATOM   661  C CB  . ASN A 1 89  ? 3.966   17.006  4.207   1.00 20.98 ? 89  ASN A CB  1 
ATOM   662  C CG  . ASN A 1 89  ? 5.032   17.998  3.784   1.00 25.23 ? 89  ASN A CG  1 
ATOM   663  O OD1 . ASN A 1 89  ? 4.719   19.065  3.244   1.00 30.22 ? 89  ASN A OD1 1 
ATOM   664  N ND2 . ASN A 1 89  ? 6.289   17.638  4.002   1.00 30.09 ? 89  ASN A ND2 1 
ATOM   665  N N   . LEU A 1 90  ? 2.307   16.278  0.887   1.00 13.74 ? 90  LEU A N   1 
ATOM   666  C CA  . LEU A 1 90  ? 2.558   15.714  -0.451  1.00 13.77 ? 90  LEU A CA  1 
ATOM   667  C C   . LEU A 1 90  ? 3.471   16.645  -1.257  1.00 14.33 ? 90  LEU A C   1 
ATOM   668  O O   . LEU A 1 90  ? 3.392   17.896  -1.078  1.00 15.45 ? 90  LEU A O   1 
ATOM   669  C CB  . LEU A 1 90  ? 1.205   15.508  -1.154  1.00 12.81 ? 90  LEU A CB  1 
ATOM   670  C CG  . LEU A 1 90  ? 0.549   14.179  -0.759  1.00 11.75 ? 90  LEU A CG  1 
ATOM   671  C CD1 . LEU A 1 90  ? -0.956  14.195  -1.009  1.00 11.74 ? 90  LEU A CD1 1 
ATOM   672  C CD2 . LEU A 1 90  ? 1.202   13.042  -1.509  1.00 11.89 ? 90  LEU A CD2 1 
ATOM   673  N N   . LYS A 1 91  ? 4.270   16.044  -2.134  1.00 15.59 ? 91  LYS A N   1 
ATOM   674  C CA  . LYS A 1 91  ? 5.242   16.712  -3.042  1.00 15.49 ? 91  LYS A CA  1 
ATOM   675  C C   . LYS A 1 91  ? 4.959   16.353  -4.489  1.00 15.22 ? 91  LYS A C   1 
ATOM   676  O O   . LYS A 1 91  ? 4.445   15.274  -4.813  1.00 11.97 ? 91  LYS A O   1 
ATOM   677  C CB  . LYS A 1 91  ? 6.679   16.280  -2.724  1.00 18.29 ? 91  LYS A CB  1 
ATOM   678  C CG  . LYS A 1 91  ? 7.033   16.507  -1.283  1.00 21.67 ? 91  LYS A CG  1 
ATOM   679  C CD  . LYS A 1 91  ? 8.466   16.348  -0.963  1.00 25.70 ? 91  LYS A CD  1 
ATOM   680  C CE  . LYS A 1 91  ? 8.669   16.632  0.509   1.00 29.65 ? 91  LYS A CE  1 
ATOM   681  N NZ  . LYS A 1 91  ? 7.744   17.696  1.004   1.00 35.76 ? 91  LYS A NZ  1 
ATOM   682  N N   . PRO A 1 92  ? 5.321   17.257  -5.430  1.00 13.76 ? 92  PRO A N   1 
ATOM   683  C CA  . PRO A 1 92  ? 5.184   16.955  -6.851  1.00 14.46 ? 92  PRO A CA  1 
ATOM   684  C C   . PRO A 1 92  ? 5.682   15.550  -7.198  1.00 14.14 ? 92  PRO A C   1 
ATOM   685  O O   . PRO A 1 92  ? 4.998   14.880  -7.928  1.00 12.61 ? 92  PRO A O   1 
ATOM   686  C CB  . PRO A 1 92  ? 6.012   18.066  -7.510  1.00 14.17 ? 92  PRO A CB  1 
ATOM   687  C CG  . PRO A 1 92  ? 5.778   19.226  -6.569  1.00 14.27 ? 92  PRO A CG  1 
ATOM   688  C CD  . PRO A 1 92  ? 5.790   18.634  -5.170  1.00 15.66 ? 92  PRO A CD  1 
ATOM   689  N N   . GLU A 1 93  ? 6.796   15.104  -6.613  1.00 14.64 ? 93  GLU A N   1 
ATOM   690  C CA  . GLU A 1 93  ? 7.406   13.798  -6.997  1.00 15.90 ? 93  GLU A CA  1 
ATOM   691  C C   . GLU A 1 93  ? 6.615   12.617  -6.395  1.00 13.57 ? 93  GLU A C   1 
ATOM   692  O O   . GLU A 1 93  ? 6.983   11.512  -6.704  1.00 14.85 ? 93  GLU A O   1 
ATOM   693  C CB  . GLU A 1 93  ? 8.881   13.721  -6.603  1.00 19.72 ? 93  GLU A CB  1 
ATOM   694  C CG  . GLU A 1 93  ? 9.136   13.948  -5.144  1.00 21.94 ? 93  GLU A CG  1 
ATOM   695  C CD  . GLU A 1 93  ? 9.461   15.383  -4.752  1.00 26.81 ? 93  GLU A CD  1 
ATOM   696  O OE1 . GLU A 1 93  ? 10.105  15.522  -3.662  1.00 32.03 ? 93  GLU A OE1 1 
ATOM   697  O OE2 . GLU A 1 93  ? 9.033   16.362  -5.476  1.00 23.33 ? 93  GLU A OE2 1 
ATOM   698  N N   . ASP A 1 94  ? 5.539   12.865  -5.646  1.00 12.13 ? 94  ASP A N   1 
ATOM   699  C CA  . ASP A 1 94  ? 4.596   11.802  -5.176  1.00 11.54 ? 94  ASP A CA  1 
ATOM   700  C C   . ASP A 1 94  ? 3.568   11.486  -6.258  1.00 11.60 ? 94  ASP A C   1 
ATOM   701  O O   . ASP A 1 94  ? 2.810   10.491  -6.116  1.00 11.46 ? 94  ASP A O   1 
ATOM   702  C CB  . ASP A 1 94  ? 3.946   12.166  -3.846  1.00 11.21 ? 94  ASP A CB  1 
ATOM   703  C CG  . ASP A 1 94  ? 4.893   12.268  -2.657  1.00 12.32 ? 94  ASP A CG  1 
ATOM   704  O OD1 . ASP A 1 94  ? 5.837   11.408  -2.516  1.00 13.12 ? 94  ASP A OD1 1 
ATOM   705  O OD2 . ASP A 1 94  ? 4.704   13.211  -1.872  1.00 13.81 ? 94  ASP A OD2 1 
ATOM   706  N N   . THR A 1 95  ? 3.537   12.239  -7.345  1.00 9.93  ? 95  THR A N   1 
ATOM   707  C CA  . THR A 1 95  ? 2.559   12.048  -8.429  1.00 9.74  ? 95  THR A CA  1 
ATOM   708  C C   . THR A 1 95  ? 2.833   10.676  -9.020  1.00 9.85  ? 95  THR A C   1 
ATOM   709  O O   . THR A 1 95  ? 4.005   10.382  -9.381  1.00 10.69 ? 95  THR A O   1 
ATOM   710  C CB  . THR A 1 95  ? 2.669   13.121  -9.506  1.00 9.57  ? 95  THR A CB  1 
ATOM   711  O OG1 . THR A 1 95  ? 2.375   14.393  -8.921  1.00 9.64  ? 95  THR A OG1 1 
ATOM   712  C CG2 . THR A 1 95  ? 1.779   12.864  -10.701 1.00 9.83  ? 95  THR A CG2 1 
ATOM   713  N N   . ALA A 1 96  ? 1.818   9.822   -9.050  1.00 7.71  ? 96  ALA A N   1 
ATOM   714  C CA  . ALA A 1 96  ? 1.957   8.426   -9.475  1.00 7.71  ? 96  ALA A CA  1 
ATOM   715  C C   . ALA A 1 96  ? 0.580   7.781   -9.440  1.00 7.38  ? 96  ALA A C   1 
ATOM   716  O O   . ALA A 1 96  ? -0.331  8.322   -8.793  1.00 6.98  ? 96  ALA A O   1 
ATOM   717  C CB  . ALA A 1 96  ? 2.925   7.639   -8.597  1.00 7.95  ? 96  ALA A CB  1 
ATOM   718  N N   . VAL A 1 97  ? 0.469   6.617   -10.056 1.00 7.08  ? 97  VAL A N   1 
ATOM   719  C CA  . VAL A 1 97  ? -0.657  5.672   -9.817  1.00 6.97  ? 97  VAL A CA  1 
ATOM   720  C C   . VAL A 1 97  ? -0.301  4.847   -8.578  1.00 6.57  ? 97  VAL A C   1 
ATOM   721  O O   . VAL A 1 97  ? 0.820   4.232   -8.522  1.00 7.43  ? 97  VAL A O   1 
ATOM   722  C CB  . VAL A 1 97  ? -0.908  4.777   -11.039 1.00 7.31  ? 97  VAL A CB  1 
ATOM   723  C CG1 . VAL A 1 97  ? -2.037  3.834   -10.751 1.00 8.14  ? 97  VAL A CG1 1 
ATOM   724  C CG2 . VAL A 1 97  ? -1.205  5.629   -12.258 1.00 8.57  ? 97  VAL A CG2 1 
ATOM   725  N N   . TYR A 1 98  ? -1.212  4.832   -7.620  1.00 6.47  ? 98  TYR A N   1 
ATOM   726  C CA  . TYR A 1 98  ? -1.033  4.094   -6.346  1.00 6.83  ? 98  TYR A CA  1 
ATOM   727  C C   . TYR A 1 98  ? -1.874  2.840   -6.387  1.00 6.49  ? 98  TYR A C   1 
ATOM   728  O O   . TYR A 1 98  ? -3.055  2.952   -6.669  1.00 7.20  ? 98  TYR A O   1 
ATOM   729  C CB  . TYR A 1 98  ? -1.367  4.948   -5.118  1.00 7.37  ? 98  TYR A CB  1 
ATOM   730  C CG  . TYR A 1 98  ? -0.299  5.974   -4.850  1.00 7.40  ? 98  TYR A CG  1 
ATOM   731  C CD1 . TYR A 1 98  ? -0.153  7.072   -5.674  1.00 7.86  ? 98  TYR A CD1 1 
ATOM   732  C CD2 . TYR A 1 98  ? 0.541   5.854   -3.764  1.00 9.36  ? 98  TYR A CD2 1 
ATOM   733  C CE1 . TYR A 1 98  ? 0.856   7.992   -5.464  1.00 8.36  ? 98  TYR A CE1 1 
ATOM   734  C CE2 . TYR A 1 98  ? 1.538   6.779   -3.526  1.00 9.21  ? 98  TYR A CE2 1 
ATOM   735  C CZ  . TYR A 1 98  ? 1.717   7.844   -4.396  1.00 9.30  ? 98  TYR A CZ  1 
ATOM   736  O OH  . TYR A 1 98  ? 2.714   8.752   -4.108  1.00 11.65 ? 98  TYR A OH  1 
ATOM   737  N N   . TYR A 1 99  ? -1.269  1.692   -6.086  1.00 6.34  ? 99  TYR A N   1 
ATOM   738  C CA  . TYR A 1 99  ? -1.957  0.388   -6.091  1.00 6.66  ? 99  TYR A CA  1 
ATOM   739  C C   . TYR A 1 99  ? -2.094  -0.162  -4.683  1.00 6.38  ? 99  TYR A C   1 
ATOM   740  O O   . TYR A 1 99  ? -1.071  -0.319  -4.009  1.00 6.98  ? 99  TYR A O   1 
ATOM   741  C CB  . TYR A 1 99  ? -1.179  -0.604  -6.951  1.00 6.87  ? 99  TYR A CB  1 
ATOM   742  C CG  . TYR A 1 99  ? -1.217  -0.308  -8.420  1.00 7.42  ? 99  TYR A CG  1 
ATOM   743  C CD1 . TYR A 1 99  ? -0.265  0.496   -9.022  1.00 7.60  ? 99  TYR A CD1 1 
ATOM   744  C CD2 . TYR A 1 99  ? -2.207  -0.877  -9.194  1.00 7.54  ? 99  TYR A CD2 1 
ATOM   745  C CE1 . TYR A 1 99  ? -0.356  0.785   -10.370 1.00 8.72  ? 99  TYR A CE1 1 
ATOM   746  C CE2 . TYR A 1 99  ? -2.284  -0.637  -10.547 1.00 8.05  ? 99  TYR A CE2 1 
ATOM   747  C CZ  . TYR A 1 99  ? -1.366  0.222   -11.125 1.00 8.57  ? 99  TYR A CZ  1 
ATOM   748  O OH  . TYR A 1 99  ? -1.420  0.484   -12.470 1.00 9.86  ? 99  TYR A OH  1 
ATOM   749  N N   . CYS A 1 100 ? -3.318  -0.521  -4.285  1.00 6.03  ? 100 CYS A N   1 
ATOM   750  C CA  . CYS A 1 100 ? -3.549  -1.433  -3.152  1.00 6.18  ? 100 CYS A CA  1 
ATOM   751  C C   . CYS A 1 100 ? -2.894  -2.785  -3.472  1.00 5.97  ? 100 CYS A C   1 
ATOM   752  O O   . CYS A 1 100 ? -2.912  -3.247  -4.646  1.00 5.78  ? 100 CYS A O   1 
ATOM   753  C CB  . CYS A 1 100 ? -5.047  -1.537  -2.850  1.00 6.78  ? 100 CYS A CB  1 
ATOM   754  S SG  . CYS A 1 100 ? -5.350  -2.618  -1.441  1.00 7.76  ? 100 CYS A SG  1 
ATOM   755  N N   . HIS A 1 101 ? -2.334  -3.447  -2.455  1.00 5.27  ? 101 HIS A N   1 
ATOM   756  C CA  . HIS A 1 101 ? -1.580  -4.689  -2.672  1.00 5.46  ? 101 HIS A CA  1 
ATOM   757  C C   . HIS A 1 101 ? -1.734  -5.603  -1.474  1.00 5.29  ? 101 HIS A C   1 
ATOM   758  O O   . HIS A 1 101 ? -1.795  -5.132  -0.310  1.00 5.52  ? 101 HIS A O   1 
ATOM   759  C CB  . HIS A 1 101 ? -0.104  -4.359  -2.950  1.00 5.70  ? 101 HIS A CB  1 
ATOM   760  C CG  . HIS A 1 101 ? 0.783   -5.560  -3.023  1.00 5.89  ? 101 HIS A CG  1 
ATOM   761  N ND1 . HIS A 1 101 ? 1.522   -5.996  -1.963  1.00 6.30  ? 101 HIS A ND1 1 
ATOM   762  C CD2 . HIS A 1 101 ? 1.116   -6.343  -4.082  1.00 6.50  ? 101 HIS A CD2 1 
ATOM   763  C CE1 . HIS A 1 101 ? 2.256   -7.021  -2.353  1.00 6.37  ? 101 HIS A CE1 1 
ATOM   764  N NE2 . HIS A 1 101 ? 2.019   -7.280  -3.658  1.00 6.27  ? 101 HIS A NE2 1 
ATOM   765  N N   . VAL A 1 102 ? -1.881  -6.879  -1.707  1.00 5.12  ? 102 VAL A N   1 
ATOM   766  C CA  . VAL A 1 102 ? -1.773  -7.896  -0.639  1.00 5.44  ? 102 VAL A CA  1 
ATOM   767  C C   . VAL A 1 102 ? -0.664  -8.872  -1.003  1.00 6.30  ? 102 VAL A C   1 
ATOM   768  O O   . VAL A 1 102 ? -0.595  -9.287  -2.166  1.00 6.16  ? 102 VAL A O   1 
ATOM   769  C CB  . VAL A 1 102 ? -3.128  -8.565  -0.396  1.00 5.78  ? 102 VAL A CB  1 
ATOM   770  C CG1 . VAL A 1 102 ? -3.010  -9.830  0.456   1.00 5.80  ? 102 VAL A CG1 1 
ATOM   771  C CG2 . VAL A 1 102 ? -4.099  -7.555  0.191   1.00 6.10  ? 102 VAL A CG2 1 
ATOM   772  N N   . LEU A 1 103 ? 0.164   -9.207  -0.016  1.00 6.45  ? 103 LEU A N   1 
ATOM   773  C CA  . LEU A 1 103 ? 1.282   -10.156 -0.199  1.00 6.35  ? 103 LEU A CA  1 
ATOM   774  C C   . LEU A 1 103 ? 0.938   -11.441 0.533   1.00 6.28  ? 103 LEU A C   1 
ATOM   775  O O   . LEU A 1 103 ? 0.806   -11.404 1.768   1.00 5.78  ? 103 LEU A O   1 
ATOM   776  C CB  . LEU A 1 103 ? 2.573   -9.565  0.340   1.00 7.26  ? 103 LEU A CB  1 
ATOM   777  C CG  . LEU A 1 103 ? 3.829   -10.375 0.116   1.00 7.80  ? 103 LEU A CG  1 
ATOM   778  C CD1 . LEU A 1 103 ? 4.036   -10.601 -1.368  1.00 8.62  ? 103 LEU A CD1 1 
ATOM   779  C CD2 . LEU A 1 103 ? 5.018   -9.668  0.753   1.00 8.21  ? 103 LEU A CD2 1 
ATOM   780  N N   . GLU A 1 104 ? 0.814   -12.546 -0.203  1.00 6.60  ? 104 GLU A N   1 
ATOM   781  C CA  . GLU A 1 104 ? 0.574   -13.884 0.369   1.00 6.61  ? 104 GLU A CA  1 
ATOM   782  C C   . GLU A 1 104 ? 1.873   -14.699 0.361   1.00 7.41  ? 104 GLU A C   1 
ATOM   783  O O   . GLU A 1 104 ? 2.505   -14.826 -0.716  1.00 7.45  ? 104 GLU A O   1 
ATOM   784  C CB  . GLU A 1 104 ? -0.576  -14.592 -0.349  1.00 7.28  ? 104 GLU A CB  1 
ATOM   785  C CG  . GLU A 1 104 ? -0.866  -15.918 0.229   1.00 7.78  ? 104 GLU A CG  1 
ATOM   786  C CD  . GLU A 1 104 ? -1.843  -16.713 -0.598  1.00 8.34  ? 104 GLU A CD  1 
ATOM   787  O OE1 . GLU A 1 104 ? -2.132  -16.323 -1.736  1.00 9.86  ? 104 GLU A OE1 1 
ATOM   788  O OE2 . GLU A 1 104 ? -2.296  -17.739 -0.086  1.00 11.62 ? 104 GLU A OE2 1 
ATOM   789  N N   . ASP A 1 105 ? 2.210   -15.295 1.529   1.00 6.87  ? 105 ASP A N   1 
ATOM   790  C CA  . ASP A 1 105 ? 3.305   -16.280 1.637   1.00 7.89  ? 105 ASP A CA  1 
ATOM   791  C C   . ASP A 1 105 ? 2.799   -17.625 1.166   1.00 7.93  ? 105 ASP A C   1 
ATOM   792  O O   . ASP A 1 105 ? 2.019   -18.242 1.897   1.00 8.60  ? 105 ASP A O   1 
ATOM   793  C CB  . ASP A 1 105 ? 3.799   -16.351 3.055   1.00 8.14  ? 105 ASP A CB  1 
ATOM   794  C CG  . ASP A 1 105 ? 4.986   -17.289 3.234   1.00 9.42  ? 105 ASP A CG  1 
ATOM   795  O OD1 . ASP A 1 105 ? 5.410   -17.919 2.245   1.00 8.81  ? 105 ASP A OD1 1 
ATOM   796  O OD2 . ASP A 1 105 ? 5.429   -17.408 4.355   1.00 11.15 ? 105 ASP A OD2 1 
ATOM   797  N N   . ARG A 1 106 ? 3.214   -18.085 -0.028  1.00 8.94  ? 106 ARG A N   1 
ATOM   798  C CA  . ARG A 1 106 ? 2.859   -19.412 -0.563  1.00 10.53 ? 106 ARG A CA  1 
ATOM   799  C C   . ARG A 1 106 ? 4.021   -20.392 -0.369  1.00 11.38 ? 106 ARG A C   1 
ATOM   800  O O   . ARG A 1 106 ? 4.127   -21.320 -1.217  1.00 13.88 ? 106 ARG A O   1 
ATOM   801  C CB  . ARG A 1 106 ? 2.393   -19.300 -2.008  1.00 9.84  ? 106 ARG A CB  1 
ATOM   802  C CG  . ARG A 1 106 ? 1.018   -18.667 -2.098  1.00 10.14 ? 106 ARG A CG  1 
ATOM   803  C CD  . ARG A 1 106 ? 0.396   -18.878 -3.465  1.00 10.70 ? 106 ARG A CD  1 
ATOM   804  N NE  . ARG A 1 106 ? -0.803  -18.105 -3.636  1.00 11.08 ? 106 ARG A NE  1 
ATOM   805  C CZ  . ARG A 1 106 ? -1.472  -18.029 -4.752  1.00 10.90 ? 106 ARG A CZ  1 
ATOM   806  N NH1 . ARG A 1 106 ? -1.085  -18.741 -5.800  1.00 10.87 ? 106 ARG A NH1 1 
ATOM   807  N NH2 . ARG A 1 106 ? -2.571  -17.305 -4.850  1.00 12.89 ? 106 ARG A NH2 1 
ATOM   808  N N   . VAL A 1 107 ? 4.842   -20.171 0.657   1.00 11.55 ? 107 VAL A N   1 
ATOM   809  C CA  . VAL A 1 107 ? 5.862   -21.123 1.202   1.00 12.70 ? 107 VAL A CA  1 
ATOM   810  C C   . VAL A 1 107 ? 7.104   -21.158 0.295   1.00 11.67 ? 107 VAL A C   1 
ATOM   811  O O   . VAL A 1 107 ? 8.198   -20.827 0.761   1.00 11.92 ? 107 VAL A O   1 
ATOM   812  C CB  . VAL A 1 107 ? 5.274   -22.531 1.459   1.00 14.35 ? 107 VAL A CB  1 
ATOM   813  C CG1 . VAL A 1 107 ? 6.262   -23.406 2.205   1.00 16.10 ? 107 VAL A CG1 1 
ATOM   814  C CG2 . VAL A 1 107 ? 3.934   -22.527 2.198   1.00 15.35 ? 107 VAL A CG2 1 
ATOM   815  N N   . ASP A 1 108 ? 6.944   -21.545 -0.970  1.00 12.19 ? 108 ASP A N   1 
ATOM   816  C CA  . ASP A 1 108 ? 8.055   -21.630 -1.943  1.00 12.08 ? 108 ASP A CA  1 
ATOM   817  C C   . ASP A 1 108 ? 8.191   -20.319 -2.701  1.00 10.75 ? 108 ASP A C   1 
ATOM   818  O O   . ASP A 1 108 ? 9.236   -20.082 -3.310  1.00 11.23 ? 108 ASP A O   1 
ATOM   819  C CB  . ASP A 1 108 ? 7.802   -22.710 -2.992  1.00 13.49 ? 108 ASP A CB  1 
ATOM   820  C CG  . ASP A 1 108 ? 7.722   -24.077 -2.356  1.00 16.62 ? 108 ASP A CG  1 
ATOM   821  O OD1 . ASP A 1 108 ? 8.601   -24.349 -1.523  1.00 17.25 ? 108 ASP A OD1 1 
ATOM   822  O OD2 . ASP A 1 108 ? 6.820   -24.848 -2.711  1.00 20.72 ? 108 ASP A OD2 1 
ATOM   823  N N   . SER A 1 109 ? 7.161   -19.486 -2.624  1.00 9.48  ? 109 SER A N   1 
ATOM   824  C CA  . SER A 1 109 ? 7.142   -18.212 -3.348  1.00 8.60  ? 109 SER A CA  1 
ATOM   825  C C   . SER A 1 109 ? 6.117   -17.297 -2.668  1.00 8.43  ? 109 SER A C   1 
ATOM   826  O O   . SER A 1 109 ? 5.323   -17.769 -1.851  1.00 10.12 ? 109 SER A O   1 
ATOM   827  C CB  . SER A 1 109 ? 6.891   -18.473 -4.846  1.00 8.82  ? 109 SER A CB  1 
ATOM   828  O OG  . SER A 1 109 ? 5.621   -19.068 -5.102  1.00 9.33  ? 109 SER A OG  1 
ATOM   829  N N   . PHE A 1 110 ? 6.056   -16.064 -3.118  1.00 7.81  ? 110 PHE A N   1 
ATOM   830  C CA  . PHE A 1 110 ? 5.052   -15.060 -2.682  1.00 7.98  ? 110 PHE A CA  1 
ATOM   831  C C   . PHE A 1 110 ? 4.125   -14.805 -3.855  1.00 7.55  ? 110 PHE A C   1 
ATOM   832  O O   . PHE A 1 110 ? 4.540   -14.839 -5.018  1.00 8.01  ? 110 PHE A O   1 
ATOM   833  C CB  . PHE A 1 110 ? 5.754   -13.769 -2.283  1.00 8.34  ? 110 PHE A CB  1 
ATOM   834  C CG  . PHE A 1 110 ? 6.627   -13.944 -1.061  1.00 8.28  ? 110 PHE A CG  1 
ATOM   835  C CD1 . PHE A 1 110 ? 6.077   -13.844 0.198   1.00 9.52  ? 110 PHE A CD1 1 
ATOM   836  C CD2 . PHE A 1 110 ? 8.012   -14.119 -1.178  1.00 8.52  ? 110 PHE A CD2 1 
ATOM   837  C CE1 . PHE A 1 110 ? 6.865   -13.978 1.328   1.00 9.89  ? 110 PHE A CE1 1 
ATOM   838  C CE2 . PHE A 1 110 ? 8.792   -14.263 -0.041  1.00 9.24  ? 110 PHE A CE2 1 
ATOM   839  C CZ  . PHE A 1 110 ? 8.220   -14.160 1.201   1.00 9.24  ? 110 PHE A CZ  1 
ATOM   840  N N   . HIS A 1 111 ? 2.869   -14.512 -3.544  1.00 6.53  ? 111 HIS A N   1 
ATOM   841  C CA  . HIS A 1 111 ? 1.841   -14.140 -4.532  1.00 7.20  ? 111 HIS A CA  1 
ATOM   842  C C   . HIS A 1 111 ? 1.399   -12.704 -4.284  1.00 6.78  ? 111 HIS A C   1 
ATOM   843  O O   . HIS A 1 111 ? 1.146   -12.333 -3.129  1.00 6.78  ? 111 HIS A O   1 
ATOM   844  C CB  . HIS A 1 111 ? 0.659   -15.089 -4.474  1.00 7.28  ? 111 HIS A CB  1 
ATOM   845  C CG  . HIS A 1 111 ? -0.400  -14.770 -5.472  1.00 7.47  ? 111 HIS A CG  1 
ATOM   846  N ND1 . HIS A 1 111 ? -0.456  -15.405 -6.690  1.00 7.13  ? 111 HIS A ND1 1 
ATOM   847  C CD2 . HIS A 1 111 ? -1.390  -13.835 -5.466  1.00 8.07  ? 111 HIS A CD2 1 
ATOM   848  C CE1 . HIS A 1 111 ? -1.453  -14.878 -7.381  1.00 8.07  ? 111 HIS A CE1 1 
ATOM   849  N NE2 . HIS A 1 111 ? -2.070  -13.925 -6.648  1.00 8.05  ? 111 HIS A NE2 1 
ATOM   850  N N   . ASP A 1 112 ? 1.320   -11.936 -5.352  1.00 6.88  ? 112 ASP A N   1 
ATOM   851  C CA  . ASP A 1 112 ? 0.859   -10.537 -5.343  1.00 6.91  ? 112 ASP A CA  1 
ATOM   852  C C   . ASP A 1 112 ? -0.615  -10.517 -5.726  1.00 6.95  ? 112 ASP A C   1 
ATOM   853  O O   . ASP A 1 112 ? -0.993  -11.023 -6.820  1.00 6.82  ? 112 ASP A O   1 
ATOM   854  C CB  . ASP A 1 112 ? 1.620   -9.682  -6.345  1.00 7.03  ? 112 ASP A CB  1 
ATOM   855  C CG  . ASP A 1 112 ? 3.111   -9.658  -6.058  1.00 8.10  ? 112 ASP A CG  1 
ATOM   856  O OD1 . ASP A 1 112 ? 3.481   -9.237  -4.942  1.00 7.65  ? 112 ASP A OD1 1 
ATOM   857  O OD2 . ASP A 1 112 ? 3.894   -10.047 -6.955  1.00 9.57  ? 112 ASP A OD2 1 
ATOM   858  N N   . TYR A 1 113 ? -1.440  -9.888  -4.903  1.00 6.93  ? 113 TYR A N   1 
ATOM   859  C CA  . TYR A 1 113 ? -2.816  -9.487  -5.271  1.00 6.81  ? 113 TYR A CA  1 
ATOM   860  C C   . TYR A 1 113 ? -2.804  -7.981  -5.471  1.00 6.57  ? 113 TYR A C   1 
ATOM   861  O O   . TYR A 1 113 ? -2.166  -7.285  -4.683  1.00 6.08  ? 113 TYR A O   1 
ATOM   862  C CB  . TYR A 1 113 ? -3.839  -9.856  -4.213  1.00 7.42  ? 113 TYR A CB  1 
ATOM   863  C CG  . TYR A 1 113 ? -3.942  -11.330 -3.962  1.00 7.41  ? 113 TYR A CG  1 
ATOM   864  C CD1 . TYR A 1 113 ? -4.642  -12.178 -4.822  1.00 7.86  ? 113 TYR A CD1 1 
ATOM   865  C CD2 . TYR A 1 113 ? -3.340  -11.901 -2.861  1.00 8.50  ? 113 TYR A CD2 1 
ATOM   866  C CE1 . TYR A 1 113 ? -4.732  -13.529 -4.562  1.00 8.42  ? 113 TYR A CE1 1 
ATOM   867  C CE2 . TYR A 1 113 ? -3.455  -13.249 -2.576  1.00 8.48  ? 113 TYR A CE2 1 
ATOM   868  C CZ  . TYR A 1 113 ? -4.164  -14.073 -3.429  1.00 8.68  ? 113 TYR A CZ  1 
ATOM   869  O OH  . TYR A 1 113 ? -4.256  -15.443 -3.184  1.00 10.99 ? 113 TYR A OH  1 
ATOM   870  N N   . TRP A 1 114 ? -3.403  -7.504  -6.563  1.00 5.87  ? 114 TRP A N   1 
ATOM   871  C CA  . TRP A 1 114 ? -3.342  -6.085  -6.980  1.00 6.67  ? 114 TRP A CA  1 
ATOM   872  C C   . TRP A 1 114 ? -4.731  -5.481  -7.032  1.00 6.57  ? 114 TRP A C   1 
ATOM   873  O O   . TRP A 1 114 ? -5.661  -6.097  -7.619  1.00 7.46  ? 114 TRP A O   1 
ATOM   874  C CB  . TRP A 1 114 ? -2.721  -5.952  -8.367  1.00 6.60  ? 114 TRP A CB  1 
ATOM   875  C CG  . TRP A 1 114 ? -1.275  -6.312  -8.437  1.00 7.07  ? 114 TRP A CG  1 
ATOM   876  C CD1 . TRP A 1 114 ? -0.695  -7.398  -9.032  1.00 7.13  ? 114 TRP A CD1 1 
ATOM   877  C CD2 . TRP A 1 114 ? -0.200  -5.548  -7.875  1.00 6.91  ? 114 TRP A CD2 1 
ATOM   878  N NE1 . TRP A 1 114 ? 0.664   -7.351  -8.876  1.00 7.53  ? 114 TRP A NE1 1 
ATOM   879  C CE2 . TRP A 1 114 ? 1.002   -6.215  -8.164  1.00 6.95  ? 114 TRP A CE2 1 
ATOM   880  C CE3 . TRP A 1 114 ? -0.161  -4.368  -7.132  1.00 7.24  ? 114 TRP A CE3 1 
ATOM   881  C CZ2 . TRP A 1 114 ? 2.251   -5.705  -7.829  1.00 7.68  ? 114 TRP A CZ2 1 
ATOM   882  C CZ3 . TRP A 1 114 ? 1.072   -3.847  -6.810  1.00 7.58  ? 114 TRP A CZ3 1 
ATOM   883  C CH2 . TRP A 1 114 ? 2.267   -4.533  -7.106  1.00 7.86  ? 114 TRP A CH2 1 
ATOM   884  N N   . GLY A 1 115 ? -4.844  -4.244  -6.565  1.00 6.35  ? 115 GLY A N   1 
ATOM   885  C CA  . GLY A 1 115 ? -6.007  -3.406  -6.863  1.00 6.56  ? 115 GLY A CA  1 
ATOM   886  C C   . GLY A 1 115 ? -5.970  -2.842  -8.286  1.00 6.06  ? 115 GLY A C   1 
ATOM   887  O O   . GLY A 1 115 ? -5.188  -3.306  -9.156  1.00 6.67  ? 115 GLY A O   1 
ATOM   888  N N   . GLN A 1 116 ? -6.816  -1.856  -8.521  1.00 6.46  ? 116 GLN A N   1 
ATOM   889  C CA  . GLN A 1 116 ? -7.021  -1.230  -9.843  1.00 6.81  ? 116 GLN A CA  1 
ATOM   890  C C   . GLN A 1 116 ? -5.960  -0.172  -10.091 1.00 7.15  ? 116 GLN A C   1 
ATOM   891  O O   . GLN A 1 116 ? -5.697  0.120   -11.234 1.00 7.44  ? 116 GLN A O   1 
ATOM   892  C CB  . GLN A 1 116 ? -8.404  -0.602  -9.901  1.00 7.28  ? 116 GLN A CB  1 
ATOM   893  C CG  . GLN A 1 116 ? -9.499  -1.612  -9.751  1.00 7.47  ? 116 GLN A CG  1 
ATOM   894  C CD  . GLN A 1 116 ? -9.691  -2.438  -10.993 1.00 8.10  ? 116 GLN A CD  1 
ATOM   895  O OE1 . GLN A 1 116 ? -9.292  -2.007  -12.043 1.00 8.84  ? 116 GLN A OE1 1 
ATOM   896  N NE2 . GLN A 1 116 ? -10.319 -3.584  -10.836 1.00 9.14  ? 116 GLN A NE2 1 
ATOM   897  N N   . GLY A 1 117 ? -5.407  0.409   -9.028  1.00 6.48  ? 117 GLY A N   1 
ATOM   898  C CA  . GLY A 1 117 ? -4.604  1.615   -9.165  1.00 7.08  ? 117 GLY A CA  1 
ATOM   899  C C   . GLY A 1 117 ? -5.481  2.841   -9.131  1.00 7.41  ? 117 GLY A C   1 
ATOM   900  O O   . GLY A 1 117 ? -6.606  2.822   -9.679  1.00 8.85  ? 117 GLY A O   1 
ATOM   901  N N   . THR A 1 118 ? -4.999  3.888   -8.484  1.00 6.80  ? 118 THR A N   1 
ATOM   902  C CA  . THR A 1 118 ? -5.682  5.201   -8.450  1.00 7.71  ? 118 THR A CA  1 
ATOM   903  C C   . THR A 1 118 ? -4.633  6.294   -8.674  1.00 7.46  ? 118 THR A C   1 
ATOM   904  O O   . THR A 1 118 ? -3.588  6.262   -8.022  1.00 7.38  ? 118 THR A O   1 
ATOM   905  C CB  . THR A 1 118 ? -6.478  5.379   -7.148  1.00 8.04  ? 118 THR A CB  1 
ATOM   906  O OG1 . THR A 1 118 ? -7.123  6.634   -7.346  1.00 8.57  ? 118 THR A OG1 1 
ATOM   907  C CG2 . THR A 1 118 ? -5.656  5.345   -5.887  1.00 8.55  ? 118 THR A CG2 1 
ATOM   908  N N   . GLN A 1 119 ? -4.887  7.209   -9.612  1.00 7.54  ? 119 GLN A N   1 
ATOM   909  C CA  . GLN A 1 119 ? -3.980  8.347   -9.814  1.00 7.78  ? 119 GLN A CA  1 
ATOM   910  C C   . GLN A 1 119 ? -4.006  9.334   -8.676  1.00 8.66  ? 119 GLN A C   1 
ATOM   911  O O   . GLN A 1 119 ? -5.094  9.759   -8.246  1.00 9.27  ? 119 GLN A O   1 
ATOM   912  C CB  . GLN A 1 119 ? -4.345  9.019   -11.126 1.00 8.11  ? 119 GLN A CB  1 
ATOM   913  C CG  . GLN A 1 119 ? -3.451  10.192  -11.446 1.00 8.08  ? 119 GLN A CG  1 
ATOM   914  C CD  . GLN A 1 119 ? -2.109  9.781   -11.976 1.00 8.83  ? 119 GLN A CD  1 
ATOM   915  O OE1 . GLN A 1 119 ? -2.000  8.967   -12.891 1.00 10.56 ? 119 GLN A OE1 1 
ATOM   916  N NE2 . GLN A 1 119 ? -1.068  10.384  -11.459 1.00 9.26  ? 119 GLN A NE2 1 
ATOM   917  N N   . VAL A 1 120 ? -2.818  9.725   -8.221  1.00 7.64  ? 120 VAL A N   1 
ATOM   918  C CA  . VAL A 1 120 ? -2.621  10.849  -7.294  1.00 8.45  ? 120 VAL A CA  1 
ATOM   919  C C   . VAL A 1 120 ? -1.765  11.860  -8.029  1.00 7.87  ? 120 VAL A C   1 
ATOM   920  O O   . VAL A 1 120 ? -0.716  11.476  -8.594  1.00 8.23  ? 120 VAL A O   1 
ATOM   921  C CB  . VAL A 1 120 ? -1.957  10.372  -6.007  1.00 8.99  ? 120 VAL A CB  1 
ATOM   922  C CG1 . VAL A 1 120 ? -1.579  11.542  -5.127  1.00 9.17  ? 120 VAL A CG1 1 
ATOM   923  C CG2 . VAL A 1 120 ? -2.845  9.385   -5.243  1.00 9.87  ? 120 VAL A CG2 1 
ATOM   924  N N   . THR A 1 121 ? -2.193  13.109  -8.028  1.00 8.25  ? 121 THR A N   1 
ATOM   925  C CA  . THR A 1 121 ? -1.500  14.177  -8.784  1.00 8.49  ? 121 THR A CA  1 
ATOM   926  C C   . THR A 1 121 ? -1.249  15.336  -7.854  1.00 8.92  ? 121 THR A C   1 
ATOM   927  O O   . THR A 1 121 ? -2.195  15.871  -7.308  1.00 8.74  ? 121 THR A O   1 
ATOM   928  C CB  . THR A 1 121 ? -2.313  14.525  -10.024 1.00 9.14  ? 121 THR A CB  1 
ATOM   929  O OG1 . THR A 1 121 ? -2.587  13.354  -10.796 1.00 9.39  ? 121 THR A OG1 1 
ATOM   930  C CG2 . THR A 1 121 ? -1.615  15.552  -10.895 1.00 9.29  ? 121 THR A CG2 1 
ATOM   931  N N   . VAL A 1 122 ? 0.016   15.709  -7.707  1.00 9.46  ? 122 VAL A N   1 
ATOM   932  C CA  . VAL A 1 122 ? 0.437   16.804  -6.802  1.00 9.72  ? 122 VAL A CA  1 
ATOM   933  C C   . VAL A 1 122 ? 0.927   17.948  -7.698  1.00 10.20 ? 122 VAL A C   1 
ATOM   934  O O   . VAL A 1 122 ? 1.949   17.769  -8.370  1.00 10.65 ? 122 VAL A O   1 
ATOM   935  C CB  . VAL A 1 122 ? 1.464   16.370  -5.749  1.00 10.22 ? 122 VAL A CB  1 
ATOM   936  C CG1 . VAL A 1 122 ? 1.690   17.493  -4.747  1.00 11.20 ? 122 VAL A CG1 1 
ATOM   937  C CG2 . VAL A 1 122 ? 1.056   15.093  -5.003  1.00 10.11 ? 122 VAL A CG2 1 
ATOM   938  N N   . SER A 1 123 ? 0.163   19.053  -7.729  1.00 11.16 ? 123 SER A N   1 
ATOM   939  C CA  . SER A 1 123 ? 0.368   20.204  -8.654  1.00 11.48 ? 123 SER A CA  1 
ATOM   940  C C   . SER A 1 123 ? 0.135   21.510  -7.916  1.00 12.11 ? 123 SER A C   1 
ATOM   941  O O   . SER A 1 123 ? -0.936  21.643  -7.287  1.00 13.92 ? 123 SER A O   1 
ATOM   942  C CB  . SER A 1 123 ? -0.548  20.132  -9.847  1.00 11.76 ? 123 SER A CB  1 
ATOM   943  O OG  . SER A 1 123 ? -0.248  18.990  -10.628 1.00 12.05 ? 123 SER A OG  1 
ATOM   944  N N   . SER A 1 124 ? 1.043   22.471  -8.060  1.00 12.68 ? 124 SER A N   1 
ATOM   945  C CA  . SER A 1 124 ? 0.823   23.852  -7.565  1.00 13.95 ? 124 SER A CA  1 
ATOM   946  C C   . SER A 1 124 ? -0.240  24.495  -8.460  1.00 15.98 ? 124 SER A C   1 
ATOM   947  O O   . SER A 1 124 ? -0.802  25.563  -8.165  1.00 16.22 ? 124 SER A O   1 
ATOM   948  C CB  . SER A 1 124 ? 2.124   24.597  -7.551  1.00 14.42 ? 124 SER A CB  1 
ATOM   949  O OG  . SER A 1 124 ? 2.685   24.640  -8.866  1.00 12.47 ? 124 SER A OG  1 
ATOM   950  O OXT . SER A 1 124 ? -0.600  23.955  -9.548  1.00 13.48 ? 124 SER A OXT 1 
HETATM 951  C C   . N7P B 2 1   ? 10.837  -11.315 11.388  1.00 18.36 ? 1   N7P B C   1 
HETATM 952  O O   . N7P B 2 1   ? 11.480  -12.375 11.201  1.00 18.93 ? 1   N7P B O   1 
HETATM 953  C CA  . N7P B 2 1   ? 11.278  -9.980  11.880  1.00 19.19 ? 1   N7P B CA  1 
HETATM 954  N N   . N7P B 2 1   ? 12.294  -10.205 12.886  1.00 21.67 ? 1   N7P B N   1 
HETATM 955  C C1  . N7P B 2 1   ? 11.981  -10.901 13.979  1.00 25.26 ? 1   N7P B C1  1 
HETATM 956  O O1  . N7P B 2 1   ? 10.899  -11.507 14.137  1.00 26.02 ? 1   N7P B O1  1 
HETATM 957  C C2  . N7P B 2 1   ? 13.074  -10.940 15.005  1.00 25.30 ? 1   N7P B C2  1 
HETATM 958  C CD  . N7P B 2 1   ? 13.566  -9.645  12.430  1.00 20.64 ? 1   N7P B CD  1 
HETATM 959  C CG  . N7P B 2 1   ? 13.379  -9.520  10.910  1.00 21.38 ? 1   N7P B CG  1 
HETATM 960  C CB  . N7P B 2 1   ? 11.914  -9.185  10.764  1.00 20.27 ? 1   N7P B CB  1 
ATOM   961  N N   . SER B 2 2   ? 9.398   -11.576 10.809  1.00 9.91  ? 2   SER B N   1 
ATOM   962  C CA  . SER B 2 2   ? 8.868   -12.741 10.168  1.00 9.83  ? 2   SER B CA  1 
ATOM   963  C C   . SER B 2 2   ? 9.397   -12.822 8.729   1.00 8.99  ? 2   SER B C   1 
ATOM   964  O O   . SER B 2 2   ? 9.937   -11.825 8.206   1.00 9.82  ? 2   SER B O   1 
ATOM   965  C CB  . SER B 2 2   ? 7.358   -12.658 10.226  1.00 10.84 ? 2   SER B CB  1 
ATOM   966  O OG  . SER B 2 2   ? 6.881   -11.579 9.406   1.00 9.27  ? 2   SER B OG  1 
ATOM   967  N N   . ARG B 2 3   ? 9.124   -13.939 8.084   1.00 9.32  ? 3   ARG B N   1 
ATOM   968  C CA  . ARG B 2 3   ? 9.367   -14.147 6.640   1.00 8.71  ? 3   ARG B CA  1 
ATOM   969  C C   . ARG B 2 3   ? 8.714   -13.024 5.828   1.00 8.52  ? 3   ARG B C   1 
ATOM   970  O O   . ARG B 2 3   ? 9.417   -12.422 5.002   1.00 8.71  ? 3   ARG B O   1 
ATOM   971  C CB  . ARG B 2 3   ? 8.858   -15.528 6.274   1.00 8.83  ? 3   ARG B CB  1 
ATOM   972  C CG  . ARG B 2 3   ? 8.767   -15.735 4.775   1.00 9.36  ? 3   ARG B CG  1 
ATOM   973  C CD  . ARG B 2 3   ? 8.714   -17.196 4.399   1.00 9.82  ? 3   ARG B CD  1 
ATOM   974  N NE  . ARG B 2 3   ? 8.177   -17.453 3.091   1.00 11.13 ? 3   ARG B NE  1 
ATOM   975  C CZ  . ARG B 2 3   ? 8.841   -17.443 1.938   1.00 9.72  ? 3   ARG B CZ  1 
ATOM   976  N NH1 . ARG B 2 3   ? 8.189   -17.720 0.814   1.00 10.74 ? 3   ARG B NH1 1 
ATOM   977  N NH2 . ARG B 2 3   ? 10.131  -17.131 1.902   1.00 9.78  ? 3   ARG B NH2 1 
ATOM   978  N N   . LEU B 2 4   ? 7.425   -12.726 6.066   1.00 8.48  ? 4   LEU B N   1 
ATOM   979  C CA  . LEU B 2 4   ? 6.778   -11.657 5.289   1.00 7.84  ? 4   LEU B CA  1 
ATOM   980  C C   . LEU B 2 4   ? 7.511   -10.358 5.589   1.00 6.86  ? 4   LEU B C   1 
ATOM   981  O O   . LEU B 2 4   ? 7.651   -9.537  4.718   1.00 7.15  ? 4   LEU B O   1 
ATOM   982  C CB  . LEU B 2 4   ? 5.278   -11.571 5.599   1.00 7.86  ? 4   LEU B CB  1 
ATOM   983  C CG  . LEU B 2 4   ? 4.478   -12.623 4.852   1.00 7.86  ? 4   LEU B CG  1 
ATOM   984  C CD1 . LEU B 2 4   ? 3.132   -12.879 5.487   1.00 8.10  ? 4   LEU B CD1 1 
ATOM   985  C CD2 . LEU B 2 4   ? 4.302   -12.241 3.376   1.00 8.15  ? 4   LEU B CD2 1 
ATOM   986  N N   . GLU B 2 5   ? 7.829   -10.071 6.847   1.00 7.15  ? 5   GLU B N   1 
ATOM   987  C CA  . GLU B 2 5   ? 8.427   -8.778  7.152   1.00 7.49  ? 5   GLU B CA  1 
ATOM   988  C C   . GLU B 2 5   ? 9.822   -8.628  6.525   1.00 7.24  ? 5   GLU B C   1 
ATOM   989  O O   . GLU B 2 5   ? 10.136  -7.487  6.105   1.00 7.30  ? 5   GLU B O   1 
ATOM   990  C CB  . GLU B 2 5   ? 8.460   -8.618  8.663   1.00 7.81  ? 5   GLU B CB  1 
ATOM   991  C CG  . GLU B 2 5   ? 7.083   -8.333  9.247   1.00 8.33  ? 5   GLU B CG  1 
ATOM   992  C CD  . GLU B 2 5   ? 7.062   -8.330  10.766  1.00 10.27 ? 5   GLU B CD  1 
ATOM   993  O OE1 . GLU B 2 5   ? 7.983   -8.916  11.395  1.00 12.06 ? 5   GLU B OE1 1 
ATOM   994  O OE2 . GLU B 2 5   ? 6.040   -7.844  11.336  1.00 10.74 ? 5   GLU B OE2 1 
ATOM   995  N N   . GLU B 2 6   ? 10.578  -9.715  6.404   1.00 7.76  ? 6   GLU B N   1 
ATOM   996  C CA  . GLU B 2 6   ? 11.895  -9.653  5.712   1.00 8.38  ? 6   GLU B CA  1 
ATOM   997  C C   . GLU B 2 6   ? 11.675  -9.387  4.220   1.00 7.81  ? 6   GLU B C   1 
ATOM   998  O O   . GLU B 2 6   ? 12.400  -8.613  3.661   1.00 8.68  ? 6   GLU B O   1 
ATOM   999  C CB  . GLU B 2 6   ? 12.632  -10.951 5.973   1.00 9.14  ? 6   GLU B CB  1 
ATOM   1000 C CG  . GLU B 2 6   ? 13.056  -11.012 7.433   1.00 9.97  ? 6   GLU B CG  1 
ATOM   1001 C CD  . GLU B 2 6   ? 13.683  -12.323 7.799   1.00 12.07 ? 6   GLU B CD  1 
ATOM   1002 O OE1 . GLU B 2 6   ? 13.315  -13.342 7.152   1.00 14.17 ? 6   GLU B OE1 1 
ATOM   1003 O OE2 . GLU B 2 6   ? 14.542  -12.332 8.732   1.00 11.77 ? 6   GLU B OE2 1 
ATOM   1004 N N   . GLU B 2 7   ? 10.633  -9.970  3.633   1.00 8.18  ? 7   GLU B N   1 
ATOM   1005 C CA  . GLU B 2 7   ? 10.311  -9.756  2.196   1.00 8.01  ? 7   GLU B CA  1 
ATOM   1006 C C   . GLU B 2 7   ? 9.795   -8.322  1.997   1.00 7.44  ? 7   GLU B C   1 
ATOM   1007 O O   . GLU B 2 7   ? 10.186  -7.642  1.071   1.00 8.05  ? 7   GLU B O   1 
ATOM   1008 C CB  . GLU B 2 7   ? 9.328   -10.825 1.743   1.00 8.52  ? 7   GLU B CB  1 
ATOM   1009 C CG  . GLU B 2 7   ? 8.865   -10.690 0.300   1.00 9.58  ? 7   GLU B CG  1 
ATOM   1010 C CD  . GLU B 2 7   ? 9.936   -10.799 -0.764  1.00 11.13 ? 7   GLU B CD  1 
ATOM   1011 O OE1 . GLU B 2 7   ? 11.076  -11.198 -0.454  1.00 10.50 ? 7   GLU B OE1 1 
ATOM   1012 O OE2 . GLU B 2 7   ? 9.635   -10.355 -1.925  1.00 12.31 ? 7   GLU B OE2 1 
ATOM   1013 N N   . LEU B 2 8   ? 8.955   -7.811  2.900   1.00 6.97  ? 8   LEU B N   1 
ATOM   1014 C CA  . LEU B 2 8   ? 8.490   -6.411  2.845   1.00 7.16  ? 8   LEU B CA  1 
ATOM   1015 C C   . LEU B 2 8   ? 9.688   -5.440  2.909   1.00 7.36  ? 8   LEU B C   1 
ATOM   1016 O O   . LEU B 2 8   ? 9.716   -4.430  2.171   1.00 8.05  ? 8   LEU B O   1 
ATOM   1017 C CB  . LEU B 2 8   ? 7.538   -6.141  4.026   1.00 7.51  ? 8   LEU B CB  1 
ATOM   1018 C CG  . LEU B 2 8   ? 6.153   -6.770  3.935   1.00 7.93  ? 8   LEU B CG  1 
ATOM   1019 C CD1 . LEU B 2 8   ? 5.334   -6.457  5.180   1.00 7.31  ? 8   LEU B CD1 1 
ATOM   1020 C CD2 . LEU B 2 8   ? 5.431   -6.279  2.696   1.00 7.93  ? 8   LEU B CD2 1 
ATOM   1021 N N   . ARG B 2 9   ? 10.663  -5.675  3.815   1.00 7.45  ? 9   ARG B N   1 
ATOM   1022 C CA  . ARG B 2 9   ? 11.840  -4.785  3.914   1.00 8.89  ? 9   ARG B CA  1 
ATOM   1023 C C   . ARG B 2 9   ? 12.579  -4.715  2.565   1.00 8.84  ? 9   ARG B C   1 
ATOM   1024 O O   . ARG B 2 9   ? 13.037  -3.607  2.204   1.00 10.70 ? 9   ARG B O   1 
ATOM   1025 C CB  . ARG B 2 9   ? 12.760  -5.233  5.041   1.00 9.71  ? 9   ARG B CB  1 
ATOM   1026 C CG  . ARG B 2 9   ? 13.878  -4.230  5.314   1.00 10.35 ? 9   ARG B CG  1 
ATOM   1027 C CD  . ARG B 2 9   ? 15.256  -4.861  5.239   1.00 12.24 ? 9   ARG B CD  1 
ATOM   1028 N NE  . ARG B 2 9   ? 15.696  -5.137  3.871   1.00 12.42 ? 9   ARG B NE  1 
ATOM   1029 C CZ  . ARG B 2 9   ? 16.440  -4.340  3.099   1.00 13.33 ? 9   ARG B CZ  1 
ATOM   1030 N NH1 . ARG B 2 9   ? 16.783  -4.741  1.869   1.00 15.26 ? 9   ARG B NH1 1 
ATOM   1031 N NH2 . ARG B 2 9   ? 16.851  -3.159  3.539   1.00 14.04 ? 9   ARG B NH2 1 
ATOM   1032 N N   . ARG B 2 10  ? 12.734  -5.847  1.901   1.00 9.25  ? 10  ARG B N   1 
ATOM   1033 C CA  . ARG B 2 10  ? 13.410  -5.920  0.590   1.00 9.93  ? 10  ARG B CA  1 
ATOM   1034 C C   . ARG B 2 10  ? 12.646  -5.043  -0.395  1.00 9.13  ? 10  ARG B C   1 
ATOM   1035 O O   . ARG B 2 10  ? 13.245  -4.181  -1.050  1.00 9.62  ? 10  ARG B O   1 
ATOM   1036 C CB  . ARG B 2 10  ? 13.450  -7.372  0.116   1.00 11.91 ? 10  ARG B CB  1 
ATOM   1037 C CG  . ARG B 2 10  ? 14.303  -7.593  -1.128  1.00 14.09 ? 10  ARG B CG  1 
ATOM   1038 C CD  . ARG B 2 10  ? 14.176  -8.997  -1.690  1.00 16.74 ? 10  ARG B CD  1 
ATOM   1039 N NE  . ARG B 2 10  ? 12.857  -9.308  -2.238  1.00 19.09 ? 10  ARG B NE  1 
ATOM   1040 C CZ  . ARG B 2 10  ? 12.366  -8.871  -3.412  1.00 22.22 ? 10  ARG B CZ  1 
ATOM   1041 N NH1 . ARG B 2 10  ? 13.088  -8.083  -4.189  1.00 24.96 ? 10  ARG B NH1 1 
ATOM   1042 N NH2 . ARG B 2 10  ? 11.150  -9.211  -3.818  1.00 20.93 ? 10  ARG B NH2 1 
ATOM   1043 N N   . ARG B 2 11  ? 11.324  -5.242  -0.484  1.00 8.22  ? 11  ARG B N   1 
ATOM   1044 C CA  . ARG B 2 11  ? 10.503  -4.481  -1.445  1.00 8.01  ? 11  ARG B CA  1 
ATOM   1045 C C   . ARG B 2 11  ? 10.510  -2.976  -1.161  1.00 8.34  ? 11  ARG B C   1 
ATOM   1046 O O   . ARG B 2 11  ? 10.404  -2.164  -2.131  1.00 9.36  ? 11  ARG B O   1 
ATOM   1047 C CB  . ARG B 2 11  ? 9.094   -5.058  -1.454  1.00 7.59  ? 11  ARG B CB  1 
ATOM   1048 C CG  . ARG B 2 11  ? 9.033   -6.478  -2.012  1.00 7.50  ? 11  ARG B CG  1 
ATOM   1049 C CD  . ARG B 2 11  ? 7.688   -7.126  -1.873  1.00 7.56  ? 11  ARG B CD  1 
ATOM   1050 N NE  . ARG B 2 11  ? 7.684   -8.474  -2.434  1.00 7.47  ? 11  ARG B NE  1 
ATOM   1051 C CZ  . ARG B 2 11  ? 6.779   -9.022  -3.251  1.00 7.07  ? 11  ARG B CZ  1 
ATOM   1052 N NH1 . ARG B 2 11  ? 5.729   -8.350  -3.693  1.00 6.85  ? 11  ARG B NH1 1 
ATOM   1053 N NH2 . ARG B 2 11  ? 6.921   -10.294 -3.568  1.00 7.10  ? 11  ARG B NH2 1 
ATOM   1054 N N   . LEU B 2 12  ? 10.498  -2.561  0.114   1.00 8.34  ? 12  LEU B N   1 
ATOM   1055 C CA  . LEU B 2 12  ? 10.423  -1.139  0.508   1.00 8.74  ? 12  LEU B CA  1 
ATOM   1056 C C   . LEU B 2 12  ? 11.761  -0.430  0.288   1.00 8.81  ? 12  LEU B C   1 
ATOM   1057 O O   . LEU B 2 12  ? 11.732  0.823   0.297   1.00 10.29 ? 12  LEU B O   1 
ATOM   1058 C CB  . LEU B 2 12  ? 10.022  -1.025  1.976   1.00 8.43  ? 12  LEU B CB  1 
ATOM   1059 C CG  . LEU B 2 12  ? 8.584   -1.459  2.271   1.00 7.87  ? 12  LEU B CG  1 
ATOM   1060 C CD1 . LEU B 2 12  ? 8.384   -1.728  3.737   1.00 7.49  ? 12  LEU B CD1 1 
ATOM   1061 C CD2 . LEU B 2 12  ? 7.618   -0.410  1.762   1.00 8.35  ? 12  LEU B CD2 1 
ATOM   1062 N N   . THR B 2 13  ? 12.837  -1.151  -0.017  1.00 10.15 ? 13  THR B N   1 
ATOM   1063 C CA  . THR B 2 13  ? 14.147  -0.504  -0.322  1.00 12.11 ? 13  THR B CA  1 
ATOM   1064 C C   . THR B 2 13  ? 14.529  -0.633  -1.789  1.00 13.79 ? 13  THR B C   1 
ATOM   1065 O O   . THR B 2 13  ? 15.525  0.036   -2.174  1.00 14.74 ? 13  THR B O   1 
ATOM   1066 C CB  . THR B 2 13  ? 15.221  -1.079  0.599   1.00 15.29 ? 13  THR B CB  1 
ATOM   1067 O OG1 . THR B 2 13  ? 15.422  -2.444  0.274   1.00 21.35 ? 13  THR B OG1 1 
ATOM   1068 C CG2 . THR B 2 13  ? 14.836  -1.001  2.047   1.00 16.91 ? 13  THR B CG2 1 
ATOM   1069 N N   . GLU B 2 14  ? 13.765  -1.402  -2.575  1.00 13.23 ? 14  GLU B N   1 
ATOM   1070 C CA  . GLU B 2 14  ? 13.976  -1.542  -4.039  1.00 15.35 ? 14  GLU B CA  1 
ATOM   1071 C C   . GLU B 2 14  ? 13.765  -0.145  -4.612  1.00 15.78 ? 14  GLU B C   1 
ATOM   1072 O O   . GLU B 2 14  ? 12.813  0.624   -4.452  1.00 14.68 ? 14  GLU B O   1 
ATOM   1073 C CB  . GLU B 2 14  ? 13.000  -2.543  -4.672  1.00 20.77 ? 14  GLU B CB  1 
ATOM   1074 C CG  . GLU B 2 14  ? 13.558  -3.402  -5.802  1.00 28.23 ? 14  GLU B CG  1 
ATOM   1075 C CD  . GLU B 2 14  ? 14.646  -2.832  -6.709  1.00 37.63 ? 14  GLU B CD  1 
ATOM   1076 O OE1 . GLU B 2 14  ? 14.323  -2.306  -7.831  1.00 47.96 ? 14  GLU B OE1 1 
ATOM   1077 O OE2 . GLU B 2 14  ? 15.831  -2.952  -6.326  1.00 43.64 ? 14  GLU B OE2 1 
HETATM 1078 O O   . LPD B 2 15  ? 13.369  0.692   -7.802  1.00 19.32 ? 15  LPD B O   1 
HETATM 1079 C C   . LPD B 2 15  ? 13.550  1.720   -7.120  1.00 17.18 ? 15  LPD B C   1 
HETATM 1080 N N2  . LPD B 2 15  ? 12.841  2.803   -7.294  1.00 22.19 ? 15  LPD B N2  1 
HETATM 1081 C CA  . LPD B 2 15  ? 14.600  1.834   -6.010  1.00 17.26 ? 15  LPD B CA  1 
HETATM 1082 N N   . LPD B 2 15  ? 14.910  0.509   -5.529  1.00 14.80 ? 15  LPD B N   1 
HETATM 1083 C CD  . LPD B 2 15  ? 16.323  0.179   -5.357  1.00 15.34 ? 15  LPD B CD  1 
HETATM 1084 C CG  . LPD B 2 15  ? 17.009  1.490   -5.705  1.00 15.90 ? 15  LPD B CG  1 
HETATM 1085 C CB  . LPD B 2 15  ? 15.989  2.283   -6.509  1.00 16.44 ? 15  LPD B CB  1 
HETATM 1086 S S   . SO4 C 3 .   ? 11.710  6.719   -4.179  1.00 33.38 ? 201 SO4 A S   1 
HETATM 1087 O O1  . SO4 C 3 .   ? 10.423  6.893   -3.559  1.00 37.25 ? 201 SO4 A O1  1 
HETATM 1088 O O2  . SO4 C 3 .   ? 12.664  6.130   -3.255  1.00 30.55 ? 201 SO4 A O2  1 
HETATM 1089 O O3  . SO4 C 3 .   ? 12.169  8.006   -4.612  1.00 40.28 ? 201 SO4 A O3  1 
HETATM 1090 O O4  . SO4 C 3 .   ? 11.539  5.844   -5.311  1.00 39.55 ? 201 SO4 A O4  1 
HETATM 1091 S S   . SO4 D 3 .   ? -16.189 -11.087 0.977   1.00 36.15 ? 202 SO4 A S   1 
HETATM 1092 O O1  . SO4 D 3 .   ? -15.243 -12.137 1.308   1.00 37.57 ? 202 SO4 A O1  1 
HETATM 1093 O O2  . SO4 D 3 .   ? -17.441 -11.363 1.633   1.00 40.50 ? 202 SO4 A O2  1 
HETATM 1094 O O3  . SO4 D 3 .   ? -16.363 -11.090 -0.472  1.00 34.91 ? 202 SO4 A O3  1 
HETATM 1095 O O4  . SO4 D 3 .   ? -15.700 -9.798  1.436   1.00 33.37 ? 202 SO4 A O4  1 
HETATM 1096 O O   . HOH E 4 .   ? 0.546   10.657  7.650   1.00 17.48 ? 301 HOH A O   1 
HETATM 1097 O O   . HOH E 4 .   ? -7.306  -9.923  -7.410  1.00 21.05 ? 302 HOH A O   1 
HETATM 1098 O O   . HOH E 4 .   ? 7.180   -6.253  -6.177  1.00 19.60 ? 303 HOH A O   1 
HETATM 1099 O O   . HOH E 4 .   ? 4.007   -14.333 11.309  1.00 15.10 ? 304 HOH A O   1 
HETATM 1100 O O   . HOH E 4 .   ? 6.055   11.810  -10.216 1.00 20.10 ? 305 HOH A O   1 
HETATM 1101 O O   . HOH E 4 .   ? 4.089   -17.271 -6.271  1.00 12.49 ? 306 HOH A O   1 
HETATM 1102 O O   . HOH E 4 .   ? -13.313 -1.535  -10.203 1.00 14.40 ? 307 HOH A O   1 
HETATM 1103 O O   . HOH E 4 .   ? -9.429  10.933  -0.048  1.00 15.48 ? 308 HOH A O   1 
HETATM 1104 O O   . HOH E 4 .   ? -14.970 -6.854  1.788   1.00 20.30 ? 309 HOH A O   1 
HETATM 1105 O O   . HOH E 4 .   ? -12.235 1.495   0.899   1.00 19.49 ? 310 HOH A O   1 
HETATM 1106 O O   . HOH E 4 .   ? 1.501   26.395  -10.475 1.00 10.20 ? 311 HOH A O   1 
HETATM 1107 O O   . HOH E 4 .   ? -12.122 -8.458  15.627  1.00 21.39 ? 312 HOH A O   1 
HETATM 1108 O O   . HOH E 4 .   ? 8.636   -21.095 3.394   1.00 18.46 ? 313 HOH A O   1 
HETATM 1109 O O   . HOH E 4 .   ? -0.683  -11.451 -9.453  1.00 16.41 ? 314 HOH A O   1 
HETATM 1110 O O   . HOH E 4 .   ? 0.083   8.411   -14.521 1.00 15.31 ? 315 HOH A O   1 
HETATM 1111 O O   . HOH E 4 .   ? -12.832 -5.782  -3.089  1.00 18.53 ? 316 HOH A O   1 
HETATM 1112 O O   . HOH E 4 .   ? 5.445   7.131   8.500   1.00 13.58 ? 317 HOH A O   1 
HETATM 1113 O O   . HOH E 4 .   ? 3.487   8.096   10.019  1.00 14.21 ? 318 HOH A O   1 
HETATM 1114 O O   . HOH E 4 .   ? 0.429   2.223   -13.443 1.00 18.84 ? 319 HOH A O   1 
HETATM 1115 O O   . HOH E 4 .   ? 1.595   -15.991 7.186   1.00 10.92 ? 320 HOH A O   1 
HETATM 1116 O O   . HOH E 4 .   ? -8.127  -9.713  8.060   1.00 11.31 ? 321 HOH A O   1 
HETATM 1117 O O   . HOH E 4 .   ? -12.553 0.915   -1.461  1.00 18.07 ? 322 HOH A O   1 
HETATM 1118 O O   . HOH E 4 .   ? 8.472   11.209  -3.219  1.00 27.28 ? 323 HOH A O   1 
HETATM 1119 O O   . HOH E 4 .   ? -8.055  -7.342  -7.173  1.00 14.23 ? 324 HOH A O   1 
HETATM 1120 O O   . HOH E 4 .   ? -0.403  17.849  4.666   1.00 15.67 ? 325 HOH A O   1 
HETATM 1121 O O   . HOH E 4 .   ? -2.203  -12.120 12.088  1.00 21.99 ? 326 HOH A O   1 
HETATM 1122 O O   . HOH E 4 .   ? -3.894  -17.221 4.598   1.00 14.99 ? 327 HOH A O   1 
HETATM 1123 O O   . HOH E 4 .   ? -0.319  1.458   11.425  1.00 9.74  ? 328 HOH A O   1 
HETATM 1124 O O   . HOH E 4 .   ? 6.349   -8.841  -7.185  1.00 19.75 ? 329 HOH A O   1 
HETATM 1125 O O   . HOH E 4 .   ? -16.151 -5.399  -0.326  1.00 28.67 ? 330 HOH A O   1 
HETATM 1126 O O   . HOH E 4 .   ? 6.219   -20.010 4.807   1.00 21.30 ? 331 HOH A O   1 
HETATM 1127 O O   . HOH E 4 .   ? 4.321   -16.407 6.676   1.00 11.39 ? 332 HOH A O   1 
HETATM 1128 O O   . HOH E 4 .   ? -14.946 -8.316  7.444   1.00 13.84 ? 333 HOH A O   1 
HETATM 1129 O O   . HOH E 4 .   ? -5.349  13.172  -10.812 1.00 24.98 ? 334 HOH A O   1 
HETATM 1130 O O   . HOH E 4 .   ? -12.822 3.980   -6.363  1.00 13.61 ? 335 HOH A O   1 
HETATM 1131 O O   . HOH E 4 .   ? -11.106 -4.476  -8.090  1.00 18.72 ? 336 HOH A O   1 
HETATM 1132 O O   . HOH E 4 .   ? 3.382   4.009   11.444  1.00 9.43  ? 337 HOH A O   1 
HETATM 1133 O O   . HOH E 4 .   ? -8.169  11.538  6.361   1.00 20.20 ? 338 HOH A O   1 
HETATM 1134 O O   . HOH E 4 .   ? -10.391 -19.259 5.569   1.00 21.86 ? 339 HOH A O   1 
HETATM 1135 O O   . HOH E 4 .   ? 12.515  5.608   -17.672 1.00 23.93 ? 340 HOH A O   1 
HETATM 1136 O O   . HOH E 4 .   ? 0.424   -15.215 3.673   1.00 7.70  ? 341 HOH A O   1 
HETATM 1137 O O   . HOH E 4 .   ? -0.811  -19.056 1.881   1.00 18.71 ? 342 HOH A O   1 
HETATM 1138 O O   . HOH E 4 .   ? -1.229  -9.394  13.945  1.00 26.45 ? 343 HOH A O   1 
HETATM 1139 O O   . HOH E 4 .   ? 8.427   5.742   -5.882  1.00 26.18 ? 344 HOH A O   1 
HETATM 1140 O O   . HOH E 4 .   ? 7.254   10.233  -15.450 1.00 21.43 ? 345 HOH A O   1 
HETATM 1141 O O   . HOH E 4 .   ? -4.040  -12.691 -8.251  1.00 18.15 ? 346 HOH A O   1 
HETATM 1142 O O   . HOH E 4 .   ? 6.372   -8.093  16.075  1.00 28.16 ? 347 HOH A O   1 
HETATM 1143 O O   . HOH E 4 .   ? -3.908  5.464   7.088   1.00 10.82 ? 348 HOH A O   1 
HETATM 1144 O O   . HOH E 4 .   ? 5.491   -11.936 -5.571  1.00 17.84 ? 349 HOH A O   1 
HETATM 1145 O O   . HOH E 4 .   ? 1.920   -19.817 4.261   1.00 16.77 ? 350 HOH A O   1 
HETATM 1146 O O   . HOH E 4 .   ? -5.053  -17.861 9.486   1.00 17.01 ? 351 HOH A O   1 
HETATM 1147 O O   . HOH E 4 .   ? -14.640 -0.612  -1.541  1.00 18.66 ? 352 HOH A O   1 
HETATM 1148 O O   . HOH E 4 .   ? 3.181   -8.915  -9.487  1.00 15.13 ? 353 HOH A O   1 
HETATM 1149 O O   . HOH E 4 .   ? -3.283  -0.503  11.702  1.00 21.08 ? 354 HOH A O   1 
HETATM 1150 O O   . HOH E 4 .   ? 5.733   -14.280 7.849   1.00 10.88 ? 355 HOH A O   1 
HETATM 1151 O O   . HOH E 4 .   ? -2.938  -18.173 -7.926  1.00 16.57 ? 356 HOH A O   1 
HETATM 1152 O O   . HOH E 4 .   ? 3.175   -0.355  13.443  1.00 16.02 ? 357 HOH A O   1 
HETATM 1153 O O   . HOH E 4 .   ? -6.397  -7.745  7.173   1.00 8.84  ? 358 HOH A O   1 
HETATM 1154 O O   . HOH E 4 .   ? -3.927  14.780  7.740   1.00 29.55 ? 359 HOH A O   1 
HETATM 1155 O O   . HOH E 4 .   ? 5.534   25.168  -8.960  1.00 15.89 ? 360 HOH A O   1 
HETATM 1156 O O   . HOH E 4 .   ? 3.593   21.673  -9.229  1.00 14.87 ? 361 HOH A O   1 
HETATM 1157 O O   . HOH E 4 .   ? 3.880   19.132  -10.087 1.00 16.82 ? 362 HOH A O   1 
HETATM 1158 O O   . HOH E 4 .   ? -15.405 -10.666 6.468   1.00 21.39 ? 363 HOH A O   1 
HETATM 1159 O O   . HOH E 4 .   ? 1.945   4.382   -13.976 1.00 19.24 ? 364 HOH A O   1 
HETATM 1160 O O   . HOH E 4 .   ? 1.393   -5.947  0.958   1.00 10.05 ? 365 HOH A O   1 
HETATM 1161 O O   . HOH E 4 .   ? 8.097   -15.134 -5.003  1.00 13.52 ? 366 HOH A O   1 
HETATM 1162 O O   . HOH E 4 .   ? -9.997  5.308   -6.540  1.00 20.52 ? 367 HOH A O   1 
HETATM 1163 O O   . HOH E 4 .   ? -8.099  -19.433 7.076   1.00 20.80 ? 368 HOH A O   1 
HETATM 1164 O O   . HOH E 4 .   ? 4.553   15.472  -10.794 1.00 17.07 ? 369 HOH A O   1 
HETATM 1165 O O   . HOH E 4 .   ? -7.401  6.933   -11.163 1.00 14.33 ? 370 HOH A O   1 
HETATM 1166 O O   . HOH E 4 .   ? 13.356  5.770   -0.196  1.00 17.05 ? 371 HOH A O   1 
HETATM 1167 O O   . HOH E 4 .   ? -7.485  0.853   7.249   1.00 18.87 ? 372 HOH A O   1 
HETATM 1168 O O   . HOH E 4 .   ? -12.429 -15.913 9.064   1.00 19.74 ? 373 HOH A O   1 
HETATM 1169 O O   . HOH E 4 .   ? 9.620   1.627   8.312   1.00 19.32 ? 374 HOH A O   1 
HETATM 1170 O O   . HOH E 4 .   ? -4.692  -9.636  -8.195  1.00 13.26 ? 375 HOH A O   1 
HETATM 1171 O O   . HOH E 4 .   ? -11.174 1.724   -9.667  1.00 13.52 ? 376 HOH A O   1 
HETATM 1172 O O   . HOH E 4 .   ? -6.580  13.823  3.899   1.00 22.34 ? 377 HOH A O   1 
HETATM 1173 O O   . HOH E 4 .   ? -1.850  -2.910  12.708  1.00 18.67 ? 378 HOH A O   1 
HETATM 1174 O O   . HOH E 4 .   ? -4.614  20.194  -1.491  1.00 21.87 ? 379 HOH A O   1 
HETATM 1175 O O   . HOH E 4 .   ? -4.786  19.375  2.602   1.00 30.47 ? 380 HOH A O   1 
HETATM 1176 O O   . HOH E 4 .   ? 1.702   9.825   -12.665 1.00 13.22 ? 381 HOH A O   1 
HETATM 1177 O O   . HOH E 4 .   ? -10.346 -17.123 2.000   1.00 17.37 ? 382 HOH A O   1 
HETATM 1178 O O   . HOH E 4 .   ? 5.662   0.784   13.019  0.50 22.81 ? 383 HOH A O   1 
HETATM 1179 O O   . HOH E 4 .   ? -15.219 -4.186  -2.579  1.00 26.91 ? 384 HOH A O   1 
HETATM 1180 O O   . HOH E 4 .   ? -4.164  7.482   8.998   1.00 22.67 ? 385 HOH A O   1 
HETATM 1181 O O   . HOH E 4 .   ? 0.281   -12.819 13.418  1.00 22.45 ? 386 HOH A O   1 
HETATM 1182 O O   . HOH E 4 .   ? -14.772 -13.895 6.981   1.00 26.09 ? 387 HOH A O   1 
HETATM 1183 O O   . HOH E 4 .   ? -2.453  9.511   9.754   1.00 22.86 ? 388 HOH A O   1 
HETATM 1184 O O   . HOH E 4 .   ? 3.046   3.024   -16.145 1.00 25.96 ? 389 HOH A O   1 
HETATM 1185 O O   . HOH E 4 .   ? -1.195  -17.420 3.936   1.00 13.39 ? 390 HOH A O   1 
HETATM 1186 O O   . HOH E 4 .   ? -16.476 -0.248  0.660   1.00 30.73 ? 391 HOH A O   1 
HETATM 1187 O O   . HOH E 4 .   ? -2.263  -7.378  15.098  1.00 19.83 ? 392 HOH A O   1 
HETATM 1188 O O   . HOH E 4 .   ? 11.654  -1.336  6.409   1.00 27.91 ? 393 HOH A O   1 
HETATM 1189 O O   . HOH E 4 .   ? -3.786  -18.790 7.324   1.00 20.19 ? 394 HOH A O   1 
HETATM 1190 O O   . HOH E 4 .   ? -13.362 3.710   -9.115  1.00 21.15 ? 395 HOH A O   1 
HETATM 1191 O O   . HOH E 4 .   ? 5.430   -17.941 8.596   1.00 22.01 ? 396 HOH A O   1 
HETATM 1192 O O   . HOH E 4 .   ? 18.881  2.402   0.018   1.00 22.53 ? 397 HOH A O   1 
HETATM 1193 O O   . HOH E 4 .   ? -3.038  -16.440 11.032  1.00 25.58 ? 398 HOH A O   1 
HETATM 1194 O O   . HOH E 4 .   ? 0.493   -18.382 6.041   1.00 14.32 ? 399 HOH A O   1 
HETATM 1195 O O   . HOH E 4 .   ? 3.698   -21.232 5.751   1.00 23.48 ? 400 HOH A O   1 
HETATM 1196 O O   . HOH E 4 .   ? -9.341  12.600  4.362   1.00 17.73 ? 401 HOH A O   1 
HETATM 1197 O O   . HOH E 4 .   ? 1.605   -16.121 9.876   1.00 24.78 ? 402 HOH A O   1 
HETATM 1198 O O   . HOH E 4 .   ? 0.309   5.788   -15.656 1.00 16.43 ? 403 HOH A O   1 
HETATM 1199 O O   . HOH E 4 .   ? -7.154  -20.267 4.629   1.00 26.38 ? 404 HOH A O   1 
HETATM 1200 O O   . HOH F 4 .   ? 9.086   -2.687  -4.352  1.00 10.36 ? 101 HOH B O   1 
HETATM 1201 O O   . HOH F 4 .   ? 16.451  2.432   -1.483  1.00 17.49 ? 102 HOH B O   1 
HETATM 1202 O O   . HOH F 4 .   ? 12.276  -12.938 1.216   1.00 15.19 ? 103 HOH B O   1 
HETATM 1203 O O   . HOH F 4 .   ? 15.113  -8.034  3.885   1.00 7.34  ? 104 HOH B O   1 
HETATM 1204 O O   . HOH F 4 .   ? 13.326  2.563   1.826   1.00 15.93 ? 105 HOH B O   1 
HETATM 1205 O O   . HOH F 4 .   ? 16.387  -1.649  5.878   1.00 24.46 ? 106 HOH B O   1 
HETATM 1206 O O   . HOH F 4 .   ? 10.064  -17.687 -1.326  1.00 17.28 ? 107 HOH B O   1 
HETATM 1207 O O   . HOH F 4 .   ? 15.932  -4.149  -2.013  1.00 17.92 ? 108 HOH B O   1 
HETATM 1208 O O   . HOH F 4 .   ? 8.062   -16.103 9.672   1.00 16.86 ? 109 HOH B O   1 
HETATM 1209 O O   . HOH F 4 .   ? 11.415  -12.963 -2.783  1.00 16.68 ? 110 HOH B O   1 
HETATM 1210 O O   . HOH F 4 .   ? 9.514   -6.700  12.618  1.00 28.64 ? 111 HOH B O   1 
HETATM 1211 O O   . HOH F 4 .   ? 12.024  -6.663  8.330   1.00 23.84 ? 112 HOH B O   1 
HETATM 1212 O O   . HOH F 4 .   ? 9.057   -12.493 -4.349  1.00 12.31 ? 113 HOH B O   1 
HETATM 1213 O O   . HOH F 4 .   ? 13.512  -12.338 -4.369  1.00 19.35 ? 114 HOH B O   1 
# 
